data_6XVO
# 
_entry.id   6XVO 
# 
_audit_conform.dict_name       mmcif_pdbx.dic 
_audit_conform.dict_version    5.383 
_audit_conform.dict_location   http://mmcif.pdb.org/dictionaries/ascii/mmcif_pdbx.dic 
# 
loop_
_database_2.database_id 
_database_2.database_code 
_database_2.pdbx_database_accession 
_database_2.pdbx_DOI 
PDB   6XVO         pdb_00006xvo 10.2210/pdb6xvo/pdb 
WWPDB D_1292106384 ?            ?                   
# 
loop_
_pdbx_audit_revision_history.ordinal 
_pdbx_audit_revision_history.data_content_type 
_pdbx_audit_revision_history.major_revision 
_pdbx_audit_revision_history.minor_revision 
_pdbx_audit_revision_history.revision_date 
1 'Structure model' 1 0 2020-04-22 
2 'Structure model' 1 1 2020-06-03 
3 'Structure model' 1 2 2024-01-24 
# 
_pdbx_audit_revision_details.ordinal             1 
_pdbx_audit_revision_details.revision_ordinal    1 
_pdbx_audit_revision_details.data_content_type   'Structure model' 
_pdbx_audit_revision_details.provider            repository 
_pdbx_audit_revision_details.type                'Initial release' 
_pdbx_audit_revision_details.description         ? 
_pdbx_audit_revision_details.details             ? 
# 
loop_
_pdbx_audit_revision_group.ordinal 
_pdbx_audit_revision_group.revision_ordinal 
_pdbx_audit_revision_group.data_content_type 
_pdbx_audit_revision_group.group 
1 2 'Structure model' 'Database references'    
2 3 'Structure model' 'Data collection'        
3 3 'Structure model' 'Database references'    
4 3 'Structure model' 'Refinement description' 
# 
loop_
_pdbx_audit_revision_category.ordinal 
_pdbx_audit_revision_category.revision_ordinal 
_pdbx_audit_revision_category.data_content_type 
_pdbx_audit_revision_category.category 
1 2 'Structure model' citation                      
2 3 'Structure model' chem_comp_atom                
3 3 'Structure model' chem_comp_bond                
4 3 'Structure model' database_2                    
5 3 'Structure model' pdbx_initial_refinement_model 
# 
loop_
_pdbx_audit_revision_item.ordinal 
_pdbx_audit_revision_item.revision_ordinal 
_pdbx_audit_revision_item.data_content_type 
_pdbx_audit_revision_item.item 
1 2 'Structure model' '_citation.journal_volume'            
2 2 'Structure model' '_citation.page_first'                
3 2 'Structure model' '_citation.page_last'                 
4 3 'Structure model' '_database_2.pdbx_DOI'                
5 3 'Structure model' '_database_2.pdbx_database_accession' 
# 
_pdbx_database_status.status_code                     REL 
_pdbx_database_status.status_code_sf                  REL 
_pdbx_database_status.status_code_mr                  ? 
_pdbx_database_status.entry_id                        6XVO 
_pdbx_database_status.recvd_initial_deposition_date   2020-01-22 
_pdbx_database_status.SG_entry                        N 
_pdbx_database_status.deposit_site                    PDBE 
_pdbx_database_status.process_site                    PDBE 
_pdbx_database_status.status_code_cs                  ? 
_pdbx_database_status.status_code_nmr_data            ? 
_pdbx_database_status.methods_development_category    ? 
_pdbx_database_status.pdb_format_compatible           Y 
# 
loop_
_audit_author.name 
_audit_author.pdbx_ordinal 
_audit_author.identifier_ORCID 
'Camara-Artigas, A.' 1 0000-0003-2197-726X 
'Plaza-Garrido, M.'  2 ?                   
# 
_citation.abstract                  ? 
_citation.abstract_id_CAS           ? 
_citation.book_id_ISBN              ? 
_citation.book_publisher            ? 
_citation.book_publisher_city       ? 
_citation.book_title                ? 
_citation.coordinate_linkage        ? 
_citation.country                   GW 
_citation.database_id_Medline       ? 
_citation.details                   ? 
_citation.id                        primary 
_citation.journal_abbrev            J.Biol.Inorg.Chem. 
_citation.journal_id_ASTM           JJBCFA 
_citation.journal_id_CSD            ? 
_citation.journal_id_ISSN           1432-1327 
_citation.journal_full              ? 
_citation.journal_issue             ? 
_citation.journal_volume            25 
_citation.language                  ? 
_citation.page_first                621 
_citation.page_last                 634 
_citation.title                     
'The effect of an engineered ATCUN motif on the structure and biophysical properties of the SH3 domain of c-Src tyrosine kinase.' 
_citation.year                      2020 
_citation.database_id_CSD           ? 
_citation.pdbx_database_id_DOI      10.1007/s00775-020-01785-0 
_citation.pdbx_database_id_PubMed   32279137 
_citation.unpublished_flag          ? 
# 
loop_
_citation_author.citation_id 
_citation_author.name 
_citation_author.ordinal 
_citation_author.identifier_ORCID 
primary 'Plaza-Garrido, M.'    1 ? 
primary 'Salinas-Garcia, M.C.' 2 ? 
primary 'Martinez, J.C.'       3 ? 
primary 'Camara-Artigas, A.'   4 ? 
# 
loop_
_entity.id 
_entity.type 
_entity.src_method 
_entity.pdbx_description 
_entity.formula_weight 
_entity.pdbx_number_of_molecules 
_entity.pdbx_ec 
_entity.pdbx_mutation 
_entity.pdbx_fragment 
_entity.details 
1 polymer     man 'Proto-oncogene tyrosine-protein kinase Src' 8852.580 1  2.7.10.2 ? ? ? 
2 non-polymer syn 'TRIETHYLENE GLYCOL'                         150.173  1  ?        ? ? ? 
3 non-polymer syn 'DI(HYDROXYETHYL)ETHER'                      106.120  2  ?        ? ? ? 
4 water       nat water                                        18.015   27 ?        ? ? ? 
# 
_entity_name_com.entity_id   1 
_entity_name_com.name        'Proto-oncogene c-Src,pp60c-src,p60-Src' 
# 
_entity_poly.entity_id                      1 
_entity_poly.type                           'polypeptide(L)' 
_entity_poly.nstd_linkage                   no 
_entity_poly.nstd_monomer                   no 
_entity_poly.pdbx_seq_one_letter_code       MGSSHHHHHHSSGPQQGLRGVTTFVALYDYESRTETDLSFKKGERLQIVNNTEGDWWLAHSLTTGQTGYIPSNYVAPSD 
_entity_poly.pdbx_seq_one_letter_code_can   MGSSHHHHHHSSGPQQGLRGVTTFVALYDYESRTETDLSFKKGERLQIVNNTEGDWWLAHSLTTGQTGYIPSNYVAPSD 
_entity_poly.pdbx_strand_id                 A 
_entity_poly.pdbx_target_identifier         ? 
# 
loop_
_pdbx_entity_nonpoly.entity_id 
_pdbx_entity_nonpoly.name 
_pdbx_entity_nonpoly.comp_id 
2 'TRIETHYLENE GLYCOL'    PGE 
3 'DI(HYDROXYETHYL)ETHER' PEG 
4 water                   HOH 
# 
loop_
_entity_poly_seq.entity_id 
_entity_poly_seq.num 
_entity_poly_seq.mon_id 
_entity_poly_seq.hetero 
1 1  MET n 
1 2  GLY n 
1 3  SER n 
1 4  SER n 
1 5  HIS n 
1 6  HIS n 
1 7  HIS n 
1 8  HIS n 
1 9  HIS n 
1 10 HIS n 
1 11 SER n 
1 12 SER n 
1 13 GLY n 
1 14 PRO n 
1 15 GLN n 
1 16 GLN n 
1 17 GLY n 
1 18 LEU n 
1 19 ARG n 
1 20 GLY n 
1 21 VAL n 
1 22 THR n 
1 23 THR n 
1 24 PHE n 
1 25 VAL n 
1 26 ALA n 
1 27 LEU n 
1 28 TYR n 
1 29 ASP n 
1 30 TYR n 
1 31 GLU n 
1 32 SER n 
1 33 ARG n 
1 34 THR n 
1 35 GLU n 
1 36 THR n 
1 37 ASP n 
1 38 LEU n 
1 39 SER n 
1 40 PHE n 
1 41 LYS n 
1 42 LYS n 
1 43 GLY n 
1 44 GLU n 
1 45 ARG n 
1 46 LEU n 
1 47 GLN n 
1 48 ILE n 
1 49 VAL n 
1 50 ASN n 
1 51 ASN n 
1 52 THR n 
1 53 GLU n 
1 54 GLY n 
1 55 ASP n 
1 56 TRP n 
1 57 TRP n 
1 58 LEU n 
1 59 ALA n 
1 60 HIS n 
1 61 SER n 
1 62 LEU n 
1 63 THR n 
1 64 THR n 
1 65 GLY n 
1 66 GLN n 
1 67 THR n 
1 68 GLY n 
1 69 TYR n 
1 70 ILE n 
1 71 PRO n 
1 72 SER n 
1 73 ASN n 
1 74 TYR n 
1 75 VAL n 
1 76 ALA n 
1 77 PRO n 
1 78 SER n 
1 79 ASP n 
# 
_entity_src_gen.entity_id                          1 
_entity_src_gen.pdbx_src_id                        1 
_entity_src_gen.pdbx_alt_source_flag               sample 
_entity_src_gen.pdbx_seq_type                      'Biological sequence' 
_entity_src_gen.pdbx_beg_seq_num                   1 
_entity_src_gen.pdbx_end_seq_num                   79 
_entity_src_gen.gene_src_common_name               Chicken 
_entity_src_gen.gene_src_genus                     ? 
_entity_src_gen.pdbx_gene_src_gene                 SRC 
_entity_src_gen.gene_src_species                   ? 
_entity_src_gen.gene_src_strain                    ? 
_entity_src_gen.gene_src_tissue                    ? 
_entity_src_gen.gene_src_tissue_fraction           ? 
_entity_src_gen.gene_src_details                   ? 
_entity_src_gen.pdbx_gene_src_fragment             ? 
_entity_src_gen.pdbx_gene_src_scientific_name      'Gallus gallus' 
_entity_src_gen.pdbx_gene_src_ncbi_taxonomy_id     9031 
_entity_src_gen.pdbx_gene_src_variant              ? 
_entity_src_gen.pdbx_gene_src_cell_line            ? 
_entity_src_gen.pdbx_gene_src_atcc                 ? 
_entity_src_gen.pdbx_gene_src_organ                ? 
_entity_src_gen.pdbx_gene_src_organelle            ? 
_entity_src_gen.pdbx_gene_src_cell                 ? 
_entity_src_gen.pdbx_gene_src_cellular_location    ? 
_entity_src_gen.host_org_common_name               ? 
_entity_src_gen.pdbx_host_org_scientific_name      'Escherichia coli BL21(DE3)' 
_entity_src_gen.pdbx_host_org_ncbi_taxonomy_id     469008 
_entity_src_gen.host_org_genus                     ? 
_entity_src_gen.pdbx_host_org_gene                 ? 
_entity_src_gen.pdbx_host_org_organ                ? 
_entity_src_gen.host_org_species                   ? 
_entity_src_gen.pdbx_host_org_tissue               ? 
_entity_src_gen.pdbx_host_org_tissue_fraction      ? 
_entity_src_gen.pdbx_host_org_strain               ? 
_entity_src_gen.pdbx_host_org_variant              ? 
_entity_src_gen.pdbx_host_org_cell_line            ? 
_entity_src_gen.pdbx_host_org_atcc                 ? 
_entity_src_gen.pdbx_host_org_culture_collection   ? 
_entity_src_gen.pdbx_host_org_cell                 ? 
_entity_src_gen.pdbx_host_org_organelle            ? 
_entity_src_gen.pdbx_host_org_cellular_location    ? 
_entity_src_gen.pdbx_host_org_vector_type          plasmid 
_entity_src_gen.pdbx_host_org_vector               ? 
_entity_src_gen.host_org_details                   ? 
_entity_src_gen.expression_system_id               ? 
_entity_src_gen.plasmid_name                       pHTP1 
_entity_src_gen.plasmid_details                    ? 
_entity_src_gen.pdbx_description                   ? 
# 
loop_
_chem_comp.id 
_chem_comp.type 
_chem_comp.mon_nstd_flag 
_chem_comp.name 
_chem_comp.pdbx_synonyms 
_chem_comp.formula 
_chem_comp.formula_weight 
ALA 'L-peptide linking' y ALANINE                 ? 'C3 H7 N O2'     89.093  
ARG 'L-peptide linking' y ARGININE                ? 'C6 H15 N4 O2 1' 175.209 
ASN 'L-peptide linking' y ASPARAGINE              ? 'C4 H8 N2 O3'    132.118 
ASP 'L-peptide linking' y 'ASPARTIC ACID'         ? 'C4 H7 N O4'     133.103 
GLN 'L-peptide linking' y GLUTAMINE               ? 'C5 H10 N2 O3'   146.144 
GLU 'L-peptide linking' y 'GLUTAMIC ACID'         ? 'C5 H9 N O4'     147.129 
GLY 'peptide linking'   y GLYCINE                 ? 'C2 H5 N O2'     75.067  
HIS 'L-peptide linking' y HISTIDINE               ? 'C6 H10 N3 O2 1' 156.162 
HOH non-polymer         . WATER                   ? 'H2 O'           18.015  
ILE 'L-peptide linking' y ISOLEUCINE              ? 'C6 H13 N O2'    131.173 
LEU 'L-peptide linking' y LEUCINE                 ? 'C6 H13 N O2'    131.173 
LYS 'L-peptide linking' y LYSINE                  ? 'C6 H15 N2 O2 1' 147.195 
MET 'L-peptide linking' y METHIONINE              ? 'C5 H11 N O2 S'  149.211 
PEG non-polymer         . 'DI(HYDROXYETHYL)ETHER' ? 'C4 H10 O3'      106.120 
PGE non-polymer         . 'TRIETHYLENE GLYCOL'    ? 'C6 H14 O4'      150.173 
PHE 'L-peptide linking' y PHENYLALANINE           ? 'C9 H11 N O2'    165.189 
PRO 'L-peptide linking' y PROLINE                 ? 'C5 H9 N O2'     115.130 
SER 'L-peptide linking' y SERINE                  ? 'C3 H7 N O3'     105.093 
THR 'L-peptide linking' y THREONINE               ? 'C4 H9 N O3'     119.119 
TRP 'L-peptide linking' y TRYPTOPHAN              ? 'C11 H12 N2 O2'  204.225 
TYR 'L-peptide linking' y TYROSINE                ? 'C9 H11 N O3'    181.189 
VAL 'L-peptide linking' y VALINE                  ? 'C5 H11 N O2'    117.146 
# 
loop_
_pdbx_poly_seq_scheme.asym_id 
_pdbx_poly_seq_scheme.entity_id 
_pdbx_poly_seq_scheme.seq_id 
_pdbx_poly_seq_scheme.mon_id 
_pdbx_poly_seq_scheme.ndb_seq_num 
_pdbx_poly_seq_scheme.pdb_seq_num 
_pdbx_poly_seq_scheme.auth_seq_num 
_pdbx_poly_seq_scheme.pdb_mon_id 
_pdbx_poly_seq_scheme.auth_mon_id 
_pdbx_poly_seq_scheme.pdb_strand_id 
_pdbx_poly_seq_scheme.pdb_ins_code 
_pdbx_poly_seq_scheme.hetero 
A 1 1  MET 1  63  ?   ?   ?   A . n 
A 1 2  GLY 2  64  ?   ?   ?   A . n 
A 1 3  SER 3  65  ?   ?   ?   A . n 
A 1 4  SER 4  66  ?   ?   ?   A . n 
A 1 5  HIS 5  67  ?   ?   ?   A . n 
A 1 6  HIS 6  68  ?   ?   ?   A . n 
A 1 7  HIS 7  69  ?   ?   ?   A . n 
A 1 8  HIS 8  70  ?   ?   ?   A . n 
A 1 9  HIS 9  71  ?   ?   ?   A . n 
A 1 10 HIS 10 72  ?   ?   ?   A . n 
A 1 11 SER 11 73  ?   ?   ?   A . n 
A 1 12 SER 12 74  ?   ?   ?   A . n 
A 1 13 GLY 13 75  ?   ?   ?   A . n 
A 1 14 PRO 14 76  ?   ?   ?   A . n 
A 1 15 GLN 15 77  ?   ?   ?   A . n 
A 1 16 GLN 16 78  ?   ?   ?   A . n 
A 1 17 GLY 17 79  ?   ?   ?   A . n 
A 1 18 LEU 18 80  ?   ?   ?   A . n 
A 1 19 ARG 19 81  ?   ?   ?   A . n 
A 1 20 GLY 20 82  ?   ?   ?   A . n 
A 1 21 VAL 21 83  ?   ?   ?   A . n 
A 1 22 THR 22 84  84  THR THR A . n 
A 1 23 THR 23 85  85  THR THR A . n 
A 1 24 PHE 24 86  86  PHE PHE A . n 
A 1 25 VAL 25 87  87  VAL VAL A . n 
A 1 26 ALA 26 88  88  ALA ALA A . n 
A 1 27 LEU 27 89  89  LEU LEU A . n 
A 1 28 TYR 28 90  90  TYR TYR A . n 
A 1 29 ASP 29 91  91  ASP ASP A . n 
A 1 30 TYR 30 92  92  TYR TYR A . n 
A 1 31 GLU 31 93  93  GLU GLU A . n 
A 1 32 SER 32 94  94  SER SER A . n 
A 1 33 ARG 33 95  95  ARG ARG A . n 
A 1 34 THR 34 96  96  THR THR A . n 
A 1 35 GLU 35 97  97  GLU GLU A . n 
A 1 36 THR 36 98  98  THR THR A . n 
A 1 37 ASP 37 99  99  ASP ASP A . n 
A 1 38 LEU 38 100 100 LEU LEU A . n 
A 1 39 SER 39 101 101 SER SER A . n 
A 1 40 PHE 40 102 102 PHE PHE A . n 
A 1 41 LYS 41 103 103 LYS LYS A . n 
A 1 42 LYS 42 104 104 LYS LYS A . n 
A 1 43 GLY 43 105 105 GLY GLY A . n 
A 1 44 GLU 44 106 106 GLU GLU A . n 
A 1 45 ARG 45 107 107 ARG ARG A . n 
A 1 46 LEU 46 108 108 LEU LEU A . n 
A 1 47 GLN 47 109 109 GLN GLN A . n 
A 1 48 ILE 48 110 110 ILE ILE A . n 
A 1 49 VAL 49 111 111 VAL VAL A . n 
A 1 50 ASN 50 112 112 ASN ASN A . n 
A 1 51 ASN 51 113 113 ASN ASN A . n 
A 1 52 THR 52 114 114 THR THR A . n 
A 1 53 GLU 53 115 115 GLU GLU A . n 
A 1 54 GLY 54 116 116 GLY GLY A . n 
A 1 55 ASP 55 117 117 ASP ASP A . n 
A 1 56 TRP 56 118 118 TRP TRP A . n 
A 1 57 TRP 57 119 119 TRP TRP A . n 
A 1 58 LEU 58 120 120 LEU LEU A . n 
A 1 59 ALA 59 121 121 ALA ALA A . n 
A 1 60 HIS 60 122 122 HIS HIS A . n 
A 1 61 SER 61 123 123 SER SER A . n 
A 1 62 LEU 62 124 124 LEU LEU A . n 
A 1 63 THR 63 125 125 THR THR A . n 
A 1 64 THR 64 126 126 THR THR A . n 
A 1 65 GLY 65 127 127 GLY GLY A . n 
A 1 66 GLN 66 128 128 GLN GLN A . n 
A 1 67 THR 67 129 129 THR THR A . n 
A 1 68 GLY 68 130 130 GLY GLY A . n 
A 1 69 TYR 69 131 131 TYR TYR A . n 
A 1 70 ILE 70 132 132 ILE ILE A . n 
A 1 71 PRO 71 133 133 PRO PRO A . n 
A 1 72 SER 72 134 134 SER SER A . n 
A 1 73 ASN 73 135 135 ASN ASN A . n 
A 1 74 TYR 74 136 136 TYR TYR A . n 
A 1 75 VAL 75 137 137 VAL VAL A . n 
A 1 76 ALA 76 138 138 ALA ALA A . n 
A 1 77 PRO 77 139 139 PRO PRO A . n 
A 1 78 SER 78 140 140 SER SER A . n 
A 1 79 ASP 79 141 ?   ?   ?   A . n 
# 
loop_
_pdbx_nonpoly_scheme.asym_id 
_pdbx_nonpoly_scheme.entity_id 
_pdbx_nonpoly_scheme.mon_id 
_pdbx_nonpoly_scheme.ndb_seq_num 
_pdbx_nonpoly_scheme.pdb_seq_num 
_pdbx_nonpoly_scheme.auth_seq_num 
_pdbx_nonpoly_scheme.pdb_mon_id 
_pdbx_nonpoly_scheme.auth_mon_id 
_pdbx_nonpoly_scheme.pdb_strand_id 
_pdbx_nonpoly_scheme.pdb_ins_code 
B 2 PGE 1  201 1  PGE PGE A . 
C 3 PEG 1  202 1  PEG PEG A . 
D 3 PEG 1  203 2  PEG PEG A . 
E 4 HOH 1  301 25 HOH HOH A . 
E 4 HOH 2  302 6  HOH HOH A . 
E 4 HOH 3  303 1  HOH HOH A . 
E 4 HOH 4  304 9  HOH HOH A . 
E 4 HOH 5  305 19 HOH HOH A . 
E 4 HOH 6  306 13 HOH HOH A . 
E 4 HOH 7  307 7  HOH HOH A . 
E 4 HOH 8  308 24 HOH HOH A . 
E 4 HOH 9  309 2  HOH HOH A . 
E 4 HOH 10 310 3  HOH HOH A . 
E 4 HOH 11 311 18 HOH HOH A . 
E 4 HOH 12 312 15 HOH HOH A . 
E 4 HOH 13 313 26 HOH HOH A . 
E 4 HOH 14 314 21 HOH HOH A . 
E 4 HOH 15 315 14 HOH HOH A . 
E 4 HOH 16 316 5  HOH HOH A . 
E 4 HOH 17 317 4  HOH HOH A . 
E 4 HOH 18 318 8  HOH HOH A . 
E 4 HOH 19 319 22 HOH HOH A . 
E 4 HOH 20 320 23 HOH HOH A . 
E 4 HOH 21 321 10 HOH HOH A . 
E 4 HOH 22 322 16 HOH HOH A . 
E 4 HOH 23 323 27 HOH HOH A . 
E 4 HOH 24 324 17 HOH HOH A . 
E 4 HOH 25 325 11 HOH HOH A . 
E 4 HOH 26 326 20 HOH HOH A . 
E 4 HOH 27 327 12 HOH HOH A . 
# 
loop_
_pdbx_unobs_or_zero_occ_atoms.id 
_pdbx_unobs_or_zero_occ_atoms.PDB_model_num 
_pdbx_unobs_or_zero_occ_atoms.polymer_flag 
_pdbx_unobs_or_zero_occ_atoms.occupancy_flag 
_pdbx_unobs_or_zero_occ_atoms.auth_asym_id 
_pdbx_unobs_or_zero_occ_atoms.auth_comp_id 
_pdbx_unobs_or_zero_occ_atoms.auth_seq_id 
_pdbx_unobs_or_zero_occ_atoms.PDB_ins_code 
_pdbx_unobs_or_zero_occ_atoms.auth_atom_id 
_pdbx_unobs_or_zero_occ_atoms.label_alt_id 
_pdbx_unobs_or_zero_occ_atoms.label_asym_id 
_pdbx_unobs_or_zero_occ_atoms.label_comp_id 
_pdbx_unobs_or_zero_occ_atoms.label_seq_id 
_pdbx_unobs_or_zero_occ_atoms.label_atom_id 
1 1 Y 1 A GLU 97  ? CG  ? A GLU 35 CG  
2 1 Y 1 A GLU 97  ? CD  ? A GLU 35 CD  
3 1 Y 1 A GLU 97  ? OE1 ? A GLU 35 OE1 
4 1 Y 1 A GLU 97  ? OE2 ? A GLU 35 OE2 
5 1 Y 1 A ASN 112 ? CG  ? A ASN 50 CG  
6 1 Y 1 A ASN 112 ? OD1 ? A ASN 50 OD1 
7 1 Y 1 A ASN 112 ? ND2 ? A ASN 50 ND2 
# 
loop_
_software.citation_id 
_software.classification 
_software.compiler_name 
_software.compiler_version 
_software.contact_author 
_software.contact_author_email 
_software.date 
_software.description 
_software.dependencies 
_software.hardware 
_software.language 
_software.location 
_software.mods 
_software.name 
_software.os 
_software.os_version 
_software.type 
_software.version 
_software.pdbx_ordinal 
? 'data reduction'  ? ? ? ? ? ? ? ? ? ? ? XDS         ? ? ? .      1 
? 'data scaling'    ? ? ? ? ? ? ? ? ? ? ? Aimless     ? ? ? 0.6.3  2 
? phasing           ? ? ? ? ? ? ? ? ? ? ? PHASER      ? ? ? .      3 
? refinement        ? ? ? ? ? ? ? ? ? ? ? PHENIX      ? ? ? 1.17.1 4 
? 'data extraction' ? ? ? ? ? ? ? ? ? ? ? PDB_EXTRACT ? ? ? 3.25   5 
# 
_cell.angle_alpha                  90.000 
_cell.angle_alpha_esd              ? 
_cell.angle_beta                   90.000 
_cell.angle_beta_esd               ? 
_cell.angle_gamma                  120.000 
_cell.angle_gamma_esd              ? 
_cell.entry_id                     6XVO 
_cell.details                      ? 
_cell.formula_units_Z              ? 
_cell.length_a                     47.007 
_cell.length_a_esd                 ? 
_cell.length_b                     47.007 
_cell.length_b_esd                 ? 
_cell.length_c                     126.190 
_cell.length_c_esd                 ? 
_cell.volume                       ? 
_cell.volume_esd                   ? 
_cell.Z_PDB                        12 
_cell.reciprocal_angle_alpha       ? 
_cell.reciprocal_angle_beta        ? 
_cell.reciprocal_angle_gamma       ? 
_cell.reciprocal_angle_alpha_esd   ? 
_cell.reciprocal_angle_beta_esd    ? 
_cell.reciprocal_angle_gamma_esd   ? 
_cell.reciprocal_length_a          ? 
_cell.reciprocal_length_b          ? 
_cell.reciprocal_length_c          ? 
_cell.reciprocal_length_a_esd      ? 
_cell.reciprocal_length_b_esd      ? 
_cell.reciprocal_length_c_esd      ? 
_cell.pdbx_unique_axis             ? 
# 
_symmetry.entry_id                         6XVO 
_symmetry.cell_setting                     ? 
_symmetry.Int_Tables_number                179 
_symmetry.space_group_name_Hall            ? 
_symmetry.space_group_name_H-M             'P 65 2 2' 
_symmetry.pdbx_full_space_group_name_H-M   ? 
# 
_exptl.absorpt_coefficient_mu     ? 
_exptl.absorpt_correction_T_max   ? 
_exptl.absorpt_correction_T_min   ? 
_exptl.absorpt_correction_type    ? 
_exptl.absorpt_process_details    ? 
_exptl.entry_id                   6XVO 
_exptl.crystals_number            1 
_exptl.details                    ? 
_exptl.method                     'X-RAY DIFFRACTION' 
_exptl.method_details             ? 
# 
_exptl_crystal.colour                      ? 
_exptl_crystal.density_diffrn              ? 
_exptl_crystal.density_Matthews            2.27 
_exptl_crystal.density_method              ? 
_exptl_crystal.density_percent_sol         45.89 
_exptl_crystal.description                 ? 
_exptl_crystal.F_000                       ? 
_exptl_crystal.id                          1 
_exptl_crystal.preparation                 ? 
_exptl_crystal.size_max                    ? 
_exptl_crystal.size_mid                    ? 
_exptl_crystal.size_min                    ? 
_exptl_crystal.size_rad                    ? 
_exptl_crystal.colour_lustre               ? 
_exptl_crystal.colour_modifier             ? 
_exptl_crystal.colour_primary              ? 
_exptl_crystal.density_meas                ? 
_exptl_crystal.density_meas_esd            ? 
_exptl_crystal.density_meas_gt             ? 
_exptl_crystal.density_meas_lt             ? 
_exptl_crystal.density_meas_temp           ? 
_exptl_crystal.density_meas_temp_esd       ? 
_exptl_crystal.density_meas_temp_gt        ? 
_exptl_crystal.density_meas_temp_lt        ? 
_exptl_crystal.pdbx_crystal_image_url      ? 
_exptl_crystal.pdbx_crystal_image_format   ? 
_exptl_crystal.pdbx_mosaicity              0.190 
_exptl_crystal.pdbx_mosaicity_esd          ? 
# 
_exptl_crystal_grow.apparatus       ? 
_exptl_crystal_grow.atmosphere      ? 
_exptl_crystal_grow.crystal_id      1 
_exptl_crystal_grow.details         ? 
_exptl_crystal_grow.method          'VAPOR DIFFUSION, SITTING DROP' 
_exptl_crystal_grow.method_ref      ? 
_exptl_crystal_grow.pH              5.0 
_exptl_crystal_grow.pressure        ? 
_exptl_crystal_grow.pressure_esd    ? 
_exptl_crystal_grow.seeding         ? 
_exptl_crystal_grow.seeding_ref     ? 
_exptl_crystal_grow.temp            298 
_exptl_crystal_grow.temp_details    ? 
_exptl_crystal_grow.temp_esd        ? 
_exptl_crystal_grow.time            ? 
_exptl_crystal_grow.pdbx_details    '2.5 ammonium sulfate, 5% PEG 300, 0.1 sodium acetate' 
_exptl_crystal_grow.pdbx_pH_range   ? 
# 
_diffrn.ambient_environment              ? 
_diffrn.ambient_temp                     100 
_diffrn.ambient_temp_details             ? 
_diffrn.ambient_temp_esd                 ? 
_diffrn.crystal_id                       1 
_diffrn.crystal_support                  ? 
_diffrn.crystal_treatment                ? 
_diffrn.details                          ? 
_diffrn.id                               1 
_diffrn.ambient_pressure                 ? 
_diffrn.ambient_pressure_esd             ? 
_diffrn.ambient_pressure_gt              ? 
_diffrn.ambient_pressure_lt              ? 
_diffrn.ambient_temp_gt                  ? 
_diffrn.ambient_temp_lt                  ? 
_diffrn.pdbx_serial_crystal_experiment   N 
# 
_diffrn_detector.details                      ? 
_diffrn_detector.detector                     PIXEL 
_diffrn_detector.diffrn_id                    1 
_diffrn_detector.type                         'DECTRIS PILATUS 6M' 
_diffrn_detector.area_resol_mean              ? 
_diffrn_detector.dtime                        ? 
_diffrn_detector.pdbx_frames_total            ? 
_diffrn_detector.pdbx_collection_time_total   ? 
_diffrn_detector.pdbx_collection_date         2018-05-25 
_diffrn_detector.pdbx_frequency               ? 
# 
_diffrn_radiation.collimation                      ? 
_diffrn_radiation.diffrn_id                        1 
_diffrn_radiation.filter_edge                      ? 
_diffrn_radiation.inhomogeneity                    ? 
_diffrn_radiation.monochromator                    ? 
_diffrn_radiation.polarisn_norm                    ? 
_diffrn_radiation.polarisn_ratio                   ? 
_diffrn_radiation.probe                            ? 
_diffrn_radiation.type                             ? 
_diffrn_radiation.xray_symbol                      ? 
_diffrn_radiation.wavelength_id                    1 
_diffrn_radiation.pdbx_monochromatic_or_laue_m_l   M 
_diffrn_radiation.pdbx_wavelength_list             ? 
_diffrn_radiation.pdbx_wavelength                  ? 
_diffrn_radiation.pdbx_diffrn_protocol             'SINGLE WAVELENGTH' 
_diffrn_radiation.pdbx_analyzer                    ? 
_diffrn_radiation.pdbx_scattering_type             x-ray 
# 
_diffrn_radiation_wavelength.id           1 
_diffrn_radiation_wavelength.wavelength   0.97911 
_diffrn_radiation_wavelength.wt           1.0 
# 
_diffrn_source.current                     ? 
_diffrn_source.details                     ? 
_diffrn_source.diffrn_id                   1 
_diffrn_source.power                       ? 
_diffrn_source.size                        ? 
_diffrn_source.source                      SYNCHROTRON 
_diffrn_source.target                      ? 
_diffrn_source.type                        'ALBA BEAMLINE XALOC' 
_diffrn_source.voltage                     ? 
_diffrn_source.take-off_angle              ? 
_diffrn_source.pdbx_wavelength_list        0.97911 
_diffrn_source.pdbx_wavelength             ? 
_diffrn_source.pdbx_synchrotron_beamline   XALOC 
_diffrn_source.pdbx_synchrotron_site       ALBA 
# 
_reflns.B_iso_Wilson_estimate            ? 
_reflns.entry_id                         6XVO 
_reflns.data_reduction_details           ? 
_reflns.data_reduction_method            ? 
_reflns.d_resolution_high                1.700 
_reflns.d_resolution_low                 19.370 
_reflns.details                          ? 
_reflns.limit_h_max                      ? 
_reflns.limit_h_min                      ? 
_reflns.limit_k_max                      ? 
_reflns.limit_k_min                      ? 
_reflns.limit_l_max                      ? 
_reflns.limit_l_min                      ? 
_reflns.number_all                       ? 
_reflns.number_obs                       16687 
_reflns.observed_criterion               ? 
_reflns.observed_criterion_F_max         ? 
_reflns.observed_criterion_F_min         ? 
_reflns.observed_criterion_I_max         ? 
_reflns.observed_criterion_I_min         ? 
_reflns.observed_criterion_sigma_F       ? 
_reflns.observed_criterion_sigma_I       ? 
_reflns.percent_possible_obs             99.800 
_reflns.R_free_details                   ? 
_reflns.Rmerge_F_all                     ? 
_reflns.Rmerge_F_obs                     ? 
_reflns.Friedel_coverage                 ? 
_reflns.number_gt                        ? 
_reflns.threshold_expression             ? 
_reflns.pdbx_redundancy                  7.400 
_reflns.pdbx_Rmerge_I_obs                0.033 
_reflns.pdbx_Rmerge_I_all                ? 
_reflns.pdbx_Rsym_value                  ? 
_reflns.pdbx_netI_over_av_sigmaI         ? 
_reflns.pdbx_netI_over_sigmaI            26.100 
_reflns.pdbx_res_netI_over_av_sigmaI_2   ? 
_reflns.pdbx_res_netI_over_sigmaI_2      ? 
_reflns.pdbx_chi_squared                 ? 
_reflns.pdbx_scaling_rejects             ? 
_reflns.pdbx_d_res_high_opt              ? 
_reflns.pdbx_d_res_low_opt               ? 
_reflns.pdbx_d_res_opt_method            ? 
_reflns.phase_calculation_details        ? 
_reflns.pdbx_Rrim_I_all                  0.036 
_reflns.pdbx_Rpim_I_all                  0.013 
_reflns.pdbx_d_opt                       ? 
_reflns.pdbx_number_measured_all         ? 
_reflns.pdbx_diffrn_id                   1 
_reflns.pdbx_ordinal                     1 
_reflns.pdbx_CC_half                     0.999 
_reflns.pdbx_CC_star                     ? 
_reflns.pdbx_R_split                     ? 
# 
loop_
_reflns_shell.d_res_high 
_reflns_shell.d_res_low 
_reflns_shell.meanI_over_sigI_all 
_reflns_shell.meanI_over_sigI_obs 
_reflns_shell.number_measured_all 
_reflns_shell.number_measured_obs 
_reflns_shell.number_possible 
_reflns_shell.number_unique_all 
_reflns_shell.number_unique_obs 
_reflns_shell.percent_possible_all 
_reflns_shell.percent_possible_obs 
_reflns_shell.Rmerge_F_all 
_reflns_shell.Rmerge_F_obs 
_reflns_shell.Rmerge_I_all 
_reflns_shell.Rmerge_I_obs 
_reflns_shell.meanI_over_sigI_gt 
_reflns_shell.meanI_over_uI_all 
_reflns_shell.meanI_over_uI_gt 
_reflns_shell.number_measured_gt 
_reflns_shell.number_unique_gt 
_reflns_shell.percent_possible_gt 
_reflns_shell.Rmerge_F_gt 
_reflns_shell.Rmerge_I_gt 
_reflns_shell.pdbx_redundancy 
_reflns_shell.pdbx_Rsym_value 
_reflns_shell.pdbx_chi_squared 
_reflns_shell.pdbx_netI_over_sigmaI_all 
_reflns_shell.pdbx_netI_over_sigmaI_obs 
_reflns_shell.pdbx_Rrim_I_all 
_reflns_shell.pdbx_Rpim_I_all 
_reflns_shell.pdbx_rejects 
_reflns_shell.pdbx_ordinal 
_reflns_shell.pdbx_diffrn_id 
_reflns_shell.pdbx_CC_half 
_reflns_shell.pdbx_CC_star 
_reflns_shell.pdbx_R_split 
1.700 1.730  ? ? 4036 ? ? ? 506 100.000 ? ? ? ? 0.705 ? ? ? ? ? ? ? ? 8.000 ? ? ? 2.600  0.755 0.265 ? 1 1 0.804 ? ? 
9.000 19.370 ? ? 438  ? ? ? 88  90.200  ? ? ? ? 0.030 ? ? ? ? ? ? ? ? 5.000 ? ? ? 55.500 0.034 0.015 ? 2 1 0.999 ? ? 
# 
_refine.aniso_B[1][1]                            ? 
_refine.aniso_B[1][2]                            ? 
_refine.aniso_B[1][3]                            ? 
_refine.aniso_B[2][2]                            ? 
_refine.aniso_B[2][3]                            ? 
_refine.aniso_B[3][3]                            ? 
_refine.B_iso_max                                178.290 
_refine.B_iso_mean                               58.0224 
_refine.B_iso_min                                21.570 
_refine.correlation_coeff_Fo_to_Fc               ? 
_refine.correlation_coeff_Fo_to_Fc_free          ? 
_refine.details                                  ? 
_refine.diff_density_max                         ? 
_refine.diff_density_max_esd                     ? 
_refine.diff_density_min                         ? 
_refine.diff_density_min_esd                     ? 
_refine.diff_density_rms                         ? 
_refine.diff_density_rms_esd                     ? 
_refine.entry_id                                 6XVO 
_refine.pdbx_refine_id                           'X-RAY DIFFRACTION' 
_refine.ls_abs_structure_details                 ? 
_refine.ls_abs_structure_Flack                   ? 
_refine.ls_abs_structure_Flack_esd               ? 
_refine.ls_abs_structure_Rogers                  ? 
_refine.ls_abs_structure_Rogers_esd              ? 
_refine.ls_d_res_high                            1.7000 
_refine.ls_d_res_low                             19.3700 
_refine.ls_extinction_coef                       ? 
_refine.ls_extinction_coef_esd                   ? 
_refine.ls_extinction_expression                 ? 
_refine.ls_extinction_method                     ? 
_refine.ls_goodness_of_fit_all                   ? 
_refine.ls_goodness_of_fit_all_esd               ? 
_refine.ls_goodness_of_fit_obs                   ? 
_refine.ls_goodness_of_fit_obs_esd               ? 
_refine.ls_hydrogen_treatment                    ? 
_refine.ls_matrix_type                           ? 
_refine.ls_number_constraints                    ? 
_refine.ls_number_parameters                     ? 
_refine.ls_number_reflns_all                     ? 
_refine.ls_number_reflns_obs                     16687 
_refine.ls_number_reflns_R_free                  851 
_refine.ls_number_reflns_R_work                  ? 
_refine.ls_number_restraints                     ? 
_refine.ls_percent_reflns_obs                    97.2300 
_refine.ls_percent_reflns_R_free                 5.1000 
_refine.ls_R_factor_all                          ? 
_refine.ls_R_factor_obs                          0.2038 
_refine.ls_R_factor_R_free                       0.2134 
_refine.ls_R_factor_R_free_error                 ? 
_refine.ls_R_factor_R_free_error_details         ? 
_refine.ls_R_factor_R_work                       0.2032 
_refine.ls_R_Fsqd_factor_obs                     ? 
_refine.ls_R_I_factor_obs                        ? 
_refine.ls_redundancy_reflns_all                 ? 
_refine.ls_redundancy_reflns_obs                 ? 
_refine.ls_restrained_S_all                      ? 
_refine.ls_restrained_S_obs                      ? 
_refine.ls_shift_over_esd_max                    ? 
_refine.ls_shift_over_esd_mean                   ? 
_refine.ls_structure_factor_coef                 ? 
_refine.ls_weighting_details                     ? 
_refine.ls_weighting_scheme                      ? 
_refine.ls_wR_factor_all                         ? 
_refine.ls_wR_factor_obs                         ? 
_refine.ls_wR_factor_R_free                      ? 
_refine.ls_wR_factor_R_work                      ? 
_refine.occupancy_max                            ? 
_refine.occupancy_min                            ? 
_refine.solvent_model_details                    ? 
_refine.solvent_model_param_bsol                 ? 
_refine.solvent_model_param_ksol                 ? 
_refine.pdbx_R_complete                          ? 
_refine.ls_R_factor_gt                           ? 
_refine.ls_goodness_of_fit_gt                    ? 
_refine.ls_goodness_of_fit_ref                   ? 
_refine.ls_shift_over_su_max                     ? 
_refine.ls_shift_over_su_max_lt                  ? 
_refine.ls_shift_over_su_mean                    ? 
_refine.ls_shift_over_su_mean_lt                 ? 
_refine.pdbx_ls_sigma_I                          ? 
_refine.pdbx_ls_sigma_F                          1.910 
_refine.pdbx_ls_sigma_Fsqd                       ? 
_refine.pdbx_data_cutoff_high_absF               ? 
_refine.pdbx_data_cutoff_high_rms_absF           ? 
_refine.pdbx_data_cutoff_low_absF                ? 
_refine.pdbx_isotropic_thermal_model             ? 
_refine.pdbx_ls_cross_valid_method               THROUGHOUT 
_refine.pdbx_method_to_determine_struct          'MOLECULAR REPLACEMENT' 
_refine.pdbx_starting_model                      4JZ3 
_refine.pdbx_stereochemistry_target_values       ? 
_refine.pdbx_R_Free_selection_details            ? 
_refine.pdbx_stereochem_target_val_spec_case     ? 
_refine.pdbx_overall_ESU_R                       ? 
_refine.pdbx_overall_ESU_R_Free                  ? 
_refine.pdbx_solvent_vdw_probe_radii             1.1100 
_refine.pdbx_solvent_ion_probe_radii             ? 
_refine.pdbx_solvent_shrinkage_radii             0.9000 
_refine.pdbx_real_space_R                        ? 
_refine.pdbx_density_correlation                 ? 
_refine.pdbx_pd_number_of_powder_patterns        ? 
_refine.pdbx_pd_number_of_points                 ? 
_refine.pdbx_pd_meas_number_of_points            ? 
_refine.pdbx_pd_proc_ls_prof_R_factor            ? 
_refine.pdbx_pd_proc_ls_prof_wR_factor           ? 
_refine.pdbx_pd_Marquardt_correlation_coeff      ? 
_refine.pdbx_pd_Fsqrd_R_factor                   ? 
_refine.pdbx_pd_ls_matrix_band_width             ? 
_refine.pdbx_overall_phase_error                 30.5700 
_refine.pdbx_overall_SU_R_free_Cruickshank_DPI   ? 
_refine.pdbx_overall_SU_R_free_Blow_DPI          ? 
_refine.pdbx_overall_SU_R_Blow_DPI               ? 
_refine.pdbx_TLS_residual_ADP_flag               ? 
_refine.pdbx_diffrn_id                           1 
_refine.overall_SU_B                             ? 
_refine.overall_SU_ML                            0.2400 
_refine.overall_SU_R_Cruickshank_DPI             ? 
_refine.overall_SU_R_free                        ? 
_refine.overall_FOM_free_R_set                   ? 
_refine.overall_FOM_work_R_set                   ? 
_refine.pdbx_average_fsc_overall                 ? 
_refine.pdbx_average_fsc_work                    ? 
_refine.pdbx_average_fsc_free                    ? 
# 
_refine_hist.pdbx_refine_id                   'X-RAY DIFFRACTION' 
_refine_hist.cycle_id                         final 
_refine_hist.details                          ? 
_refine_hist.d_res_high                       1.7000 
_refine_hist.d_res_low                        19.3700 
_refine_hist.number_atoms_solvent             27 
_refine_hist.number_atoms_total               536 
_refine_hist.number_reflns_all                ? 
_refine_hist.number_reflns_obs                ? 
_refine_hist.number_reflns_R_free             ? 
_refine_hist.number_reflns_R_work             ? 
_refine_hist.R_factor_all                     ? 
_refine_hist.R_factor_obs                     ? 
_refine_hist.R_factor_R_free                  ? 
_refine_hist.R_factor_R_work                  ? 
_refine_hist.pdbx_number_residues_total       57 
_refine_hist.pdbx_B_iso_mean_ligand           79.56 
_refine_hist.pdbx_B_iso_mean_solvent          52.61 
_refine_hist.pdbx_number_atoms_protein        451 
_refine_hist.pdbx_number_atoms_nucleic_acid   0 
_refine_hist.pdbx_number_atoms_ligand         58 
_refine_hist.pdbx_number_atoms_lipid          ? 
_refine_hist.pdbx_number_atoms_carb           ? 
_refine_hist.pdbx_pseudo_atom_details         ? 
# 
loop_
_refine_ls_shell.pdbx_refine_id 
_refine_ls_shell.d_res_high 
_refine_ls_shell.d_res_low 
_refine_ls_shell.number_reflns_all 
_refine_ls_shell.number_reflns_obs 
_refine_ls_shell.number_reflns_R_free 
_refine_ls_shell.number_reflns_R_work 
_refine_ls_shell.percent_reflns_obs 
_refine_ls_shell.percent_reflns_R_free 
_refine_ls_shell.R_factor_all 
_refine_ls_shell.R_factor_obs 
_refine_ls_shell.R_factor_R_free 
_refine_ls_shell.R_factor_R_free_error 
_refine_ls_shell.R_factor_R_work 
_refine_ls_shell.redundancy_reflns_all 
_refine_ls_shell.redundancy_reflns_obs 
_refine_ls_shell.wR_factor_all 
_refine_ls_shell.wR_factor_obs 
_refine_ls_shell.wR_factor_R_free 
_refine_ls_shell.wR_factor_R_work 
_refine_ls_shell.pdbx_R_complete 
_refine_ls_shell.pdbx_total_number_of_bins_used 
_refine_ls_shell.pdbx_phase_error 
_refine_ls_shell.pdbx_fsc_work 
_refine_ls_shell.pdbx_fsc_free 
'X-RAY DIFFRACTION' 1.7000 1.8100  2879 . 147 2732 100.0000 . . . 0.3395 0.0000 0.2521 . . . . . . . 6 . . . 
'X-RAY DIFFRACTION' 1.8100 1.9500  2478 . 125 2353 87.0000  . . . 0.3582 0.0000 0.3371 . . . . . . . 6 . . . 
'X-RAY DIFFRACTION' 1.9500 2.1400  2871 . 113 2758 100.0000 . . . 0.2726 0.0000 0.2218 . . . . . . . 6 . . . 
'X-RAY DIFFRACTION' 2.1400 2.4500  2750 . 141 2609 97.0000  . . . 0.2648 0.0000 0.2584 . . . . . . . 6 . . . 
'X-RAY DIFFRACTION' 2.4500 3.0900  2852 . 142 2710 100.0000 . . . 0.2024 0.0000 0.2185 . . . . . . . 6 . . . 
'X-RAY DIFFRACTION' 3.0900 19.3700 2857 . 183 2674 100.0000 . . . 0.1867 0.0000 0.1664 . . . . . . . 6 . . . 
# 
_struct.entry_id                     6XVO 
_struct.title                        'Crystal structure of the intertwined dimer of the c-Src SH3 domain without ATCUN motif' 
_struct.pdbx_model_details           dimer 
_struct.pdbx_formula_weight          ? 
_struct.pdbx_formula_weight_method   ? 
_struct.pdbx_model_type_details      ? 
_struct.pdbx_CASP_flag               N 
# 
_struct_keywords.entry_id        6XVO 
_struct_keywords.text            'beta barrel, SH3 domain, PROTEIN BINDING' 
_struct_keywords.pdbx_keywords   'PROTEIN BINDING' 
# 
loop_
_struct_asym.id 
_struct_asym.pdbx_blank_PDB_chainid_flag 
_struct_asym.pdbx_modified 
_struct_asym.entity_id 
_struct_asym.details 
A N N 1 ? 
B N N 2 ? 
C N N 3 ? 
D N N 3 ? 
E N N 4 ? 
# 
_struct_ref.id                         1 
_struct_ref.db_name                    UNP 
_struct_ref.db_code                    SRC_CHICK 
_struct_ref.pdbx_db_accession          P00523 
_struct_ref.pdbx_db_isoform            ? 
_struct_ref.entity_id                  1 
_struct_ref.pdbx_seq_one_letter_code   GVTTFVALYDYESRTETDLSFKKGERLQIVNNTEGDWWLAHSLTTGQTGYIPSNYVAPSD 
_struct_ref.pdbx_align_begin           82 
# 
_struct_ref_seq.align_id                      1 
_struct_ref_seq.ref_id                        1 
_struct_ref_seq.pdbx_PDB_id_code              6XVO 
_struct_ref_seq.pdbx_strand_id                A 
_struct_ref_seq.seq_align_beg                 20 
_struct_ref_seq.pdbx_seq_align_beg_ins_code   ? 
_struct_ref_seq.seq_align_end                 79 
_struct_ref_seq.pdbx_seq_align_end_ins_code   ? 
_struct_ref_seq.pdbx_db_accession             P00523 
_struct_ref_seq.db_align_beg                  82 
_struct_ref_seq.pdbx_db_align_beg_ins_code    ? 
_struct_ref_seq.db_align_end                  141 
_struct_ref_seq.pdbx_db_align_end_ins_code    ? 
_struct_ref_seq.pdbx_auth_seq_align_beg       82 
_struct_ref_seq.pdbx_auth_seq_align_end       141 
# 
loop_
_struct_ref_seq_dif.align_id 
_struct_ref_seq_dif.pdbx_pdb_id_code 
_struct_ref_seq_dif.mon_id 
_struct_ref_seq_dif.pdbx_pdb_strand_id 
_struct_ref_seq_dif.seq_num 
_struct_ref_seq_dif.pdbx_pdb_ins_code 
_struct_ref_seq_dif.pdbx_seq_db_name 
_struct_ref_seq_dif.pdbx_seq_db_accession_code 
_struct_ref_seq_dif.db_mon_id 
_struct_ref_seq_dif.pdbx_seq_db_seq_num 
_struct_ref_seq_dif.details 
_struct_ref_seq_dif.pdbx_auth_seq_num 
_struct_ref_seq_dif.pdbx_ordinal 
1 6XVO MET A 1  ? UNP P00523 ? ? 'initiating methionine' 63 1  
1 6XVO GLY A 2  ? UNP P00523 ? ? 'expression tag'        64 2  
1 6XVO SER A 3  ? UNP P00523 ? ? 'expression tag'        65 3  
1 6XVO SER A 4  ? UNP P00523 ? ? 'expression tag'        66 4  
1 6XVO HIS A 5  ? UNP P00523 ? ? 'expression tag'        67 5  
1 6XVO HIS A 6  ? UNP P00523 ? ? 'expression tag'        68 6  
1 6XVO HIS A 7  ? UNP P00523 ? ? 'expression tag'        69 7  
1 6XVO HIS A 8  ? UNP P00523 ? ? 'expression tag'        70 8  
1 6XVO HIS A 9  ? UNP P00523 ? ? 'expression tag'        71 9  
1 6XVO HIS A 10 ? UNP P00523 ? ? 'expression tag'        72 10 
1 6XVO SER A 11 ? UNP P00523 ? ? 'expression tag'        73 11 
1 6XVO SER A 12 ? UNP P00523 ? ? 'expression tag'        74 12 
1 6XVO GLY A 13 ? UNP P00523 ? ? 'expression tag'        75 13 
1 6XVO PRO A 14 ? UNP P00523 ? ? 'expression tag'        76 14 
1 6XVO GLN A 15 ? UNP P00523 ? ? 'expression tag'        77 15 
1 6XVO GLN A 16 ? UNP P00523 ? ? 'expression tag'        78 16 
1 6XVO GLY A 17 ? UNP P00523 ? ? 'expression tag'        79 17 
1 6XVO LEU A 18 ? UNP P00523 ? ? 'expression tag'        80 18 
1 6XVO ARG A 19 ? UNP P00523 ? ? 'expression tag'        81 19 
# 
_pdbx_struct_assembly.id                   1 
_pdbx_struct_assembly.details              author_and_software_defined_assembly 
_pdbx_struct_assembly.method_details       PISA 
_pdbx_struct_assembly.oligomeric_details   dimeric 
_pdbx_struct_assembly.oligomeric_count     2 
# 
loop_
_pdbx_struct_assembly_prop.biol_id 
_pdbx_struct_assembly_prop.type 
_pdbx_struct_assembly_prop.value 
_pdbx_struct_assembly_prop.details 
1 'ABSA (A^2)' 4980 ? 
1 MORE         -25  ? 
1 'SSA (A^2)'  7690 ? 
# 
_pdbx_struct_assembly_gen.assembly_id       1 
_pdbx_struct_assembly_gen.oper_expression   1,2 
_pdbx_struct_assembly_gen.asym_id_list      A,B,C,D,E 
# 
_pdbx_struct_assembly_auth_evidence.id                     1 
_pdbx_struct_assembly_auth_evidence.assembly_id            1 
_pdbx_struct_assembly_auth_evidence.experimental_support   'light scattering' 
_pdbx_struct_assembly_auth_evidence.details                ? 
# 
loop_
_pdbx_struct_oper_list.id 
_pdbx_struct_oper_list.type 
_pdbx_struct_oper_list.name 
_pdbx_struct_oper_list.symmetry_operation 
_pdbx_struct_oper_list.matrix[1][1] 
_pdbx_struct_oper_list.matrix[1][2] 
_pdbx_struct_oper_list.matrix[1][3] 
_pdbx_struct_oper_list.vector[1] 
_pdbx_struct_oper_list.matrix[2][1] 
_pdbx_struct_oper_list.matrix[2][2] 
_pdbx_struct_oper_list.matrix[2][3] 
_pdbx_struct_oper_list.vector[2] 
_pdbx_struct_oper_list.matrix[3][1] 
_pdbx_struct_oper_list.matrix[3][2] 
_pdbx_struct_oper_list.matrix[3][3] 
_pdbx_struct_oper_list.vector[3] 
1 'identity operation'         1_555 x,y,z         1.0000000000  0.0000000000 0.0000000000 0.0000000000 0.0000000000 1.0000000000 0.0000000000 0.0000000000 0.0000000000 0.0000000000 1.0000000000  0.0000000000  
2 'crystal symmetry operation' 8_675 x-y+1,-y+2,-z -0.9130297306 0.3054786423 0.2702952279 2.7997547909 0.3054786423 0.0729781737 0.9493982227 0.8242522083 0.2702952279 0.9493982227 -0.1599484432 -1.8323922246 
# 
_struct_conf.conf_type_id            HELX_P 
_struct_conf.id                      HELX_P1 
_struct_conf.pdbx_PDB_helix_id       AA1 
_struct_conf.beg_label_comp_id       ASN 
_struct_conf.beg_label_asym_id       A 
_struct_conf.beg_label_seq_id        73 
_struct_conf.pdbx_beg_PDB_ins_code   ? 
_struct_conf.end_label_comp_id       VAL 
_struct_conf.end_label_asym_id       A 
_struct_conf.end_label_seq_id        75 
_struct_conf.pdbx_end_PDB_ins_code   ? 
_struct_conf.beg_auth_comp_id        ASN 
_struct_conf.beg_auth_asym_id        A 
_struct_conf.beg_auth_seq_id         135 
_struct_conf.end_auth_comp_id        VAL 
_struct_conf.end_auth_asym_id        A 
_struct_conf.end_auth_seq_id         137 
_struct_conf.pdbx_PDB_helix_class    5 
_struct_conf.details                 ? 
_struct_conf.pdbx_PDB_helix_length   3 
# 
_struct_conf_type.id          HELX_P 
_struct_conf_type.criteria    ? 
_struct_conf_type.reference   ? 
# 
loop_
_struct_sheet.id 
_struct_sheet.type 
_struct_sheet.number_strands 
_struct_sheet.details 
AA1 ? 2 ? 
AA2 ? 2 ? 
# 
loop_
_struct_sheet_order.sheet_id 
_struct_sheet_order.range_id_1 
_struct_sheet_order.range_id_2 
_struct_sheet_order.offset 
_struct_sheet_order.sense 
AA1 1 2 ? anti-parallel 
AA2 1 2 ? anti-parallel 
# 
loop_
_struct_sheet_range.sheet_id 
_struct_sheet_range.id 
_struct_sheet_range.beg_label_comp_id 
_struct_sheet_range.beg_label_asym_id 
_struct_sheet_range.beg_label_seq_id 
_struct_sheet_range.pdbx_beg_PDB_ins_code 
_struct_sheet_range.end_label_comp_id 
_struct_sheet_range.end_label_asym_id 
_struct_sheet_range.end_label_seq_id 
_struct_sheet_range.pdbx_end_PDB_ins_code 
_struct_sheet_range.beg_auth_comp_id 
_struct_sheet_range.beg_auth_asym_id 
_struct_sheet_range.beg_auth_seq_id 
_struct_sheet_range.end_auth_comp_id 
_struct_sheet_range.end_auth_asym_id 
_struct_sheet_range.end_auth_seq_id 
AA1 1 THR A 23 ? VAL A 25 ? THR A 85  VAL A 87  
AA1 2 ARG A 45 ? GLN A 47 ? ARG A 107 GLN A 109 
AA2 1 TRP A 56 ? HIS A 60 ? TRP A 118 HIS A 122 
AA2 2 THR A 67 ? PRO A 71 ? THR A 129 PRO A 133 
# 
loop_
_pdbx_struct_sheet_hbond.sheet_id 
_pdbx_struct_sheet_hbond.range_id_1 
_pdbx_struct_sheet_hbond.range_id_2 
_pdbx_struct_sheet_hbond.range_1_label_atom_id 
_pdbx_struct_sheet_hbond.range_1_label_comp_id 
_pdbx_struct_sheet_hbond.range_1_label_asym_id 
_pdbx_struct_sheet_hbond.range_1_label_seq_id 
_pdbx_struct_sheet_hbond.range_1_PDB_ins_code 
_pdbx_struct_sheet_hbond.range_1_auth_atom_id 
_pdbx_struct_sheet_hbond.range_1_auth_comp_id 
_pdbx_struct_sheet_hbond.range_1_auth_asym_id 
_pdbx_struct_sheet_hbond.range_1_auth_seq_id 
_pdbx_struct_sheet_hbond.range_2_label_atom_id 
_pdbx_struct_sheet_hbond.range_2_label_comp_id 
_pdbx_struct_sheet_hbond.range_2_label_asym_id 
_pdbx_struct_sheet_hbond.range_2_label_seq_id 
_pdbx_struct_sheet_hbond.range_2_PDB_ins_code 
_pdbx_struct_sheet_hbond.range_2_auth_atom_id 
_pdbx_struct_sheet_hbond.range_2_auth_comp_id 
_pdbx_struct_sheet_hbond.range_2_auth_asym_id 
_pdbx_struct_sheet_hbond.range_2_auth_seq_id 
AA1 1 2 N PHE A 24 ? N PHE A 86  O LEU A 46 ? O LEU A 108 
AA2 1 2 N TRP A 57 ? N TRP A 119 O ILE A 70 ? O ILE A 132 
# 
loop_
_struct_site.id 
_struct_site.pdbx_evidence_code 
_struct_site.pdbx_auth_asym_id 
_struct_site.pdbx_auth_comp_id 
_struct_site.pdbx_auth_seq_id 
_struct_site.pdbx_auth_ins_code 
_struct_site.pdbx_num_residues 
_struct_site.details 
AC1 Software A PGE 201 ? 12 'binding site for residue PGE A 201' 
AC2 Software A PEG 202 ? 2  'binding site for residue PEG A 202' 
AC3 Software A PEG 203 ? 1  'binding site for residue PEG A 203' 
# 
loop_
_struct_site_gen.id 
_struct_site_gen.site_id 
_struct_site_gen.pdbx_num_res 
_struct_site_gen.label_comp_id 
_struct_site_gen.label_asym_id 
_struct_site_gen.label_seq_id 
_struct_site_gen.pdbx_auth_ins_code 
_struct_site_gen.auth_comp_id 
_struct_site_gen.auth_asym_id 
_struct_site_gen.auth_seq_id 
_struct_site_gen.label_atom_id 
_struct_site_gen.label_alt_id 
_struct_site_gen.symmetry 
_struct_site_gen.details 
1  AC1 12 ARG A 33 ? ARG A 95  . ? 1_555 ? 
2  AC1 12 ARG A 33 ? ARG A 95  . ? 8_675 ? 
3  AC1 12 THR A 36 ? THR A 98  . ? 8_675 ? 
4  AC1 12 THR A 36 ? THR A 98  . ? 1_555 ? 
5  AC1 12 ASP A 37 ? ASP A 99  . ? 1_555 ? 
6  AC1 12 ASP A 37 ? ASP A 99  . ? 8_675 ? 
7  AC1 12 TRP A 56 ? TRP A 118 . ? 1_555 ? 
8  AC1 12 TRP A 56 ? TRP A 118 . ? 8_675 ? 
9  AC1 12 TYR A 69 ? TYR A 131 . ? 8_675 ? 
10 AC1 12 TYR A 69 ? TYR A 131 . ? 1_555 ? 
11 AC1 12 HOH E .  ? HOH A 303 . ? 1_555 ? 
12 AC1 12 HOH E .  ? HOH A 303 . ? 8_675 ? 
13 AC2 2  ASN A 73 ? ASN A 135 . ? 8_675 ? 
14 AC2 2  PEG D .  ? PEG A 203 . ? 1_555 ? 
15 AC3 1  PEG C .  ? PEG A 202 . ? 1_555 ? 
# 
_pdbx_struct_special_symmetry.id              1 
_pdbx_struct_special_symmetry.PDB_model_num   1 
_pdbx_struct_special_symmetry.auth_asym_id    A 
_pdbx_struct_special_symmetry.auth_comp_id    HOH 
_pdbx_struct_special_symmetry.auth_seq_id     306 
_pdbx_struct_special_symmetry.PDB_ins_code    ? 
_pdbx_struct_special_symmetry.label_asym_id   E 
_pdbx_struct_special_symmetry.label_comp_id   HOH 
_pdbx_struct_special_symmetry.label_seq_id    . 
# 
loop_
_pdbx_refine_tls.id 
_pdbx_refine_tls.pdbx_refine_id 
_pdbx_refine_tls.details 
_pdbx_refine_tls.method 
_pdbx_refine_tls.origin_x 
_pdbx_refine_tls.origin_y 
_pdbx_refine_tls.origin_z 
_pdbx_refine_tls.T[1][1] 
_pdbx_refine_tls.T[1][1]_esd 
_pdbx_refine_tls.T[1][2] 
_pdbx_refine_tls.T[1][2]_esd 
_pdbx_refine_tls.T[1][3] 
_pdbx_refine_tls.T[1][3]_esd 
_pdbx_refine_tls.T[2][2] 
_pdbx_refine_tls.T[2][2]_esd 
_pdbx_refine_tls.T[2][3] 
_pdbx_refine_tls.T[2][3]_esd 
_pdbx_refine_tls.T[3][3] 
_pdbx_refine_tls.T[3][3]_esd 
_pdbx_refine_tls.L[1][1] 
_pdbx_refine_tls.L[1][1]_esd 
_pdbx_refine_tls.L[1][2] 
_pdbx_refine_tls.L[1][2]_esd 
_pdbx_refine_tls.L[1][3] 
_pdbx_refine_tls.L[1][3]_esd 
_pdbx_refine_tls.L[2][2] 
_pdbx_refine_tls.L[2][2]_esd 
_pdbx_refine_tls.L[2][3] 
_pdbx_refine_tls.L[2][3]_esd 
_pdbx_refine_tls.L[3][3] 
_pdbx_refine_tls.L[3][3]_esd 
_pdbx_refine_tls.S[1][1] 
_pdbx_refine_tls.S[1][1]_esd 
_pdbx_refine_tls.S[1][2] 
_pdbx_refine_tls.S[1][2]_esd 
_pdbx_refine_tls.S[1][3] 
_pdbx_refine_tls.S[1][3]_esd 
_pdbx_refine_tls.S[2][1] 
_pdbx_refine_tls.S[2][1]_esd 
_pdbx_refine_tls.S[2][2] 
_pdbx_refine_tls.S[2][2]_esd 
_pdbx_refine_tls.S[2][3] 
_pdbx_refine_tls.S[2][3]_esd 
_pdbx_refine_tls.S[3][1] 
_pdbx_refine_tls.S[3][1]_esd 
_pdbx_refine_tls.S[3][2] 
_pdbx_refine_tls.S[3][2]_esd 
_pdbx_refine_tls.S[3][3] 
_pdbx_refine_tls.S[3][3]_esd 
1 'X-RAY DIFFRACTION' ? refined -9.1957 -3.6252 3.9892  0.4570 ? 0.1370  ? 0.0912  ? 0.2607 ? 0.0974 ? 0.3103 ? 6.1066 ? -0.5875 ? -1.5544 ? 6.0615 ? 1.4592 ? 1.4239 ? 0.1671 ? 0.1704  ? 0.3535 ? 0.5068 ? 0.1864  ? 0.5821  ? -0.6009 ? -0.4457 ? -0.3935 ? 
2 'X-RAY DIFFRACTION' ? refined 7.9811  3.1620  -3.7957 0.3896 ? -0.1158 ? -0.1512 ? 0.4239 ? 0.0862 ? 0.2875 ? 2.5960 ? -0.5959 ? 1.1157  ? 1.1888 ? 1.2184 ? 2.5467 ? 0.0161 ? -0.4670 ? 0.0870 ? 0.4998 ? -0.3535 ? -0.3743 ? -0.5627 ? 0.6407  ? 0.2684  ? 
# 
loop_
_pdbx_refine_tls_group.id 
_pdbx_refine_tls_group.pdbx_refine_id 
_pdbx_refine_tls_group.refine_tls_id 
_pdbx_refine_tls_group.beg_label_asym_id 
_pdbx_refine_tls_group.beg_label_seq_id 
_pdbx_refine_tls_group.beg_auth_asym_id 
_pdbx_refine_tls_group.beg_auth_seq_id 
_pdbx_refine_tls_group.end_label_asym_id 
_pdbx_refine_tls_group.end_label_seq_id 
_pdbx_refine_tls_group.end_auth_asym_id 
_pdbx_refine_tls_group.end_auth_seq_id 
_pdbx_refine_tls_group.selection 
_pdbx_refine_tls_group.selection_details 
1 'X-RAY DIFFRACTION' 1 ? ? A 84  ? ? A 109 ? 
;chain 'A' and (resid 84 through 109 )
;
2 'X-RAY DIFFRACTION' 2 ? ? A 110 ? ? A 140 ? 
;chain 'A' and (resid 110 through 140 )
;
# 
_phasing.method   MR 
# 
_pdbx_entry_details.entry_id                 6XVO 
_pdbx_entry_details.has_ligand_of_interest   N 
_pdbx_entry_details.compound_details         ? 
_pdbx_entry_details.source_details           ? 
_pdbx_entry_details.nonpolymer_details       ? 
_pdbx_entry_details.sequence_details         ? 
# 
loop_
_pdbx_unobs_or_zero_occ_residues.id 
_pdbx_unobs_or_zero_occ_residues.PDB_model_num 
_pdbx_unobs_or_zero_occ_residues.polymer_flag 
_pdbx_unobs_or_zero_occ_residues.occupancy_flag 
_pdbx_unobs_or_zero_occ_residues.auth_asym_id 
_pdbx_unobs_or_zero_occ_residues.auth_comp_id 
_pdbx_unobs_or_zero_occ_residues.auth_seq_id 
_pdbx_unobs_or_zero_occ_residues.PDB_ins_code 
_pdbx_unobs_or_zero_occ_residues.label_asym_id 
_pdbx_unobs_or_zero_occ_residues.label_comp_id 
_pdbx_unobs_or_zero_occ_residues.label_seq_id 
1  1 Y 1 A MET 63  ? A MET 1  
2  1 Y 1 A GLY 64  ? A GLY 2  
3  1 Y 1 A SER 65  ? A SER 3  
4  1 Y 1 A SER 66  ? A SER 4  
5  1 Y 1 A HIS 67  ? A HIS 5  
6  1 Y 1 A HIS 68  ? A HIS 6  
7  1 Y 1 A HIS 69  ? A HIS 7  
8  1 Y 1 A HIS 70  ? A HIS 8  
9  1 Y 1 A HIS 71  ? A HIS 9  
10 1 Y 1 A HIS 72  ? A HIS 10 
11 1 Y 1 A SER 73  ? A SER 11 
12 1 Y 1 A SER 74  ? A SER 12 
13 1 Y 1 A GLY 75  ? A GLY 13 
14 1 Y 1 A PRO 76  ? A PRO 14 
15 1 Y 1 A GLN 77  ? A GLN 15 
16 1 Y 1 A GLN 78  ? A GLN 16 
17 1 Y 1 A GLY 79  ? A GLY 17 
18 1 Y 1 A LEU 80  ? A LEU 18 
19 1 Y 1 A ARG 81  ? A ARG 19 
20 1 Y 1 A GLY 82  ? A GLY 20 
21 1 Y 1 A VAL 83  ? A VAL 21 
22 1 Y 1 A ASP 141 ? A ASP 79 
# 
loop_
_chem_comp_atom.comp_id 
_chem_comp_atom.atom_id 
_chem_comp_atom.type_symbol 
_chem_comp_atom.pdbx_aromatic_flag 
_chem_comp_atom.pdbx_stereo_config 
_chem_comp_atom.pdbx_ordinal 
ALA N    N N N 1   
ALA CA   C N S 2   
ALA C    C N N 3   
ALA O    O N N 4   
ALA CB   C N N 5   
ALA OXT  O N N 6   
ALA H    H N N 7   
ALA H2   H N N 8   
ALA HA   H N N 9   
ALA HB1  H N N 10  
ALA HB2  H N N 11  
ALA HB3  H N N 12  
ALA HXT  H N N 13  
ARG N    N N N 14  
ARG CA   C N S 15  
ARG C    C N N 16  
ARG O    O N N 17  
ARG CB   C N N 18  
ARG CG   C N N 19  
ARG CD   C N N 20  
ARG NE   N N N 21  
ARG CZ   C N N 22  
ARG NH1  N N N 23  
ARG NH2  N N N 24  
ARG OXT  O N N 25  
ARG H    H N N 26  
ARG H2   H N N 27  
ARG HA   H N N 28  
ARG HB2  H N N 29  
ARG HB3  H N N 30  
ARG HG2  H N N 31  
ARG HG3  H N N 32  
ARG HD2  H N N 33  
ARG HD3  H N N 34  
ARG HE   H N N 35  
ARG HH11 H N N 36  
ARG HH12 H N N 37  
ARG HH21 H N N 38  
ARG HH22 H N N 39  
ARG HXT  H N N 40  
ASN N    N N N 41  
ASN CA   C N S 42  
ASN C    C N N 43  
ASN O    O N N 44  
ASN CB   C N N 45  
ASN CG   C N N 46  
ASN OD1  O N N 47  
ASN ND2  N N N 48  
ASN OXT  O N N 49  
ASN H    H N N 50  
ASN H2   H N N 51  
ASN HA   H N N 52  
ASN HB2  H N N 53  
ASN HB3  H N N 54  
ASN HD21 H N N 55  
ASN HD22 H N N 56  
ASN HXT  H N N 57  
ASP N    N N N 58  
ASP CA   C N S 59  
ASP C    C N N 60  
ASP O    O N N 61  
ASP CB   C N N 62  
ASP CG   C N N 63  
ASP OD1  O N N 64  
ASP OD2  O N N 65  
ASP OXT  O N N 66  
ASP H    H N N 67  
ASP H2   H N N 68  
ASP HA   H N N 69  
ASP HB2  H N N 70  
ASP HB3  H N N 71  
ASP HD2  H N N 72  
ASP HXT  H N N 73  
GLN N    N N N 74  
GLN CA   C N S 75  
GLN C    C N N 76  
GLN O    O N N 77  
GLN CB   C N N 78  
GLN CG   C N N 79  
GLN CD   C N N 80  
GLN OE1  O N N 81  
GLN NE2  N N N 82  
GLN OXT  O N N 83  
GLN H    H N N 84  
GLN H2   H N N 85  
GLN HA   H N N 86  
GLN HB2  H N N 87  
GLN HB3  H N N 88  
GLN HG2  H N N 89  
GLN HG3  H N N 90  
GLN HE21 H N N 91  
GLN HE22 H N N 92  
GLN HXT  H N N 93  
GLU N    N N N 94  
GLU CA   C N S 95  
GLU C    C N N 96  
GLU O    O N N 97  
GLU CB   C N N 98  
GLU CG   C N N 99  
GLU CD   C N N 100 
GLU OE1  O N N 101 
GLU OE2  O N N 102 
GLU OXT  O N N 103 
GLU H    H N N 104 
GLU H2   H N N 105 
GLU HA   H N N 106 
GLU HB2  H N N 107 
GLU HB3  H N N 108 
GLU HG2  H N N 109 
GLU HG3  H N N 110 
GLU HE2  H N N 111 
GLU HXT  H N N 112 
GLY N    N N N 113 
GLY CA   C N N 114 
GLY C    C N N 115 
GLY O    O N N 116 
GLY OXT  O N N 117 
GLY H    H N N 118 
GLY H2   H N N 119 
GLY HA2  H N N 120 
GLY HA3  H N N 121 
GLY HXT  H N N 122 
HIS N    N N N 123 
HIS CA   C N S 124 
HIS C    C N N 125 
HIS O    O N N 126 
HIS CB   C N N 127 
HIS CG   C Y N 128 
HIS ND1  N Y N 129 
HIS CD2  C Y N 130 
HIS CE1  C Y N 131 
HIS NE2  N Y N 132 
HIS OXT  O N N 133 
HIS H    H N N 134 
HIS H2   H N N 135 
HIS HA   H N N 136 
HIS HB2  H N N 137 
HIS HB3  H N N 138 
HIS HD1  H N N 139 
HIS HD2  H N N 140 
HIS HE1  H N N 141 
HIS HE2  H N N 142 
HIS HXT  H N N 143 
HOH O    O N N 144 
HOH H1   H N N 145 
HOH H2   H N N 146 
ILE N    N N N 147 
ILE CA   C N S 148 
ILE C    C N N 149 
ILE O    O N N 150 
ILE CB   C N S 151 
ILE CG1  C N N 152 
ILE CG2  C N N 153 
ILE CD1  C N N 154 
ILE OXT  O N N 155 
ILE H    H N N 156 
ILE H2   H N N 157 
ILE HA   H N N 158 
ILE HB   H N N 159 
ILE HG12 H N N 160 
ILE HG13 H N N 161 
ILE HG21 H N N 162 
ILE HG22 H N N 163 
ILE HG23 H N N 164 
ILE HD11 H N N 165 
ILE HD12 H N N 166 
ILE HD13 H N N 167 
ILE HXT  H N N 168 
LEU N    N N N 169 
LEU CA   C N S 170 
LEU C    C N N 171 
LEU O    O N N 172 
LEU CB   C N N 173 
LEU CG   C N N 174 
LEU CD1  C N N 175 
LEU CD2  C N N 176 
LEU OXT  O N N 177 
LEU H    H N N 178 
LEU H2   H N N 179 
LEU HA   H N N 180 
LEU HB2  H N N 181 
LEU HB3  H N N 182 
LEU HG   H N N 183 
LEU HD11 H N N 184 
LEU HD12 H N N 185 
LEU HD13 H N N 186 
LEU HD21 H N N 187 
LEU HD22 H N N 188 
LEU HD23 H N N 189 
LEU HXT  H N N 190 
LYS N    N N N 191 
LYS CA   C N S 192 
LYS C    C N N 193 
LYS O    O N N 194 
LYS CB   C N N 195 
LYS CG   C N N 196 
LYS CD   C N N 197 
LYS CE   C N N 198 
LYS NZ   N N N 199 
LYS OXT  O N N 200 
LYS H    H N N 201 
LYS H2   H N N 202 
LYS HA   H N N 203 
LYS HB2  H N N 204 
LYS HB3  H N N 205 
LYS HG2  H N N 206 
LYS HG3  H N N 207 
LYS HD2  H N N 208 
LYS HD3  H N N 209 
LYS HE2  H N N 210 
LYS HE3  H N N 211 
LYS HZ1  H N N 212 
LYS HZ2  H N N 213 
LYS HZ3  H N N 214 
LYS HXT  H N N 215 
MET N    N N N 216 
MET CA   C N S 217 
MET C    C N N 218 
MET O    O N N 219 
MET CB   C N N 220 
MET CG   C N N 221 
MET SD   S N N 222 
MET CE   C N N 223 
MET OXT  O N N 224 
MET H    H N N 225 
MET H2   H N N 226 
MET HA   H N N 227 
MET HB2  H N N 228 
MET HB3  H N N 229 
MET HG2  H N N 230 
MET HG3  H N N 231 
MET HE1  H N N 232 
MET HE2  H N N 233 
MET HE3  H N N 234 
MET HXT  H N N 235 
PEG C1   C N N 236 
PEG O1   O N N 237 
PEG C2   C N N 238 
PEG O2   O N N 239 
PEG C3   C N N 240 
PEG C4   C N N 241 
PEG O4   O N N 242 
PEG H11  H N N 243 
PEG H12  H N N 244 
PEG HO1  H N N 245 
PEG H21  H N N 246 
PEG H22  H N N 247 
PEG H31  H N N 248 
PEG H32  H N N 249 
PEG H41  H N N 250 
PEG H42  H N N 251 
PEG HO4  H N N 252 
PGE C1   C N N 253 
PGE O1   O N N 254 
PGE C2   C N N 255 
PGE O2   O N N 256 
PGE C3   C N N 257 
PGE C4   C N N 258 
PGE O4   O N N 259 
PGE C6   C N N 260 
PGE C5   C N N 261 
PGE O3   O N N 262 
PGE H1   H N N 263 
PGE H12  H N N 264 
PGE HO1  H N N 265 
PGE H2   H N N 266 
PGE H22  H N N 267 
PGE H3   H N N 268 
PGE H32  H N N 269 
PGE H4   H N N 270 
PGE H42  H N N 271 
PGE HO4  H N N 272 
PGE H6   H N N 273 
PGE H62  H N N 274 
PGE H5   H N N 275 
PGE H52  H N N 276 
PHE N    N N N 277 
PHE CA   C N S 278 
PHE C    C N N 279 
PHE O    O N N 280 
PHE CB   C N N 281 
PHE CG   C Y N 282 
PHE CD1  C Y N 283 
PHE CD2  C Y N 284 
PHE CE1  C Y N 285 
PHE CE2  C Y N 286 
PHE CZ   C Y N 287 
PHE OXT  O N N 288 
PHE H    H N N 289 
PHE H2   H N N 290 
PHE HA   H N N 291 
PHE HB2  H N N 292 
PHE HB3  H N N 293 
PHE HD1  H N N 294 
PHE HD2  H N N 295 
PHE HE1  H N N 296 
PHE HE2  H N N 297 
PHE HZ   H N N 298 
PHE HXT  H N N 299 
PRO N    N N N 300 
PRO CA   C N S 301 
PRO C    C N N 302 
PRO O    O N N 303 
PRO CB   C N N 304 
PRO CG   C N N 305 
PRO CD   C N N 306 
PRO OXT  O N N 307 
PRO H    H N N 308 
PRO HA   H N N 309 
PRO HB2  H N N 310 
PRO HB3  H N N 311 
PRO HG2  H N N 312 
PRO HG3  H N N 313 
PRO HD2  H N N 314 
PRO HD3  H N N 315 
PRO HXT  H N N 316 
SER N    N N N 317 
SER CA   C N S 318 
SER C    C N N 319 
SER O    O N N 320 
SER CB   C N N 321 
SER OG   O N N 322 
SER OXT  O N N 323 
SER H    H N N 324 
SER H2   H N N 325 
SER HA   H N N 326 
SER HB2  H N N 327 
SER HB3  H N N 328 
SER HG   H N N 329 
SER HXT  H N N 330 
THR N    N N N 331 
THR CA   C N S 332 
THR C    C N N 333 
THR O    O N N 334 
THR CB   C N R 335 
THR OG1  O N N 336 
THR CG2  C N N 337 
THR OXT  O N N 338 
THR H    H N N 339 
THR H2   H N N 340 
THR HA   H N N 341 
THR HB   H N N 342 
THR HG1  H N N 343 
THR HG21 H N N 344 
THR HG22 H N N 345 
THR HG23 H N N 346 
THR HXT  H N N 347 
TRP N    N N N 348 
TRP CA   C N S 349 
TRP C    C N N 350 
TRP O    O N N 351 
TRP CB   C N N 352 
TRP CG   C Y N 353 
TRP CD1  C Y N 354 
TRP CD2  C Y N 355 
TRP NE1  N Y N 356 
TRP CE2  C Y N 357 
TRP CE3  C Y N 358 
TRP CZ2  C Y N 359 
TRP CZ3  C Y N 360 
TRP CH2  C Y N 361 
TRP OXT  O N N 362 
TRP H    H N N 363 
TRP H2   H N N 364 
TRP HA   H N N 365 
TRP HB2  H N N 366 
TRP HB3  H N N 367 
TRP HD1  H N N 368 
TRP HE1  H N N 369 
TRP HE3  H N N 370 
TRP HZ2  H N N 371 
TRP HZ3  H N N 372 
TRP HH2  H N N 373 
TRP HXT  H N N 374 
TYR N    N N N 375 
TYR CA   C N S 376 
TYR C    C N N 377 
TYR O    O N N 378 
TYR CB   C N N 379 
TYR CG   C Y N 380 
TYR CD1  C Y N 381 
TYR CD2  C Y N 382 
TYR CE1  C Y N 383 
TYR CE2  C Y N 384 
TYR CZ   C Y N 385 
TYR OH   O N N 386 
TYR OXT  O N N 387 
TYR H    H N N 388 
TYR H2   H N N 389 
TYR HA   H N N 390 
TYR HB2  H N N 391 
TYR HB3  H N N 392 
TYR HD1  H N N 393 
TYR HD2  H N N 394 
TYR HE1  H N N 395 
TYR HE2  H N N 396 
TYR HH   H N N 397 
TYR HXT  H N N 398 
VAL N    N N N 399 
VAL CA   C N S 400 
VAL C    C N N 401 
VAL O    O N N 402 
VAL CB   C N N 403 
VAL CG1  C N N 404 
VAL CG2  C N N 405 
VAL OXT  O N N 406 
VAL H    H N N 407 
VAL H2   H N N 408 
VAL HA   H N N 409 
VAL HB   H N N 410 
VAL HG11 H N N 411 
VAL HG12 H N N 412 
VAL HG13 H N N 413 
VAL HG21 H N N 414 
VAL HG22 H N N 415 
VAL HG23 H N N 416 
VAL HXT  H N N 417 
# 
loop_
_chem_comp_bond.comp_id 
_chem_comp_bond.atom_id_1 
_chem_comp_bond.atom_id_2 
_chem_comp_bond.value_order 
_chem_comp_bond.pdbx_aromatic_flag 
_chem_comp_bond.pdbx_stereo_config 
_chem_comp_bond.pdbx_ordinal 
ALA N   CA   sing N N 1   
ALA N   H    sing N N 2   
ALA N   H2   sing N N 3   
ALA CA  C    sing N N 4   
ALA CA  CB   sing N N 5   
ALA CA  HA   sing N N 6   
ALA C   O    doub N N 7   
ALA C   OXT  sing N N 8   
ALA CB  HB1  sing N N 9   
ALA CB  HB2  sing N N 10  
ALA CB  HB3  sing N N 11  
ALA OXT HXT  sing N N 12  
ARG N   CA   sing N N 13  
ARG N   H    sing N N 14  
ARG N   H2   sing N N 15  
ARG CA  C    sing N N 16  
ARG CA  CB   sing N N 17  
ARG CA  HA   sing N N 18  
ARG C   O    doub N N 19  
ARG C   OXT  sing N N 20  
ARG CB  CG   sing N N 21  
ARG CB  HB2  sing N N 22  
ARG CB  HB3  sing N N 23  
ARG CG  CD   sing N N 24  
ARG CG  HG2  sing N N 25  
ARG CG  HG3  sing N N 26  
ARG CD  NE   sing N N 27  
ARG CD  HD2  sing N N 28  
ARG CD  HD3  sing N N 29  
ARG NE  CZ   sing N N 30  
ARG NE  HE   sing N N 31  
ARG CZ  NH1  sing N N 32  
ARG CZ  NH2  doub N N 33  
ARG NH1 HH11 sing N N 34  
ARG NH1 HH12 sing N N 35  
ARG NH2 HH21 sing N N 36  
ARG NH2 HH22 sing N N 37  
ARG OXT HXT  sing N N 38  
ASN N   CA   sing N N 39  
ASN N   H    sing N N 40  
ASN N   H2   sing N N 41  
ASN CA  C    sing N N 42  
ASN CA  CB   sing N N 43  
ASN CA  HA   sing N N 44  
ASN C   O    doub N N 45  
ASN C   OXT  sing N N 46  
ASN CB  CG   sing N N 47  
ASN CB  HB2  sing N N 48  
ASN CB  HB3  sing N N 49  
ASN CG  OD1  doub N N 50  
ASN CG  ND2  sing N N 51  
ASN ND2 HD21 sing N N 52  
ASN ND2 HD22 sing N N 53  
ASN OXT HXT  sing N N 54  
ASP N   CA   sing N N 55  
ASP N   H    sing N N 56  
ASP N   H2   sing N N 57  
ASP CA  C    sing N N 58  
ASP CA  CB   sing N N 59  
ASP CA  HA   sing N N 60  
ASP C   O    doub N N 61  
ASP C   OXT  sing N N 62  
ASP CB  CG   sing N N 63  
ASP CB  HB2  sing N N 64  
ASP CB  HB3  sing N N 65  
ASP CG  OD1  doub N N 66  
ASP CG  OD2  sing N N 67  
ASP OD2 HD2  sing N N 68  
ASP OXT HXT  sing N N 69  
GLN N   CA   sing N N 70  
GLN N   H    sing N N 71  
GLN N   H2   sing N N 72  
GLN CA  C    sing N N 73  
GLN CA  CB   sing N N 74  
GLN CA  HA   sing N N 75  
GLN C   O    doub N N 76  
GLN C   OXT  sing N N 77  
GLN CB  CG   sing N N 78  
GLN CB  HB2  sing N N 79  
GLN CB  HB3  sing N N 80  
GLN CG  CD   sing N N 81  
GLN CG  HG2  sing N N 82  
GLN CG  HG3  sing N N 83  
GLN CD  OE1  doub N N 84  
GLN CD  NE2  sing N N 85  
GLN NE2 HE21 sing N N 86  
GLN NE2 HE22 sing N N 87  
GLN OXT HXT  sing N N 88  
GLU N   CA   sing N N 89  
GLU N   H    sing N N 90  
GLU N   H2   sing N N 91  
GLU CA  C    sing N N 92  
GLU CA  CB   sing N N 93  
GLU CA  HA   sing N N 94  
GLU C   O    doub N N 95  
GLU C   OXT  sing N N 96  
GLU CB  CG   sing N N 97  
GLU CB  HB2  sing N N 98  
GLU CB  HB3  sing N N 99  
GLU CG  CD   sing N N 100 
GLU CG  HG2  sing N N 101 
GLU CG  HG3  sing N N 102 
GLU CD  OE1  doub N N 103 
GLU CD  OE2  sing N N 104 
GLU OE2 HE2  sing N N 105 
GLU OXT HXT  sing N N 106 
GLY N   CA   sing N N 107 
GLY N   H    sing N N 108 
GLY N   H2   sing N N 109 
GLY CA  C    sing N N 110 
GLY CA  HA2  sing N N 111 
GLY CA  HA3  sing N N 112 
GLY C   O    doub N N 113 
GLY C   OXT  sing N N 114 
GLY OXT HXT  sing N N 115 
HIS N   CA   sing N N 116 
HIS N   H    sing N N 117 
HIS N   H2   sing N N 118 
HIS CA  C    sing N N 119 
HIS CA  CB   sing N N 120 
HIS CA  HA   sing N N 121 
HIS C   O    doub N N 122 
HIS C   OXT  sing N N 123 
HIS CB  CG   sing N N 124 
HIS CB  HB2  sing N N 125 
HIS CB  HB3  sing N N 126 
HIS CG  ND1  sing Y N 127 
HIS CG  CD2  doub Y N 128 
HIS ND1 CE1  doub Y N 129 
HIS ND1 HD1  sing N N 130 
HIS CD2 NE2  sing Y N 131 
HIS CD2 HD2  sing N N 132 
HIS CE1 NE2  sing Y N 133 
HIS CE1 HE1  sing N N 134 
HIS NE2 HE2  sing N N 135 
HIS OXT HXT  sing N N 136 
HOH O   H1   sing N N 137 
HOH O   H2   sing N N 138 
ILE N   CA   sing N N 139 
ILE N   H    sing N N 140 
ILE N   H2   sing N N 141 
ILE CA  C    sing N N 142 
ILE CA  CB   sing N N 143 
ILE CA  HA   sing N N 144 
ILE C   O    doub N N 145 
ILE C   OXT  sing N N 146 
ILE CB  CG1  sing N N 147 
ILE CB  CG2  sing N N 148 
ILE CB  HB   sing N N 149 
ILE CG1 CD1  sing N N 150 
ILE CG1 HG12 sing N N 151 
ILE CG1 HG13 sing N N 152 
ILE CG2 HG21 sing N N 153 
ILE CG2 HG22 sing N N 154 
ILE CG2 HG23 sing N N 155 
ILE CD1 HD11 sing N N 156 
ILE CD1 HD12 sing N N 157 
ILE CD1 HD13 sing N N 158 
ILE OXT HXT  sing N N 159 
LEU N   CA   sing N N 160 
LEU N   H    sing N N 161 
LEU N   H2   sing N N 162 
LEU CA  C    sing N N 163 
LEU CA  CB   sing N N 164 
LEU CA  HA   sing N N 165 
LEU C   O    doub N N 166 
LEU C   OXT  sing N N 167 
LEU CB  CG   sing N N 168 
LEU CB  HB2  sing N N 169 
LEU CB  HB3  sing N N 170 
LEU CG  CD1  sing N N 171 
LEU CG  CD2  sing N N 172 
LEU CG  HG   sing N N 173 
LEU CD1 HD11 sing N N 174 
LEU CD1 HD12 sing N N 175 
LEU CD1 HD13 sing N N 176 
LEU CD2 HD21 sing N N 177 
LEU CD2 HD22 sing N N 178 
LEU CD2 HD23 sing N N 179 
LEU OXT HXT  sing N N 180 
LYS N   CA   sing N N 181 
LYS N   H    sing N N 182 
LYS N   H2   sing N N 183 
LYS CA  C    sing N N 184 
LYS CA  CB   sing N N 185 
LYS CA  HA   sing N N 186 
LYS C   O    doub N N 187 
LYS C   OXT  sing N N 188 
LYS CB  CG   sing N N 189 
LYS CB  HB2  sing N N 190 
LYS CB  HB3  sing N N 191 
LYS CG  CD   sing N N 192 
LYS CG  HG2  sing N N 193 
LYS CG  HG3  sing N N 194 
LYS CD  CE   sing N N 195 
LYS CD  HD2  sing N N 196 
LYS CD  HD3  sing N N 197 
LYS CE  NZ   sing N N 198 
LYS CE  HE2  sing N N 199 
LYS CE  HE3  sing N N 200 
LYS NZ  HZ1  sing N N 201 
LYS NZ  HZ2  sing N N 202 
LYS NZ  HZ3  sing N N 203 
LYS OXT HXT  sing N N 204 
MET N   CA   sing N N 205 
MET N   H    sing N N 206 
MET N   H2   sing N N 207 
MET CA  C    sing N N 208 
MET CA  CB   sing N N 209 
MET CA  HA   sing N N 210 
MET C   O    doub N N 211 
MET C   OXT  sing N N 212 
MET CB  CG   sing N N 213 
MET CB  HB2  sing N N 214 
MET CB  HB3  sing N N 215 
MET CG  SD   sing N N 216 
MET CG  HG2  sing N N 217 
MET CG  HG3  sing N N 218 
MET SD  CE   sing N N 219 
MET CE  HE1  sing N N 220 
MET CE  HE2  sing N N 221 
MET CE  HE3  sing N N 222 
MET OXT HXT  sing N N 223 
PEG C1  O1   sing N N 224 
PEG C1  C2   sing N N 225 
PEG C1  H11  sing N N 226 
PEG C1  H12  sing N N 227 
PEG O1  HO1  sing N N 228 
PEG C2  O2   sing N N 229 
PEG C2  H21  sing N N 230 
PEG C2  H22  sing N N 231 
PEG O2  C3   sing N N 232 
PEG C3  C4   sing N N 233 
PEG C3  H31  sing N N 234 
PEG C3  H32  sing N N 235 
PEG C4  O4   sing N N 236 
PEG C4  H41  sing N N 237 
PEG C4  H42  sing N N 238 
PEG O4  HO4  sing N N 239 
PGE C1  O1   sing N N 240 
PGE C1  C2   sing N N 241 
PGE C1  H1   sing N N 242 
PGE C1  H12  sing N N 243 
PGE O1  HO1  sing N N 244 
PGE C2  O2   sing N N 245 
PGE C2  H2   sing N N 246 
PGE C2  H22  sing N N 247 
PGE O2  C3   sing N N 248 
PGE C3  C4   sing N N 249 
PGE C3  H3   sing N N 250 
PGE C3  H32  sing N N 251 
PGE C4  O3   sing N N 252 
PGE C4  H4   sing N N 253 
PGE C4  H42  sing N N 254 
PGE O4  C6   sing N N 255 
PGE O4  HO4  sing N N 256 
PGE C6  C5   sing N N 257 
PGE C6  H6   sing N N 258 
PGE C6  H62  sing N N 259 
PGE C5  O3   sing N N 260 
PGE C5  H5   sing N N 261 
PGE C5  H52  sing N N 262 
PHE N   CA   sing N N 263 
PHE N   H    sing N N 264 
PHE N   H2   sing N N 265 
PHE CA  C    sing N N 266 
PHE CA  CB   sing N N 267 
PHE CA  HA   sing N N 268 
PHE C   O    doub N N 269 
PHE C   OXT  sing N N 270 
PHE CB  CG   sing N N 271 
PHE CB  HB2  sing N N 272 
PHE CB  HB3  sing N N 273 
PHE CG  CD1  doub Y N 274 
PHE CG  CD2  sing Y N 275 
PHE CD1 CE1  sing Y N 276 
PHE CD1 HD1  sing N N 277 
PHE CD2 CE2  doub Y N 278 
PHE CD2 HD2  sing N N 279 
PHE CE1 CZ   doub Y N 280 
PHE CE1 HE1  sing N N 281 
PHE CE2 CZ   sing Y N 282 
PHE CE2 HE2  sing N N 283 
PHE CZ  HZ   sing N N 284 
PHE OXT HXT  sing N N 285 
PRO N   CA   sing N N 286 
PRO N   CD   sing N N 287 
PRO N   H    sing N N 288 
PRO CA  C    sing N N 289 
PRO CA  CB   sing N N 290 
PRO CA  HA   sing N N 291 
PRO C   O    doub N N 292 
PRO C   OXT  sing N N 293 
PRO CB  CG   sing N N 294 
PRO CB  HB2  sing N N 295 
PRO CB  HB3  sing N N 296 
PRO CG  CD   sing N N 297 
PRO CG  HG2  sing N N 298 
PRO CG  HG3  sing N N 299 
PRO CD  HD2  sing N N 300 
PRO CD  HD3  sing N N 301 
PRO OXT HXT  sing N N 302 
SER N   CA   sing N N 303 
SER N   H    sing N N 304 
SER N   H2   sing N N 305 
SER CA  C    sing N N 306 
SER CA  CB   sing N N 307 
SER CA  HA   sing N N 308 
SER C   O    doub N N 309 
SER C   OXT  sing N N 310 
SER CB  OG   sing N N 311 
SER CB  HB2  sing N N 312 
SER CB  HB3  sing N N 313 
SER OG  HG   sing N N 314 
SER OXT HXT  sing N N 315 
THR N   CA   sing N N 316 
THR N   H    sing N N 317 
THR N   H2   sing N N 318 
THR CA  C    sing N N 319 
THR CA  CB   sing N N 320 
THR CA  HA   sing N N 321 
THR C   O    doub N N 322 
THR C   OXT  sing N N 323 
THR CB  OG1  sing N N 324 
THR CB  CG2  sing N N 325 
THR CB  HB   sing N N 326 
THR OG1 HG1  sing N N 327 
THR CG2 HG21 sing N N 328 
THR CG2 HG22 sing N N 329 
THR CG2 HG23 sing N N 330 
THR OXT HXT  sing N N 331 
TRP N   CA   sing N N 332 
TRP N   H    sing N N 333 
TRP N   H2   sing N N 334 
TRP CA  C    sing N N 335 
TRP CA  CB   sing N N 336 
TRP CA  HA   sing N N 337 
TRP C   O    doub N N 338 
TRP C   OXT  sing N N 339 
TRP CB  CG   sing N N 340 
TRP CB  HB2  sing N N 341 
TRP CB  HB3  sing N N 342 
TRP CG  CD1  doub Y N 343 
TRP CG  CD2  sing Y N 344 
TRP CD1 NE1  sing Y N 345 
TRP CD1 HD1  sing N N 346 
TRP CD2 CE2  doub Y N 347 
TRP CD2 CE3  sing Y N 348 
TRP NE1 CE2  sing Y N 349 
TRP NE1 HE1  sing N N 350 
TRP CE2 CZ2  sing Y N 351 
TRP CE3 CZ3  doub Y N 352 
TRP CE3 HE3  sing N N 353 
TRP CZ2 CH2  doub Y N 354 
TRP CZ2 HZ2  sing N N 355 
TRP CZ3 CH2  sing Y N 356 
TRP CZ3 HZ3  sing N N 357 
TRP CH2 HH2  sing N N 358 
TRP OXT HXT  sing N N 359 
TYR N   CA   sing N N 360 
TYR N   H    sing N N 361 
TYR N   H2   sing N N 362 
TYR CA  C    sing N N 363 
TYR CA  CB   sing N N 364 
TYR CA  HA   sing N N 365 
TYR C   O    doub N N 366 
TYR C   OXT  sing N N 367 
TYR CB  CG   sing N N 368 
TYR CB  HB2  sing N N 369 
TYR CB  HB3  sing N N 370 
TYR CG  CD1  doub Y N 371 
TYR CG  CD2  sing Y N 372 
TYR CD1 CE1  sing Y N 373 
TYR CD1 HD1  sing N N 374 
TYR CD2 CE2  doub Y N 375 
TYR CD2 HD2  sing N N 376 
TYR CE1 CZ   doub Y N 377 
TYR CE1 HE1  sing N N 378 
TYR CE2 CZ   sing Y N 379 
TYR CE2 HE2  sing N N 380 
TYR CZ  OH   sing N N 381 
TYR OH  HH   sing N N 382 
TYR OXT HXT  sing N N 383 
VAL N   CA   sing N N 384 
VAL N   H    sing N N 385 
VAL N   H2   sing N N 386 
VAL CA  C    sing N N 387 
VAL CA  CB   sing N N 388 
VAL CA  HA   sing N N 389 
VAL C   O    doub N N 390 
VAL C   OXT  sing N N 391 
VAL CB  CG1  sing N N 392 
VAL CB  CG2  sing N N 393 
VAL CB  HB   sing N N 394 
VAL CG1 HG11 sing N N 395 
VAL CG1 HG12 sing N N 396 
VAL CG1 HG13 sing N N 397 
VAL CG2 HG21 sing N N 398 
VAL CG2 HG22 sing N N 399 
VAL CG2 HG23 sing N N 400 
VAL OXT HXT  sing N N 401 
# 
_pdbx_audit_support.funding_organization   'Ministry of Economy and Competitiveness (MINECO)' 
_pdbx_audit_support.country                Spain 
_pdbx_audit_support.grant_number           0-BIO2016-78020-R 
_pdbx_audit_support.ordinal                1 
# 
_pdbx_initial_refinement_model.id               1 
_pdbx_initial_refinement_model.entity_id_list   ? 
_pdbx_initial_refinement_model.type             'experimental model' 
_pdbx_initial_refinement_model.source_name      PDB 
_pdbx_initial_refinement_model.accession_code   4JZ3 
_pdbx_initial_refinement_model.details          ? 
# 
_atom_sites.entry_id                    6XVO 
_atom_sites.Cartn_transf_matrix[1][1]   ? 
_atom_sites.Cartn_transf_matrix[1][2]   ? 
_atom_sites.Cartn_transf_matrix[1][3]   ? 
_atom_sites.Cartn_transf_matrix[2][1]   ? 
_atom_sites.Cartn_transf_matrix[2][2]   ? 
_atom_sites.Cartn_transf_matrix[2][3]   ? 
_atom_sites.Cartn_transf_matrix[3][1]   ? 
_atom_sites.Cartn_transf_matrix[3][2]   ? 
_atom_sites.Cartn_transf_matrix[3][3]   ? 
_atom_sites.Cartn_transf_vector[1]      ? 
_atom_sites.Cartn_transf_vector[2]      ? 
_atom_sites.Cartn_transf_vector[3]      ? 
_atom_sites.fract_transf_matrix[1][1]   -0.00576234 
_atom_sites.fract_transf_matrix[1][2]   0.02151025 
_atom_sites.fract_transf_matrix[1][3]   0.01036787 
_atom_sites.fract_transf_matrix[2][1]   -0.02039683 
_atom_sites.fract_transf_matrix[2][2]   0.01185750 
_atom_sites.fract_transf_matrix[2][3]   -0.00683807 
_atom_sites.fract_transf_matrix[3][1]   -0.00409521 
_atom_sites.fract_transf_matrix[3][2]   -0.00380477 
_atom_sites.fract_transf_matrix[3][3]   0.00561770 
_atom_sites.fract_transf_vector[1]      1.319008 
_atom_sites.fract_transf_vector[2]      1.017383 
_atom_sites.fract_transf_vector[3]      0.012448 
_atom_sites.solution_primary            ? 
_atom_sites.solution_secondary          ? 
_atom_sites.solution_hydrogens          ? 
_atom_sites.special_details             ? 
# 
loop_
_atom_type.symbol 
C 
H 
N 
O 
# 
loop_
_atom_site.group_PDB 
_atom_site.id 
_atom_site.type_symbol 
_atom_site.label_atom_id 
_atom_site.label_alt_id 
_atom_site.label_comp_id 
_atom_site.label_asym_id 
_atom_site.label_entity_id 
_atom_site.label_seq_id 
_atom_site.pdbx_PDB_ins_code 
_atom_site.Cartn_x 
_atom_site.Cartn_y 
_atom_site.Cartn_z 
_atom_site.occupancy 
_atom_site.B_iso_or_equiv 
_atom_site.pdbx_formal_charge 
_atom_site.auth_seq_id 
_atom_site.auth_comp_id 
_atom_site.auth_asym_id 
_atom_site.auth_atom_id 
_atom_site.pdbx_PDB_model_num 
ATOM   1   N N    . THR A 1 22 ? -2.566  2.044   16.801  1.00 130.29 ? 84  THR A N    1 
ATOM   2   C CA   . THR A 1 22 ? -1.956  0.760   16.471  1.00 99.45  ? 84  THR A CA   1 
ATOM   3   C C    . THR A 1 22 ? -2.984  -0.199  15.857  1.00 95.35  ? 84  THR A C    1 
ATOM   4   O O    . THR A 1 22 ? -2.644  -1.014  14.992  1.00 76.11  ? 84  THR A O    1 
ATOM   5   C CB   . THR A 1 22 ? -1.309  0.117   17.717  1.00 110.80 ? 84  THR A CB   1 
ATOM   6   O OG1  . THR A 1 22 ? -0.356  -0.872  17.308  1.00 136.31 ? 84  THR A OG1  1 
ATOM   7   C CG2  . THR A 1 22 ? -2.354  -0.528  18.606  1.00 135.96 ? 84  THR A CG2  1 
ATOM   8   H HA   . THR A 1 22 ? -1.258  0.893   15.811  1.00 119.39 ? 84  THR A HA   1 
ATOM   9   H HB   . THR A 1 22 ? -0.862  0.806   18.233  1.00 133.02 ? 84  THR A HB   1 
ATOM   10  H HG1  . THR A 1 22 ? -0.021  -1.245  17.982  1.00 163.62 ? 84  THR A HG1  1 
ATOM   11  H HG21 . THR A 1 22 ? -1.981  -0.705  19.484  1.00 163.20 ? 84  THR A HG21 1 
ATOM   12  H HG22 . THR A 1 22 ? -3.118  0.062   18.702  1.00 163.20 ? 84  THR A HG22 1 
ATOM   13  H HG23 . THR A 1 22 ? -2.651  -1.365  18.215  1.00 163.20 ? 84  THR A HG23 1 
ATOM   14  N N    . THR A 1 23 ? -4.236  -0.098  16.298  1.00 92.89  ? 85  THR A N    1 
ATOM   15  C CA   . THR A 1 23 ? -5.351  -0.851  15.731  1.00 64.21  ? 85  THR A CA   1 
ATOM   16  C C    . THR A 1 23 ? -6.270  0.131   15.010  1.00 85.70  ? 85  THR A C    1 
ATOM   17  O O    . THR A 1 23 ? -6.775  1.081   15.626  1.00 58.40  ? 85  THR A O    1 
ATOM   18  C CB   . THR A 1 23 ? -6.119  -1.605  16.821  1.00 70.24  ? 85  THR A CB   1 
ATOM   19  O OG1  . THR A 1 23 ? -5.369  -2.752  17.239  1.00 90.16  ? 85  THR A OG1  1 
ATOM   20  C CG2  . THR A 1 23 ? -7.487  -2.068  16.329  1.00 60.06  ? 85  THR A CG2  1 
ATOM   21  H H    . THR A 1 23 ? -4.471  0.418   16.945  1.00 111.53 ? 85  THR A H    1 
ATOM   22  H HA   . THR A 1 23 ? -5.019  -1.502  15.093  1.00 77.11  ? 85  THR A HA   1 
ATOM   23  H HB   . THR A 1 23 ? -6.255  -1.004  17.569  1.00 84.34  ? 85  THR A HB   1 
ATOM   24  H HG1  . THR A 1 23 ? -4.660  -2.509  17.620  1.00 108.25 ? 85  THR A HG1  1 
ATOM   25  H HG21 . THR A 1 23 ? -7.817  -2.785  16.893  1.00 72.13  ? 85  THR A HG21 1 
ATOM   26  H HG22 . THR A 1 23 ? -8.117  -1.330  16.357  1.00 72.13  ? 85  THR A HG22 1 
ATOM   27  H HG23 . THR A 1 23 ? -7.421  -2.390  15.417  1.00 72.13  ? 85  THR A HG23 1 
ATOM   28  N N    . PHE A 1 24 ? -6.487  -0.098  13.715  1.00 51.30  ? 86  PHE A N    1 
ATOM   29  C CA   . PHE A 1 24 ? -7.295  0.781   12.881  1.00 47.34  ? 86  PHE A CA   1 
ATOM   30  C C    . PHE A 1 24 ? -8.637  0.145   12.542  1.00 50.78  ? 86  PHE A C    1 
ATOM   31  O O    . PHE A 1 24 ? -8.819  -1.076  12.627  1.00 49.26  ? 86  PHE A O    1 
ATOM   32  C CB   . PHE A 1 24 ? -6.575  1.129   11.571  1.00 44.15  ? 86  PHE A CB   1 
ATOM   33  C CG   . PHE A 1 24 ? -5.329  1.907   11.755  1.00 54.71  ? 86  PHE A CG   1 
ATOM   34  C CD1  . PHE A 1 24 ? -4.179  1.287   12.191  1.00 52.93  ? 86  PHE A CD1  1 
ATOM   35  C CD2  . PHE A 1 24 ? -5.308  3.262   11.498  1.00 59.85  ? 86  PHE A CD2  1 
ATOM   36  C CE1  . PHE A 1 24 ? -3.022  2.009   12.372  1.00 56.92  ? 86  PHE A CE1  1 
ATOM   37  C CE2  . PHE A 1 24 ? -4.157  3.985   11.672  1.00 49.25  ? 86  PHE A CE2  1 
ATOM   38  C CZ   . PHE A 1 24 ? -3.009  3.350   12.118  1.00 49.45  ? 86  PHE A CZ   1 
ATOM   39  H H    . PHE A 1 24 ? -6.167  -0.774  13.290  1.00 61.62  ? 86  PHE A H    1 
ATOM   40  H HA   . PHE A 1 24 ? -7.457  1.596   13.382  1.00 56.87  ? 86  PHE A HA   1 
ATOM   41  H HB2  . PHE A 1 24 ? -6.344  0.303   11.116  1.00 53.03  ? 86  PHE A HB2  1 
ATOM   42  H HB3  . PHE A 1 24 ? -7.174  1.655   11.019  1.00 53.03  ? 86  PHE A HB3  1 
ATOM   43  H HD1  . PHE A 1 24 ? -4.184  0.374   12.366  1.00 63.57  ? 86  PHE A HD1  1 
ATOM   44  H HD2  . PHE A 1 24 ? -6.080  3.689   11.205  1.00 71.87  ? 86  PHE A HD2  1 
ATOM   45  H HE1  . PHE A 1 24 ? -2.250  1.584   12.667  1.00 68.36  ? 86  PHE A HE1  1 
ATOM   46  H HE2  . PHE A 1 24 ? -4.145  4.898   11.493  1.00 59.16  ? 86  PHE A HE2  1 
ATOM   47  H HZ   . PHE A 1 24 ? -2.227  3.838   12.244  1.00 59.40  ? 86  PHE A HZ   1 
ATOM   48  N N    . VAL A 1 25 ? -9.569  0.993   12.112  1.00 44.22  ? 87  VAL A N    1 
ATOM   49  C CA   . VAL A 1 25 ? -10.910 0.561   11.737  1.00 45.76  ? 87  VAL A CA   1 
ATOM   50  C C    . VAL A 1 25 ? -11.187 1.003   10.313  1.00 46.90  ? 87  VAL A C    1 
ATOM   51  O O    . VAL A 1 25 ? -10.903 2.142   9.939   1.00 45.60  ? 87  VAL A O    1 
ATOM   52  C CB   . VAL A 1 25 ? -11.985 1.105   12.693  1.00 56.26  ? 87  VAL A CB   1 
ATOM   53  C CG1  . VAL A 1 25 ? -13.299 0.385   12.437  1.00 57.66  ? 87  VAL A CG1  1 
ATOM   54  C CG2  . VAL A 1 25 ? -11.530 0.918   14.120  1.00 58.13  ? 87  VAL A CG2  1 
ATOM   55  H H    . VAL A 1 25 ? -9.444  1.839   12.028  1.00 53.12  ? 87  VAL A H    1 
ATOM   56  H HA   . VAL A 1 25 ? -10.944 -0.409  11.770  1.00 54.97  ? 87  VAL A HA   1 
ATOM   57  H HB   . VAL A 1 25 ? -12.126 2.053   12.542  1.00 67.56  ? 87  VAL A HB   1 
ATOM   58  H HG11 . VAL A 1 25 ? -13.955 0.687   13.086  1.00 69.25  ? 87  VAL A HG11 1 
ATOM   59  H HG12 . VAL A 1 25 ? -13.602 0.590   11.540  1.00 69.25  ? 87  VAL A HG12 1 
ATOM   60  H HG13 . VAL A 1 25 ? -13.158 -0.570  12.529  1.00 69.25  ? 87  VAL A HG13 1 
ATOM   61  H HG21 . VAL A 1 25 ? -12.276 1.090   14.715  1.00 69.82  ? 87  VAL A HG21 1 
ATOM   62  H HG22 . VAL A 1 25 ? -11.218 0.007   14.235  1.00 69.82  ? 87  VAL A HG22 1 
ATOM   63  H HG23 . VAL A 1 25 ? -10.808 1.540   14.306  1.00 69.82  ? 87  VAL A HG23 1 
ATOM   64  N N    . ALA A 1 26 ? -11.751 0.098   9.523   1.00 47.85  ? 88  ALA A N    1 
ATOM   65  C CA   . ALA A 1 26 ? -12.038 0.427   8.136   1.00 48.16  ? 88  ALA A CA   1 
ATOM   66  C C    . ALA A 1 26 ? -13.234 1.368   8.056   1.00 46.88  ? 88  ALA A C    1 
ATOM   67  O O    . ALA A 1 26 ? -14.279 1.116   8.648   1.00 50.68  ? 88  ALA A O    1 
ATOM   68  C CB   . ALA A 1 26 ? -12.321 -0.844  7.347   1.00 49.41  ? 88  ALA A CB   1 
ATOM   69  H H    . ALA A 1 26 ? -11.973 -0.698  9.762   1.00 57.47  ? 88  ALA A H    1 
ATOM   70  H HA   . ALA A 1 26 ? -11.270 0.871   7.744   1.00 57.85  ? 88  ALA A HA   1 
ATOM   71  H HB1  . ALA A 1 26 ? -12.526 -0.606  6.429   1.00 59.35  ? 88  ALA A HB1  1 
ATOM   72  H HB2  . ALA A 1 26 ? -11.537 -1.414  7.374   1.00 59.35  ? 88  ALA A HB2  1 
ATOM   73  H HB3  . ALA A 1 26 ? -13.077 -1.302  7.746   1.00 59.35  ? 88  ALA A HB3  1 
ATOM   74  N N    . LEU A 1 27 ? -13.104 2.450   7.295   1.00 44.85  ? 89  LEU A N    1 
ATOM   75  C CA   . LEU A 1 27 ? -14.258 3.336   7.161   1.00 50.71  ? 89  LEU A CA   1 
ATOM   76  C C    . LEU A 1 27 ? -15.157 2.950   5.996   1.00 53.44  ? 89  LEU A C    1 
ATOM   77  O O    . LEU A 1 27 ? -16.302 3.416   5.934   1.00 49.57  ? 89  LEU A O    1 
ATOM   78  C CB   . LEU A 1 27 ? -13.789 4.775   6.969   1.00 44.78  ? 89  LEU A CB   1 
ATOM   79  C CG   . LEU A 1 27 ? -12.741 5.258   7.958   1.00 83.54  ? 89  LEU A CG   1 
ATOM   80  C CD1  . LEU A 1 27 ? -12.151 6.549   7.434   1.00 74.71  ? 89  LEU A CD1  1 
ATOM   81  C CD2  . LEU A 1 27 ? -13.394 5.423   9.300   1.00 71.28  ? 89  LEU A CD2  1 
ATOM   82  H H    . LEU A 1 27 ? -12.395 2.682   6.867   1.00 53.87  ? 89  LEU A H    1 
ATOM   83  H HA   . LEU A 1 27 ? -14.784 3.296   7.975   1.00 60.90  ? 89  LEU A HA   1 
ATOM   84  H HB2  . LEU A 1 27 ? -13.407 4.855   6.082   1.00 53.46  ? 89  LEU A HB2  1 
ATOM   85  H HB3  . LEU A 1 27 ? -14.558 5.359   7.054   1.00 53.46  ? 89  LEU A HB3  1 
ATOM   86  H HG   . LEU A 1 27 ? -12.012 4.627   8.067   1.00 100.31 ? 89  LEU A HG   1 
ATOM   87  H HD11 . LEU A 1 27 ? -11.508 6.886   8.077   1.00 89.71  ? 89  LEU A HD11 1 
ATOM   88  H HD12 . LEU A 1 27 ? -11.711 6.373   6.587   1.00 89.71  ? 89  LEU A HD12 1 
ATOM   89  H HD13 . LEU A 1 27 ? -12.864 7.194   7.309   1.00 89.71  ? 89  LEU A HD13 1 
ATOM   90  H HD21 . LEU A 1 27 ? -12.749 5.796   9.921   1.00 85.60  ? 89  LEU A HD21 1 
ATOM   91  H HD22 . LEU A 1 27 ? -14.151 6.022   9.212   1.00 85.60  ? 89  LEU A HD22 1 
ATOM   92  H HD23 . LEU A 1 27 ? -13.693 4.555   9.615   1.00 85.60  ? 89  LEU A HD23 1 
ATOM   93  N N    . TYR A 1 28 ? -14.653 2.118   5.081   1.00 45.48  ? 90  TYR A N    1 
ATOM   94  C CA   . TYR A 1 28 ? -15.322 1.788   3.835   1.00 50.86  ? 90  TYR A CA   1 
ATOM   95  C C    . TYR A 1 28 ? -15.035 0.344   3.487   1.00 43.91  ? 90  TYR A C    1 
ATOM   96  O O    . TYR A 1 28 ? -14.031 -0.226  3.925   1.00 49.54  ? 90  TYR A O    1 
ATOM   97  C CB   . TYR A 1 28 ? -14.831 2.647   2.657   1.00 46.71  ? 90  TYR A CB   1 
ATOM   98  C CG   . TYR A 1 28 ? -14.800 4.113   2.954   1.00 52.10  ? 90  TYR A CG   1 
ATOM   99  C CD1  . TYR A 1 28 ? -13.648 4.710   3.445   1.00 56.99  ? 90  TYR A CD1  1 
ATOM   100 C CD2  . TYR A 1 28 ? -15.918 4.901   2.751   1.00 47.66  ? 90  TYR A CD2  1 
ATOM   101 C CE1  . TYR A 1 28 ? -13.606 6.053   3.721   1.00 51.51  ? 90  TYR A CE1  1 
ATOM   102 C CE2  . TYR A 1 28 ? -15.888 6.237   3.018   1.00 50.14  ? 90  TYR A CE2  1 
ATOM   103 C CZ   . TYR A 1 28 ? -14.740 6.821   3.508   1.00 50.09  ? 90  TYR A CZ   1 
ATOM   104 O OH   . TYR A 1 28 ? -14.735 8.158   3.780   1.00 52.26  ? 90  TYR A OH   1 
ATOM   105 H H    . TYR A 1 28 ? -13.897 1.720   5.169   1.00 54.63  ? 90  TYR A H    1 
ATOM   106 H HA   . TYR A 1 28 ? -16.274 1.927   3.962   1.00 61.08  ? 90  TYR A HA   1 
ATOM   107 H HB2  . TYR A 1 28 ? -13.931 2.373   2.423   1.00 56.10  ? 90  TYR A HB2  1 
ATOM   108 H HB3  . TYR A 1 28 ? -15.425 2.511   1.901   1.00 56.10  ? 90  TYR A HB3  1 
ATOM   109 H HD1  . TYR A 1 28 ? -12.891 4.190   3.589   1.00 68.44  ? 90  TYR A HD1  1 
ATOM   110 H HD2  . TYR A 1 28 ? -16.699 4.515   2.429   1.00 56.92  ? 90  TYR A HD2  1 
ATOM   111 H HE1  . TYR A 1 28 ? -12.828 6.443   4.047   1.00 61.87  ? 90  TYR A HE1  1 
ATOM   112 H HE2  . TYR A 1 28 ? -16.645 6.756   2.867   1.00 59.89  ? 90  TYR A HE2  1 
ATOM   113 H HH   . TYR A 1 28 ? -15.496 8.483   3.636   1.00 62.43  ? 90  TYR A HH   1 
ATOM   114 N N    . ASP A 1 29 ? -15.923 -0.261  2.702   1.00 51.60  ? 91  ASP A N    1 
ATOM   115 C CA   . ASP A 1 29 ? -15.580 -1.523  2.071   1.00 46.05  ? 91  ASP A CA   1 
ATOM   116 C C    . ASP A 1 29 ? -14.437 -1.296  1.090   1.00 44.32  ? 91  ASP A C    1 
ATOM   117 O O    . ASP A 1 29 ? -14.364 -0.249  0.426   1.00 45.07  ? 91  ASP A O    1 
ATOM   118 C CB   . ASP A 1 29 ? -16.759 -2.119  1.302   1.00 57.06  ? 91  ASP A CB   1 
ATOM   119 C CG   . ASP A 1 29 ? -17.914 -2.524  2.185   1.00 66.65  ? 91  ASP A CG   1 
ATOM   120 O OD1  . ASP A 1 29 ? -17.779 -2.498  3.429   1.00 48.71  ? 91  ASP A OD1  1 
ATOM   121 O OD2  . ASP A 1 29 ? -18.967 -2.886  1.620   1.00 94.74  ? 91  ASP A OD2  1 
ATOM   122 H H    . ASP A 1 29 ? -16.710 0.035   2.524   1.00 61.98  ? 91  ASP A H    1 
ATOM   123 H HA   . ASP A 1 29 ? -15.329 -2.154  2.765   1.00 55.32  ? 91  ASP A HA   1 
ATOM   124 H HB2  . ASP A 1 29 ? -17.085 -1.460  0.670   1.00 68.53  ? 91  ASP A HB2  1 
ATOM   125 H HB3  . ASP A 1 29 ? -16.456 -2.910  0.829   1.00 68.53  ? 91  ASP A HB3  1 
ATOM   126 N N    . TYR A 1 30 ? -13.554 -2.276  0.990   1.00 42.65  ? 92  TYR A N    1 
ATOM   127 C CA   . TYR A 1 30 ? -12.569 -2.323  -0.075  1.00 39.58  ? 92  TYR A CA   1 
ATOM   128 C C    . TYR A 1 30 ? -12.528 -3.726  -0.655  1.00 37.50  ? 92  TYR A C    1 
ATOM   129 O O    . TYR A 1 30 ? -12.439 -4.711  0.084   1.00 37.86  ? 92  TYR A O    1 
ATOM   130 C CB   . TYR A 1 30 ? -11.165 -1.910  0.423   1.00 36.09  ? 92  TYR A CB   1 
ATOM   131 C CG   . TYR A 1 30 ? -10.142 -2.057  -0.659  1.00 39.06  ? 92  TYR A CG   1 
ATOM   132 C CD1  . TYR A 1 30 ? -10.069 -1.131  -1.677  1.00 36.39  ? 92  TYR A CD1  1 
ATOM   133 C CD2  . TYR A 1 30 ? -9.280  -3.131  -0.688  1.00 39.03  ? 92  TYR A CD2  1 
ATOM   134 C CE1  . TYR A 1 30 ? -9.160  -1.281  -2.723  1.00 37.65  ? 92  TYR A CE1  1 
ATOM   135 C CE2  . TYR A 1 30 ? -8.355  -3.278  -1.720  1.00 33.34  ? 92  TYR A CE2  1 
ATOM   136 C CZ   . TYR A 1 30 ? -8.285  -2.361  -2.695  1.00 35.64  ? 92  TYR A CZ   1 
ATOM   137 O OH   . TYR A 1 30 ? -7.375  -2.478  -3.757  1.00 38.09  ? 92  TYR A OH   1 
ATOM   138 H H    . TYR A 1 30 ? -13.506 -2.938  1.537   1.00 51.24  ? 92  TYR A H    1 
ATOM   139 H HA   . TYR A 1 30 ? -12.832 -1.706  -0.776  1.00 47.55  ? 92  TYR A HA   1 
ATOM   140 H HB2  . TYR A 1 30 ? -11.184 -0.982  0.703   1.00 43.37  ? 92  TYR A HB2  1 
ATOM   141 H HB3  . TYR A 1 30 ? -10.908 -2.477  1.167   1.00 43.37  ? 92  TYR A HB3  1 
ATOM   142 H HD1  . TYR A 1 30 ? -10.635 -0.394  -1.667  1.00 43.73  ? 92  TYR A HD1  1 
ATOM   143 H HD2  . TYR A 1 30 ? -9.316  -3.766  -0.008  1.00 46.89  ? 92  TYR A HD2  1 
ATOM   144 H HE1  . TYR A 1 30 ? -9.138  -0.671  -3.424  1.00 45.24  ? 92  TYR A HE1  1 
ATOM   145 H HE2  . TYR A 1 30 ? -7.787  -4.014  -1.732  1.00 40.07  ? 92  TYR A HE2  1 
ATOM   146 H HH   . TYR A 1 30 ? -6.995  -3.226  -3.727  1.00 45.77  ? 92  TYR A HH   1 
ATOM   147 N N    . GLU A 1 31 ? -12.563 -3.808  -1.980  1.00 45.01  ? 93  GLU A N    1 
ATOM   148 C CA   . GLU A 1 31 ? -12.498 -5.068  -2.706  1.00 42.36  ? 93  GLU A CA   1 
ATOM   149 C C    . GLU A 1 31 ? -11.123 -5.201  -3.354  1.00 39.01  ? 93  GLU A C    1 
ATOM   150 O O    . GLU A 1 31 ? -10.662 -4.288  -4.054  1.00 44.94  ? 93  GLU A O    1 
ATOM   151 C CB   . GLU A 1 31 ? -13.618 -5.123  -3.751  1.00 67.14  ? 93  GLU A CB   1 
ATOM   152 C CG   . GLU A 1 31 ? -13.572 -6.292  -4.709  1.00 114.23 ? 93  GLU A CG   1 
ATOM   153 C CD   . GLU A 1 31 ? -14.484 -6.081  -5.909  1.00 146.74 ? 93  GLU A CD   1 
ATOM   154 O OE1  . GLU A 1 31 ? -14.851 -4.918  -6.183  1.00 156.15 ? 93  GLU A OE1  1 
ATOM   155 O OE2  . GLU A 1 31 ? -14.834 -7.075  -6.579  1.00 156.45 ? 93  GLU A OE2  1 
ATOM   156 H H    . GLU A 1 31 ? -12.625 -3.123  -2.497  1.00 54.07  ? 93  GLU A H    1 
ATOM   157 H HA   . GLU A 1 31 ? -12.609 -5.821  -2.103  1.00 50.89  ? 93  GLU A HA   1 
ATOM   158 H HB2  . GLU A 1 31 ? -14.467 -5.167  -3.284  1.00 80.63  ? 93  GLU A HB2  1 
ATOM   159 H HB3  . GLU A 1 31 ? -13.575 -4.314  -4.285  1.00 80.63  ? 93  GLU A HB3  1 
ATOM   160 H HG2  . GLU A 1 31 ? -12.664 -6.402  -5.033  1.00 137.14 ? 93  GLU A HG2  1 
ATOM   161 H HG3  . GLU A 1 31 ? -13.859 -7.095  -4.246  1.00 137.14 ? 93  GLU A HG3  1 
ATOM   162 N N    . SER A 1 32 ? -10.496 -6.348  -3.134  1.00 43.75  ? 94  SER A N    1 
ATOM   163 C CA   . SER A 1 32 ? -9.139  -6.555  -3.599  1.00 40.57  ? 94  SER A CA   1 
ATOM   164 C C    . SER A 1 32 ? -9.097  -6.535  -5.115  1.00 50.26  ? 94  SER A C    1 
ATOM   165 O O    . SER A 1 32 ? -9.936  -7.134  -5.790  1.00 47.17  ? 94  SER A O    1 
ATOM   166 C CB   . SER A 1 32 ? -8.593  -7.882  -3.090  1.00 40.17  ? 94  SER A CB   1 
ATOM   167 O OG   . SER A 1 32 ? -9.440  -8.962  -3.427  1.00 70.55  ? 94  SER A OG   1 
ATOM   168 H H    . SER A 1 32 ? -10.835 -7.021  -2.718  1.00 52.55  ? 94  SER A H    1 
ATOM   169 H HA   . SER A 1 32 ? -8.574  -5.844  -3.257  1.00 48.74  ? 94  SER A HA   1 
ATOM   170 H HB2  . SER A 1 32 ? -7.720  -8.034  -3.487  1.00 48.25  ? 94  SER A HB2  1 
ATOM   171 H HB3  . SER A 1 32 ? -8.514  -7.837  -2.124  1.00 48.25  ? 94  SER A HB3  1 
ATOM   172 H HG   . SER A 1 32 ? -10.186 -8.868  -3.053  1.00 84.72  ? 94  SER A HG   1 
ATOM   173 N N    . ARG A 1 33 ? -8.100  -5.856  -5.644  1.00 43.08  ? 95  ARG A N    1 
ATOM   174 C CA   . ARG A 1 33 ? -7.880  -5.767  -7.082  1.00 44.88  ? 95  ARG A CA   1 
ATOM   175 C C    . ARG A 1 33 ? -6.739  -6.644  -7.551  1.00 48.21  ? 95  ARG A C    1 
ATOM   176 O O    . ARG A 1 33 ? -6.619  -6.873  -8.761  1.00 50.71  ? 95  ARG A O    1 
ATOM   177 C CB   . ARG A 1 33 ? -7.635  -4.308  -7.454  1.00 53.20  ? 95  ARG A CB   1 
ATOM   178 C CG   . ARG A 1 33 ? -8.747  -3.427  -6.904  1.00 75.46  ? 95  ARG A CG   1 
ATOM   179 C CD   . ARG A 1 33 ? -8.598  -1.988  -7.294  1.00 61.39  ? 95  ARG A CD   1 
ATOM   180 N NE   . ARG A 1 33 ? -7.337  -1.433  -6.824  1.00 47.57  ? 95  ARG A NE   1 
ATOM   181 C CZ   . ARG A 1 33 ? -7.180  -0.171  -6.427  1.00 71.23  ? 95  ARG A CZ   1 
ATOM   182 N NH1  . ARG A 1 33 ? -8.213  0.681   -6.424  1.00 48.62  ? 95  ARG A NH1  1 
ATOM   183 N NH2  . ARG A 1 33 ? -5.975  0.228   -6.033  1.00 68.50  ? 95  ARG A NH2  1 
ATOM   184 H H    . ARG A 1 33 ? -7.518  -5.423  -5.182  1.00 51.75  ? 95  ARG A H    1 
ATOM   185 H HA   . ARG A 1 33 ? -8.668  -6.062  -7.565  1.00 53.91  ? 95  ARG A HA   1 
ATOM   186 H HB2  . ARG A 1 33 ? -6.791  -4.014  -7.076  1.00 63.90  ? 95  ARG A HB2  1 
ATOM   187 H HB3  . ARG A 1 33 ? -7.616  -4.218  -8.419  1.00 63.90  ? 95  ARG A HB3  1 
ATOM   188 H HG2  . ARG A 1 33 ? -9.599  -3.742  -7.246  1.00 90.60  ? 95  ARG A HG2  1 
ATOM   189 H HG3  . ARG A 1 33 ? -8.741  -3.477  -5.936  1.00 90.60  ? 95  ARG A HG3  1 
ATOM   190 H HD2  . ARG A 1 33 ? -8.623  -1.914  -8.260  1.00 73.72  ? 95  ARG A HD2  1 
ATOM   191 H HD3  . ARG A 1 33 ? -9.322  -1.474  -6.903  1.00 73.72  ? 95  ARG A HD3  1 
ATOM   192 H HE   . ARG A 1 33 ? -6.652  -1.952  -6.802  1.00 57.14  ? 95  ARG A HE   1 
ATOM   193 H HH11 . ARG A 1 33 ? -8.990  0.415   -6.681  1.00 58.40  ? 95  ARG A HH11 1 
ATOM   194 H HH12 . ARG A 1 33 ? -8.101  1.494   -6.167  1.00 58.40  ? 95  ARG A HH12 1 
ATOM   195 H HH21 . ARG A 1 33 ? -5.316  -0.326  -6.038  1.00 82.26  ? 95  ARG A HH21 1 
ATOM   196 H HH22 . ARG A 1 33 ? -5.853  1.038   -5.774  1.00 82.26  ? 95  ARG A HH22 1 
ATOM   197 N N    . THR A 1 34 ? -5.900  -7.133  -6.642  1.00 45.61  ? 96  THR A N    1 
ATOM   198 C CA   . THR A 1 34 ? -4.809  -8.011  -7.028  1.00 43.08  ? 96  THR A CA   1 
ATOM   199 C C    . THR A 1 34 ? -4.717  -9.151  -6.021  1.00 47.83  ? 96  THR A C    1 
ATOM   200 O O    . THR A 1 34 ? -5.560  -9.292  -5.130  1.00 48.14  ? 96  THR A O    1 
ATOM   201 C CB   . THR A 1 34 ? -3.472  -7.266  -7.124  1.00 49.61  ? 96  THR A CB   1 
ATOM   202 O OG1  . THR A 1 34 ? -2.919  -7.088  -5.812  1.00 35.36  ? 96  THR A OG1  1 
ATOM   203 C CG2  . THR A 1 34 ? -3.652  -5.922  -7.805  1.00 51.64  ? 96  THR A CG2  1 
ATOM   204 H H    . THR A 1 34 ? -5.946  -6.969  -5.799  1.00 54.79  ? 96  THR A H    1 
ATOM   205 H HA   . THR A 1 34 ? -5.033  -8.364  -7.902  1.00 51.75  ? 96  THR A HA   1 
ATOM   206 H HB   . THR A 1 34 ? -2.851  -7.785  -7.659  1.00 59.59  ? 96  THR A HB   1 
ATOM   207 H HG1  . THR A 1 34 ? -2.197  -6.661  -5.860  1.00 42.49  ? 96  THR A HG1  1 
ATOM   208 H HG21 . THR A 1 34 ? -4.129  -6.035  -8.643  1.00 62.02  ? 96  THR A HG21 1 
ATOM   209 H HG22 . THR A 1 34 ? -4.159  -5.325  -7.233  1.00 62.02  ? 96  THR A HG22 1 
ATOM   210 H HG23 . THR A 1 34 ? -2.786  -5.524  -7.988  1.00 62.02  ? 96  THR A HG23 1 
ATOM   211 N N    . GLU A 1 35 ? -3.689  -9.980  -6.183  1.00 44.70  ? 97  GLU A N    1 
ATOM   212 C CA   . GLU A 1 35 ? -3.452  -11.075 -5.250  1.00 60.93  ? 97  GLU A CA   1 
ATOM   213 C C    . GLU A 1 35 ? -2.731  -10.618 -3.986  1.00 36.00  ? 97  GLU A C    1 
ATOM   214 O O    . GLU A 1 35 ? -2.599  -11.406 -3.043  1.00 38.84  ? 97  GLU A O    1 
ATOM   215 C CB   . GLU A 1 35 ? -2.642  -12.188 -5.923  1.00 111.10 ? 97  GLU A CB   1 
ATOM   216 H H    . GLU A 1 35 ? -3.117  -9.929  -6.824  1.00 53.70  ? 97  GLU A H    1 
ATOM   217 H HA   . GLU A 1 35 ? -4.310  -11.449 -4.994  1.00 73.18  ? 97  GLU A HA   1 
ATOM   218 N N    A THR A 1 36 ? -2.241  -9.379  -3.931  0.56 30.35  ? 98  THR A N    1 
ATOM   219 N N    B THR A 1 36 ? -2.321  -9.349  -3.926  0.44 29.97  ? 98  THR A N    1 
ATOM   220 C CA   A THR A 1 36 ? -1.482  -8.970  -2.766  0.56 24.91  ? 98  THR A CA   1 
ATOM   221 C CA   B THR A 1 36 ? -1.578  -8.824  -2.798  0.44 28.78  ? 98  THR A CA   1 
ATOM   222 C C    A THR A 1 36 ? -2.234  -8.032  -1.838  0.56 23.69  ? 98  THR A C    1 
ATOM   223 C C    B THR A 1 36 ? -2.356  -7.798  -1.983  0.44 28.24  ? 98  THR A C    1 
ATOM   224 O O    A THR A 1 36 ? -1.756  -7.803  -0.717  0.56 24.34  ? 98  THR A O    1 
ATOM   225 O O    B THR A 1 36 ? -1.860  -7.354  -0.935  0.44 26.45  ? 98  THR A O    1 
ATOM   226 C CB   A THR A 1 36 ? -0.158  -8.299  -3.172  0.56 30.52  ? 98  THR A CB   1 
ATOM   227 C CB   B THR A 1 36 ? -0.272  -8.197  -3.299  0.44 29.95  ? 98  THR A CB   1 
ATOM   228 O OG1  A THR A 1 36 ? -0.396  -7.135  -3.977  0.56 34.10  ? 98  THR A OG1  1 
ATOM   229 O OG1  B THR A 1 36 ? -0.540  -7.276  -4.376  0.44 25.86  ? 98  THR A OG1  1 
ATOM   230 C CG2  A THR A 1 36 ? 0.719   -9.299  -3.934  0.56 27.79  ? 98  THR A CG2  1 
ATOM   231 C CG2  B THR A 1 36 ? 0.661   -9.287  -3.826  0.44 32.11  ? 98  THR A CG2  1 
ATOM   232 H H    A THR A 1 36 ? -2.335  -8.781  -4.541  0.56 36.47  ? 98  THR A H    1 
ATOM   233 H H    B THR A 1 36 ? -2.468  -8.767  -4.543  0.44 36.02  ? 98  THR A H    1 
ATOM   234 H HA   A THR A 1 36 ? -1.262  -9.773  -2.268  0.56 29.94  ? 98  THR A HA   1 
ATOM   235 H HA   B THR A 1 36 ? -1.352  -9.551  -2.196  0.44 34.59  ? 98  THR A HA   1 
ATOM   236 H HB   A THR A 1 36 ? 0.313   -8.014  -2.374  0.56 36.68  ? 98  THR A HB   1 
ATOM   237 H HB   B THR A 1 36 ? 0.154   -7.724  -2.567  0.44 36.00  ? 98  THR A HB   1 
ATOM   238 H HG1  A THR A 1 36 ? -0.836  -6.569  -3.539  0.56 40.98  ? 98  THR A HG1  1 
ATOM   239 H HG1  B THR A 1 36 ? -0.971  -6.615  -4.089  0.44 31.09  ? 98  THR A HG1  1 
ATOM   240 H HG21 A THR A 1 36 ? 1.559   -8.882  -4.180  0.56 33.40  ? 98  THR A HG21 1 
ATOM   241 H HG21 B THR A 1 36 ? 1.509   -8.899  -4.092  0.44 38.59  ? 98  THR A HG21 1 
ATOM   242 H HG22 A THR A 1 36 ? 0.902   -10.071 -3.376  0.56 33.40  ? 98  THR A HG22 1 
ATOM   243 H HG22 B THR A 1 36 ? 0.822   -9.948  -3.135  0.44 38.59  ? 98  THR A HG22 1 
ATOM   244 H HG23 A THR A 1 36 ? 0.265   -9.593  -4.739  0.56 33.40  ? 98  THR A HG23 1 
ATOM   245 H HG23 B THR A 1 36 ? 0.260   -9.725  -4.593  0.44 38.59  ? 98  THR A HG23 1 
ATOM   246 N N    A ASP A 1 37 ? -3.359  -7.460  -2.274  0.56 30.83  ? 99  ASP A N    1 
ATOM   247 N N    B ASP A 1 37 ? -3.533  -7.382  -2.446  0.44 21.57  ? 99  ASP A N    1 
ATOM   248 C CA   A ASP A 1 37 ? -4.073  -6.535  -1.415  0.56 28.10  ? 99  ASP A CA   1 
ATOM   249 C CA   B ASP A 1 37 ? -4.356  -6.508  -1.633  0.44 22.03  ? 99  ASP A CA   1 
ATOM   250 C C    A ASP A 1 37 ? -5.110  -7.288  -0.601  0.56 30.72  ? 99  ASP A C    1 
ATOM   251 C C    B ASP A 1 37 ? -4.991  -7.336  -0.517  0.44 30.31  ? 99  ASP A C    1 
ATOM   252 O O    A ASP A 1 37 ? -5.497  -8.415  -0.915  0.56 24.39  ? 99  ASP A O    1 
ATOM   253 O O    B ASP A 1 37 ? -4.925  -8.568  -0.506  0.44 30.07  ? 99  ASP A O    1 
ATOM   254 C CB   A ASP A 1 37 ? -4.755  -5.401  -2.177  0.56 23.47  ? 99  ASP A CB   1 
ATOM   255 C CB   B ASP A 1 37 ? -5.436  -5.822  -2.457  0.44 24.99  ? 99  ASP A CB   1 
ATOM   256 C CG   A ASP A 1 37 ? -5.506  -5.857  -3.408  0.56 32.75  ? 99  ASP A CG   1 
ATOM   257 C CG   B ASP A 1 37 ? -4.875  -4.873  -3.488  0.44 38.55  ? 99  ASP A CG   1 
ATOM   258 O OD1  A ASP A 1 37 ? -5.384  -7.031  -3.811  0.56 33.01  ? 99  ASP A OD1  1 
ATOM   259 O OD1  B ASP A 1 37 ? -3.657  -4.613  -3.461  0.44 34.18  ? 99  ASP A OD1  1 
ATOM   260 O OD2  A ASP A 1 37 ? -6.212  -5.009  -3.987  0.56 34.58  ? 99  ASP A OD2  1 
ATOM   261 O OD2  B ASP A 1 37 ? -5.667  -4.392  -4.320  0.44 39.22  ? 99  ASP A OD2  1 
ATOM   262 H H    A ASP A 1 37 ? -3.714  -7.593  -3.046  0.56 37.06  ? 99  ASP A H    1 
ATOM   263 H H    B ASP A 1 37 ? -3.866  -7.590  -3.212  0.44 25.61  ? 99  ASP A H    1 
ATOM   264 H HA   A ASP A 1 37 ? -3.422  -6.117  -0.828  0.56 33.77  ? 99  ASP A HA   1 
ATOM   265 H HA   B ASP A 1 37 ? -3.805  -5.805  -1.254  0.44 26.16  ? 99  ASP A HA   1 
ATOM   266 H HB2  A ASP A 1 37 ? -5.391  -4.968  -1.587  0.56 27.89  ? 99  ASP A HB2  1 
ATOM   267 H HB2  B ASP A 1 37 ? -5.954  -6.498  -2.923  0.44 30.05  ? 99  ASP A HB2  1 
ATOM   268 H HB3  A ASP A 1 37 ? -4.080  -4.766  -2.461  0.56 27.89  ? 99  ASP A HB3  1 
ATOM   269 H HB3  B ASP A 1 37 ? -6.011  -5.314  -1.864  0.44 30.05  ? 99  ASP A HB3  1 
ATOM   270 N N    . LEU A 1 38 ? -5.528  -6.646  0.469   1.00 25.75  ? 100 LEU A N    1 
ATOM   271 C CA   . LEU A 1 38 ? -6.455  -7.213  1.438   1.00 24.60  ? 100 LEU A CA   1 
ATOM   272 C C    . LEU A 1 38 ? -7.827  -6.621  1.216   1.00 32.49  ? 100 LEU A C    1 
ATOM   273 O O    . LEU A 1 38 ? -7.968  -5.392  1.228   1.00 32.56  ? 100 LEU A O    1 
ATOM   274 C CB   . LEU A 1 38 ? -5.974  -6.883  2.841   1.00 27.32  ? 100 LEU A CB   1 
ATOM   275 C CG   . LEU A 1 38 ? -6.869  -7.315  3.998   1.00 27.06  ? 100 LEU A CG   1 
ATOM   276 C CD1  . LEU A 1 38 ? -7.011  -8.772  4.059   1.00 26.98  ? 100 LEU A CD1  1 
ATOM   277 C CD2  . LEU A 1 38 ? -6.254  -6.768  5.266   1.00 31.45  ? 100 LEU A CD2  1 
ATOM   278 H H    . LEU A 1 38 ? -5.283  -5.846  0.671   1.00 30.96  ? 100 LEU A H    1 
ATOM   279 H HA   . LEU A 1 38 ? -6.518  -8.175  1.331   1.00 29.58  ? 100 LEU A HA   1 
ATOM   280 H HB2  . LEU A 1 38 ? -5.115  -7.314  2.971   1.00 32.84  ? 100 LEU A HB2  1 
ATOM   281 H HB3  . LEU A 1 38 ? -5.876  -5.919  2.903   1.00 32.84  ? 100 LEU A HB3  1 
ATOM   282 H HG   . LEU A 1 38 ? -7.768  -6.969  3.884   1.00 32.53  ? 100 LEU A HG   1 
ATOM   283 H HD11 . LEU A 1 38 ? -7.499  -9.008  4.864   1.00 32.43  ? 100 LEU A HD11 1 
ATOM   284 H HD12 . LEU A 1 38 ? -7.496  -9.075  3.277   1.00 32.43  ? 100 LEU A HD12 1 
ATOM   285 H HD13 . LEU A 1 38 ? -6.128  -9.175  4.078   1.00 32.43  ? 100 LEU A HD13 1 
ATOM   286 H HD21 . LEU A 1 38 ? -6.778  -7.068  6.026   1.00 37.80  ? 100 LEU A HD21 1 
ATOM   287 H HD22 . LEU A 1 38 ? -5.344  -7.094  5.342   1.00 37.80  ? 100 LEU A HD22 1 
ATOM   288 H HD23 . LEU A 1 38 ? -6.255  -5.799  5.225   1.00 37.80  ? 100 LEU A HD23 1 
ATOM   289 N N    . SER A 1 39 ? -8.825  -7.486  1.034   1.00 32.44  ? 101 SER A N    1 
ATOM   290 C CA   . SER A 1 39 ? -10.212 -7.059  1.004   1.00 33.75  ? 101 SER A CA   1 
ATOM   291 C C    . SER A 1 39 ? -10.698 -6.883  2.433   1.00 29.87  ? 101 SER A C    1 
ATOM   292 O O    . SER A 1 39 ? -10.335 -7.677  3.324   1.00 35.47  ? 101 SER A O    1 
ATOM   293 C CB   . SER A 1 39 ? -11.096 -8.106  0.321   1.00 46.88  ? 101 SER A CB   1 
ATOM   294 O OG   . SER A 1 39 ? -10.784 -8.244  -1.054  1.00 49.93  ? 101 SER A OG   1 
ATOM   295 H H    . SER A 1 39 ? -8.719  -8.333  0.924   1.00 38.99  ? 101 SER A H    1 
ATOM   296 H HA   . SER A 1 39 ? -10.285 -6.228  0.508   1.00 40.55  ? 101 SER A HA   1 
ATOM   297 H HB2  . SER A 1 39 ? -10.960 -8.962  0.759   1.00 56.32  ? 101 SER A HB2  1 
ATOM   298 H HB3  . SER A 1 39 ? -12.023 -7.835  0.405   1.00 56.32  ? 101 SER A HB3  1 
ATOM   299 H HG   . SER A 1 39 ? -11.252 -8.852  -1.396  1.00 59.97  ? 101 SER A HG   1 
ATOM   300 N N    . PHE A 1 40 ? -11.546 -5.889  2.650   1.00 32.17  ? 102 PHE A N    1 
ATOM   301 C CA   . PHE A 1 40 ? -12.122 -5.738  3.980   1.00 40.52  ? 102 PHE A CA   1 
ATOM   302 C C    . PHE A 1 40 ? -13.456 -5.022  3.872   1.00 39.68  ? 102 PHE A C    1 
ATOM   303 O O    . PHE A 1 40 ? -13.782 -4.432  2.846   1.00 38.51  ? 102 PHE A O    1 
ATOM   304 C CB   . PHE A 1 40 ? -11.188 -4.964  4.919   1.00 34.26  ? 102 PHE A CB   1 
ATOM   305 C CG   . PHE A 1 40 ? -10.675 -3.662  4.338   1.00 32.45  ? 102 PHE A CG   1 
ATOM   306 C CD1  . PHE A 1 40 ? -9.445  -3.611  3.765   1.00 36.32  ? 102 PHE A CD1  1 
ATOM   307 C CD2  . PHE A 1 40 ? -11.424 -2.493  4.400   1.00 37.12  ? 102 PHE A CD2  1 
ATOM   308 C CE1  . PHE A 1 40 ? -8.949  -2.435  3.252   1.00 32.83  ? 102 PHE A CE1  1 
ATOM   309 C CE2  . PHE A 1 40 ? -10.924 -1.316  3.899   1.00 41.02  ? 102 PHE A CE2  1 
ATOM   310 C CZ   . PHE A 1 40 ? -9.688  -1.290  3.314   1.00 41.91  ? 102 PHE A CZ   1 
ATOM   311 H H    . PHE A 1 40 ? -11.796 -5.308  2.067   1.00 38.66  ? 102 PHE A H    1 
ATOM   312 H HA   . PHE A 1 40 ? -12.276 -6.620  4.356   1.00 48.68  ? 102 PHE A HA   1 
ATOM   313 H HB2  . PHE A 1 40 ? -11.670 -4.753  5.735   1.00 41.17  ? 102 PHE A HB2  1 
ATOM   314 H HB3  . PHE A 1 40 ? -10.419 -5.519  5.123   1.00 41.17  ? 102 PHE A HB3  1 
ATOM   315 H HD1  . PHE A 1 40 ? -8.929  -4.383  3.720   1.00 43.64  ? 102 PHE A HD1  1 
ATOM   316 H HD2  . PHE A 1 40 ? -12.270 -2.507  4.785   1.00 44.60  ? 102 PHE A HD2  1 
ATOM   317 H HE1  . PHE A 1 40 ? -8.106  -2.420  2.859   1.00 39.45  ? 102 PHE A HE1  1 
ATOM   318 H HE2  . PHE A 1 40 ? -11.426 -0.536  3.958   1.00 49.28  ? 102 PHE A HE2  1 
ATOM   319 H HZ   . PHE A 1 40 ? -9.355  -0.497  2.961   1.00 50.34  ? 102 PHE A HZ   1 
ATOM   320 N N    . LYS A 1 41 ? -14.259 -5.142  4.926   1.00 40.55  ? 103 LYS A N    1 
ATOM   321 C CA   . LYS A 1 41 ? -15.587 -4.547  4.944   1.00 46.13  ? 103 LYS A CA   1 
ATOM   322 C C    . LYS A 1 41 ? -15.570 -3.401  5.942   1.00 49.57  ? 103 LYS A C    1 
ATOM   323 O O    . LYS A 1 41 ? -14.768 -3.398  6.874   1.00 41.77  ? 103 LYS A O    1 
ATOM   324 C CB   . LYS A 1 41 ? -16.663 -5.587  5.299   1.00 40.36  ? 103 LYS A CB   1 
ATOM   325 C CG   . LYS A 1 41 ? -16.902 -6.566  4.122   1.00 57.58  ? 103 LYS A CG   1 
ATOM   326 C CD   . LYS A 1 41 ? -18.198 -7.355  4.217   1.00 103.95 ? 103 LYS A CD   1 
ATOM   327 C CE   . LYS A 1 41 ? -17.940 -8.866  4.206   1.00 131.94 ? 103 LYS A CE   1 
ATOM   328 N NZ   . LYS A 1 41 ? -18.942 -9.624  5.013   1.00 148.53 ? 103 LYS A NZ   1 
ATOM   329 H H    . LYS A 1 41 ? -14.053 -5.568  5.645   1.00 48.72  ? 103 LYS A H    1 
ATOM   330 H HA   . LYS A 1 41 ? -15.829 -4.197  4.073   1.00 55.41  ? 103 LYS A HA   1 
ATOM   331 H HB2  . LYS A 1 41 ? -16.375 -6.098  6.072   1.00 48.48  ? 103 LYS A HB2  1 
ATOM   332 H HB3  . LYS A 1 41 ? -17.498 -5.132  5.494   1.00 48.48  ? 103 LYS A HB3  1 
ATOM   333 H HG2  . LYS A 1 41 ? -16.927 -6.059  3.296   1.00 69.15  ? 103 LYS A HG2  1 
ATOM   334 H HG3  . LYS A 1 41 ? -16.171 -7.205  4.098   1.00 69.15  ? 103 LYS A HG3  1 
ATOM   335 H HD2  . LYS A 1 41 ? -18.652 -7.130  5.045   1.00 124.79 ? 103 LYS A HD2  1 
ATOM   336 H HD3  . LYS A 1 41 ? -18.763 -7.137  3.459   1.00 124.79 ? 103 LYS A HD3  1 
ATOM   337 H HE2  . LYS A 1 41 ? -17.984 -9.187  3.291   1.00 158.39 ? 103 LYS A HE2  1 
ATOM   338 H HE3  . LYS A 1 41 ? -17.061 -9.040  4.576   1.00 158.39 ? 103 LYS A HE3  1 
ATOM   339 H HZ1  . LYS A 1 41 ? -18.744 -10.492 5.007   1.00 178.29 ? 103 LYS A HZ1  1 
ATOM   340 H HZ2  . LYS A 1 41 ? -18.938 -9.333  5.855   1.00 178.29 ? 103 LYS A HZ2  1 
ATOM   341 H HZ3  . LYS A 1 41 ? -19.756 -9.512  4.672   1.00 178.29 ? 103 LYS A HZ3  1 
ATOM   342 N N    . LYS A 1 42 ? -16.419 -2.402  5.706   1.00 41.30  ? 104 LYS A N    1 
ATOM   343 C CA   . LYS A 1 42 ? -16.566 -1.313  6.654   1.00 45.25  ? 104 LYS A CA   1 
ATOM   344 C C    . LYS A 1 42 ? -16.704 -1.861  8.071   1.00 54.74  ? 104 LYS A C    1 
ATOM   345 O O    . LYS A 1 42 ? -17.487 -2.779  8.310   1.00 56.21  ? 104 LYS A O    1 
ATOM   346 C CB   . LYS A 1 42 ? -17.800 -0.495  6.298   1.00 55.58  ? 104 LYS A CB   1 
ATOM   347 C CG   . LYS A 1 42 ? -17.887 0.803   7.035   1.00 59.27  ? 104 LYS A CG   1 
ATOM   348 C CD   . LYS A 1 42 ? -19.165 1.501   6.689   1.00 83.22  ? 104 LYS A CD   1 
ATOM   349 C CE   . LYS A 1 42 ? -19.664 2.337   7.830   1.00 87.18  ? 104 LYS A CE   1 
ATOM   350 N NZ   . LYS A 1 42 ? -21.138 2.262   7.815   1.00 80.70  ? 104 LYS A NZ   1 
ATOM   351 H H    . LYS A 1 42 ? -16.914 -2.336  5.007   1.00 49.61  ? 104 LYS A H    1 
ATOM   352 H HA   . LYS A 1 42 ? -15.786 -0.739  6.615   1.00 54.36  ? 104 LYS A HA   1 
ATOM   353 H HB2  . LYS A 1 42 ? -17.781 -0.297  5.348   1.00 66.75  ? 104 LYS A HB2  1 
ATOM   354 H HB3  . LYS A 1 42 ? -18.592 -1.013  6.513   1.00 66.75  ? 104 LYS A HB3  1 
ATOM   355 H HG2  . LYS A 1 42 ? -17.871 0.638   7.991   1.00 71.17  ? 104 LYS A HG2  1 
ATOM   356 H HG3  . LYS A 1 42 ? -17.143 1.372   6.785   1.00 71.17  ? 104 LYS A HG3  1 
ATOM   357 H HD2  . LYS A 1 42 ? -19.017 2.083   5.927   1.00 99.91  ? 104 LYS A HD2  1 
ATOM   358 H HD3  . LYS A 1 42 ? -19.844 0.841   6.475   1.00 99.91  ? 104 LYS A HD3  1 
ATOM   359 H HE2  . LYS A 1 42 ? -19.331 1.990   8.672   1.00 104.67 ? 104 LYS A HE2  1 
ATOM   360 H HE3  . LYS A 1 42 ? -19.385 3.259   7.718   1.00 104.67 ? 104 LYS A HE3  1 
ATOM   361 H HZ1  . LYS A 1 42 ? -21.475 2.789   8.449   1.00 96.90  ? 104 LYS A HZ1  1 
ATOM   362 H HZ2  . LYS A 1 42 ? -21.448 2.527   7.024   1.00 96.90  ? 104 LYS A HZ2  1 
ATOM   363 H HZ3  . LYS A 1 42 ? -21.402 1.425   7.963   1.00 96.90  ? 104 LYS A HZ3  1 
ATOM   364 N N    . GLY A 1 43 ? -15.953 -1.279  9.011   1.00 48.81  ? 105 GLY A N    1 
ATOM   365 C CA   . GLY A 1 43 ? -16.000 -1.712  10.396  1.00 47.96  ? 105 GLY A CA   1 
ATOM   366 C C    . GLY A 1 43 ? -14.978 -2.753  10.793  1.00 45.68  ? 105 GLY A C    1 
ATOM   367 O O    . GLY A 1 43 ? -14.874 -3.074  11.989  1.00 52.79  ? 105 GLY A O    1 
ATOM   368 H H    . GLY A 1 43 ? -15.407 -0.631  8.864   1.00 58.63  ? 105 GLY A H    1 
ATOM   369 H HA2  . GLY A 1 43 ? -15.865 -0.938  10.964  1.00 57.61  ? 105 GLY A HA2  1 
ATOM   370 H HA3  . GLY A 1 43 ? -16.878 -2.083  10.573  1.00 57.61  ? 105 GLY A HA3  1 
ATOM   371 N N    . GLU A 1 44 ? -14.232 -3.323  9.848   1.00 48.93  ? 106 GLU A N    1 
ATOM   372 C CA   . GLU A 1 44 ? -13.249 -4.324  10.234  1.00 44.90  ? 106 GLU A CA   1 
ATOM   373 C C    . GLU A 1 44 ? -12.098 -3.682  11.001  1.00 43.29  ? 106 GLU A C    1 
ATOM   374 O O    . GLU A 1 44 ? -11.753 -2.517  10.795  1.00 40.86  ? 106 GLU A O    1 
ATOM   375 C CB   . GLU A 1 44 ? -12.686 -5.047  9.015   1.00 50.52  ? 106 GLU A CB   1 
ATOM   376 C CG   . GLU A 1 44 ? -13.500 -6.224  8.583   1.00 45.09  ? 106 GLU A CG   1 
ATOM   377 C CD   . GLU A 1 44 ? -12.818 -7.051  7.532   1.00 46.53  ? 106 GLU A CD   1 
ATOM   378 O OE1  . GLU A 1 44 ? -11.596 -7.354  7.679   1.00 38.65  ? 106 GLU A OE1  1 
ATOM   379 O OE2  . GLU A 1 44 ? -13.505 -7.430  6.559   1.00 44.79  ? 106 GLU A OE2  1 
ATOM   380 H H    . GLU A 1 44 ? -14.276 -3.152  9.006   1.00 58.77  ? 106 GLU A H    1 
ATOM   381 H HA   . GLU A 1 44 ? -13.687 -4.978  10.801  1.00 53.94  ? 106 GLU A HA   1 
ATOM   382 H HB2  . GLU A 1 44 ? -12.649 -4.424  8.273   1.00 60.68  ? 106 GLU A HB2  1 
ATOM   383 H HB3  . GLU A 1 44 ? -11.795 -5.365  9.227   1.00 60.68  ? 106 GLU A HB3  1 
ATOM   384 H HG2  . GLU A 1 44 ? -13.666 -6.793  9.351   1.00 54.16  ? 106 GLU A HG2  1 
ATOM   385 H HG3  . GLU A 1 44 ? -14.341 -5.909  8.216   1.00 54.16  ? 106 GLU A HG3  1 
ATOM   386 N N    . ARG A 1 45 ? -11.485 -4.463  11.879  1.00 40.75  ? 107 ARG A N    1 
ATOM   387 C CA   . ARG A 1 45 ? -10.368 -4.008  12.706  1.00 41.53  ? 107 ARG A CA   1 
ATOM   388 C C    . ARG A 1 45 ? -9.063  -4.562  12.122  1.00 41.82  ? 107 ARG A C    1 
ATOM   389 O O    . ARG A 1 45 ? -8.937  -5.767  11.880  1.00 39.99  ? 107 ARG A O    1 
ATOM   390 C CB   . ARG A 1 45 ? -10.584 -4.427  14.156  1.00 56.41  ? 107 ARG A CB   1 
ATOM   391 C CG   . ARG A 1 45 ? -11.840 -3.770  14.742  1.00 77.68  ? 107 ARG A CG   1 
ATOM   392 C CD   . ARG A 1 45 ? -12.116 -4.201  16.186  1.00 88.76  ? 107 ARG A CD   1 
ATOM   393 N NE   . ARG A 1 45 ? -11.206 -3.550  17.122  1.00 94.13  ? 107 ARG A NE   1 
ATOM   394 C CZ   . ARG A 1 45 ? -10.343 -4.187  17.914  1.00 102.05 ? 107 ARG A CZ   1 
ATOM   395 N NH1  . ARG A 1 45 ? -10.257 -5.516  17.909  1.00 91.19  ? 107 ARG A NH1  1 
ATOM   396 N NH2  . ARG A 1 45 ? -9.561  -3.484  18.720  1.00 118.67 ? 107 ARG A NH2  1 
ATOM   397 H H    . ARG A 1 45 ? -11.701 -5.284  12.020  1.00 48.96  ? 107 ARG A H    1 
ATOM   398 H HA   . ARG A 1 45 ? -10.295 -3.041  12.699  1.00 49.89  ? 107 ARG A HA   1 
ATOM   399 H HB2  . ARG A 1 45 ? -10.692 -5.390  14.199  1.00 67.75  ? 107 ARG A HB2  1 
ATOM   400 H HB3  . ARG A 1 45 ? -9.818  -4.156  14.686  1.00 67.75  ? 107 ARG A HB3  1 
ATOM   401 H HG2  . ARG A 1 45 ? -11.726 -2.808  14.733  1.00 93.27  ? 107 ARG A HG2  1 
ATOM   402 H HG3  . ARG A 1 45 ? -12.607 -4.019  14.204  1.00 93.27  ? 107 ARG A HG3  1 
ATOM   403 H HD2  . ARG A 1 45 ? -13.024 -3.958  16.425  1.00 106.56 ? 107 ARG A HD2  1 
ATOM   404 H HD3  . ARG A 1 45 ? -11.999 -5.161  16.263  1.00 106.56 ? 107 ARG A HD3  1 
ATOM   405 H HE   . ARG A 1 45 ? -11.227 -2.692  17.166  1.00 113.01 ? 107 ARG A HE   1 
ATOM   406 H HH11 . ARG A 1 45 ? -10.764 -5.978  17.390  1.00 109.48 ? 107 ARG A HH11 1 
ATOM   407 H HH12 . ARG A 1 45 ? -9.696  -5.911  18.425  1.00 109.48 ? 107 ARG A HH12 1 
ATOM   408 H HH21 . ARG A 1 45 ? -9.614  -2.626  18.730  1.00 142.46 ? 107 ARG A HH21 1 
ATOM   409 H HH22 . ARG A 1 45 ? -9.001  -3.886  19.235  1.00 142.46 ? 107 ARG A HH22 1 
ATOM   410 N N    . LEU A 1 46 ? -8.108  -3.668  11.895  1.00 40.32  ? 108 LEU A N    1 
ATOM   411 C CA   . LEU A 1 46 ? -6.894  -3.978  11.128  1.00 32.54  ? 108 LEU A CA   1 
ATOM   412 C C    . LEU A 1 46 ? -5.690  -3.548  11.969  1.00 44.76  ? 108 LEU A C    1 
ATOM   413 O O    . LEU A 1 46 ? -5.745  -2.521  12.653  1.00 58.18  ? 108 LEU A O    1 
ATOM   414 C CB   . LEU A 1 46 ? -6.935  -3.233  9.786   1.00 32.35  ? 108 LEU A CB   1 
ATOM   415 C CG   . LEU A 1 46 ? -7.992  -3.675  8.790   1.00 46.03  ? 108 LEU A CG   1 
ATOM   416 C CD1  . LEU A 1 46 ? -8.212  -2.624  7.718   1.00 46.37  ? 108 LEU A CD1  1 
ATOM   417 C CD2  . LEU A 1 46 ? -7.528  -4.944  8.130   1.00 55.81  ? 108 LEU A CD2  1 
ATOM   418 H H    . LEU A 1 46 ? -8.135  -2.857  12.179  1.00 48.43  ? 108 LEU A H    1 
ATOM   419 H HA   . LEU A 1 46 ? -6.804  -4.925  10.941  1.00 38.77  ? 108 LEU A HA   1 
ATOM   420 H HB2  . LEU A 1 46 ? -7.092  -2.294  9.969   1.00 38.88  ? 108 LEU A HB2  1 
ATOM   421 H HB3  . LEU A 1 46 ? -6.074  -3.348  9.354   1.00 38.88  ? 108 LEU A HB3  1 
ATOM   422 H HG   . LEU A 1 46 ? -8.830  -3.812  9.259   1.00 55.29  ? 108 LEU A HG   1 
ATOM   423 H HD11 . LEU A 1 46 ? -8.797  -2.988  7.035   1.00 55.70  ? 108 LEU A HD11 1 
ATOM   424 H HD12 . LEU A 1 46 ? -8.620  -1.843  8.122   1.00 55.70  ? 108 LEU A HD12 1 
ATOM   425 H HD13 . LEU A 1 46 ? -7.356  -2.387  7.329   1.00 55.70  ? 108 LEU A HD13 1 
ATOM   426 H HD21 . LEU A 1 46 ? -8.292  -5.392  7.734   1.00 67.03  ? 108 LEU A HD21 1 
ATOM   427 H HD22 . LEU A 1 46 ? -6.881  -4.724  7.441   1.00 67.03  ? 108 LEU A HD22 1 
ATOM   428 H HD23 . LEU A 1 46 ? -7.118  -5.517  8.797   1.00 67.03  ? 108 LEU A HD23 1 
ATOM   429 N N    . GLN A 1 47 ? -4.629  -4.346  11.933  1.00 47.13  ? 109 GLN A N    1 
ATOM   430 C CA   . GLN A 1 47 ? -3.344  -3.973  12.513  1.00 41.58  ? 109 GLN A CA   1 
ATOM   431 C C    . GLN A 1 47 ? -2.308  -3.821  11.410  1.00 42.11  ? 109 GLN A C    1 
ATOM   432 O O    . GLN A 1 47 ? -2.157  -4.720  10.566  1.00 42.31  ? 109 GLN A O    1 
ATOM   433 C CB   . GLN A 1 47 ? -2.864  -5.019  13.509  1.00 58.71  ? 109 GLN A CB   1 
ATOM   434 C CG   . GLN A 1 47 ? -3.870  -5.320  14.566  1.00 114.61 ? 109 GLN A CG   1 
ATOM   435 C CD   . GLN A 1 47 ? -3.217  -5.876  15.794  1.00 109.48 ? 109 GLN A CD   1 
ATOM   436 O OE1  . GLN A 1 47 ? -2.416  -6.808  15.712  1.00 109.89 ? 109 GLN A OE1  1 
ATOM   437 N NE2  . GLN A 1 47 ? -3.544  -5.305  16.946  1.00 121.60 ? 109 GLN A NE2  1 
ATOM   438 H H    . GLN A 1 47 ? -4.630  -5.125  11.570  1.00 56.61  ? 109 GLN A H    1 
ATOM   439 H HA   . GLN A 1 47 ? -3.444  -3.124  12.972  1.00 49.96  ? 109 GLN A HA   1 
ATOM   440 H HB2  . GLN A 1 47 ? -2.674  -5.842  13.033  1.00 70.51  ? 109 GLN A HB2  1 
ATOM   441 H HB3  . GLN A 1 47 ? -2.061  -4.693  13.944  1.00 70.51  ? 109 GLN A HB3  1 
ATOM   442 H HG2  . GLN A 1 47 ? -4.334  -4.504  14.810  1.00 137.59 ? 109 GLN A HG2  1 
ATOM   443 H HG3  . GLN A 1 47 ? -4.502  -5.975  14.232  1.00 137.59 ? 109 GLN A HG3  1 
ATOM   444 H HE21 . GLN A 1 47 ? -4.101  -4.651  16.958  1.00 145.98 ? 109 GLN A HE21 1 
ATOM   445 H HE22 . GLN A 1 47 ? -3.196  -5.589  17.679  1.00 145.98 ? 109 GLN A HE22 1 
ATOM   446 N N    . ILE A 1 48 ? -1.552  -2.755  11.459  1.00 55.24  ? 110 ILE A N    1 
ATOM   447 C CA   . ILE A 1 48 ? -0.545  -2.519  10.436  1.00 53.55  ? 110 ILE A CA   1 
ATOM   448 C C    . ILE A 1 48 ? 0.654   -3.406  10.709  1.00 45.10  ? 110 ILE A C    1 
ATOM   449 O O    . ILE A 1 48 ? 1.010   -3.652  11.869  1.00 53.29  ? 110 ILE A O    1 
ATOM   450 C CB   . ILE A 1 48 ? -0.126  -1.037  10.390  1.00 67.80  ? 110 ILE A CB   1 
ATOM   451 C CG1  . ILE A 1 48 ? -1.321  -0.157  10.023  1.00 71.23  ? 110 ILE A CG1  1 
ATOM   452 C CG2  . ILE A 1 48 ? 1.035   -0.848  9.415   1.00 64.19  ? 110 ILE A CG2  1 
ATOM   453 C CD1  . ILE A 1 48 ? -2.378  -0.819  9.131   1.00 83.39  ? 110 ILE A CD1  1 
ATOM   454 H H    . ILE A 1 48 ? -1.595  -2.150  12.068  1.00 66.35  ? 110 ILE A H    1 
ATOM   455 H HA   . ILE A 1 48 ? -0.925  -2.748  9.573   1.00 64.31  ? 110 ILE A HA   1 
ATOM   456 H HB   . ILE A 1 48 ? 0.178   -0.767  11.271  1.00 81.42  ? 110 ILE A HB   1 
ATOM   457 H HG12 . ILE A 1 48 ? -1.764  0.114   10.843  1.00 85.53  ? 110 ILE A HG12 1 
ATOM   458 H HG13 . ILE A 1 48 ? -0.992  0.624   9.551   1.00 85.53  ? 110 ILE A HG13 1 
ATOM   459 H HG21 . ILE A 1 48 ? 1.149   0.099   9.241   1.00 77.08  ? 110 ILE A HG21 1 
ATOM   460 H HG22 . ILE A 1 48 ? 1.842   -1.212  9.811   1.00 77.08  ? 110 ILE A HG22 1 
ATOM   461 H HG23 . ILE A 1 48 ? 0.832   -1.315  8.589   1.00 77.08  ? 110 ILE A HG23 1 
ATOM   462 H HD11 . ILE A 1 48 ? -3.027  -0.150  8.860   1.00 100.13 ? 110 ILE A HD11 1 
ATOM   463 H HD12 . ILE A 1 48 ? -1.942  -1.192  8.348   1.00 100.13 ? 110 ILE A HD12 1 
ATOM   464 H HD13 . ILE A 1 48 ? -2.818  -1.524  9.630   1.00 100.13 ? 110 ILE A HD13 1 
ATOM   465 N N    . VAL A 1 49 ? 1.305   -3.863  9.657   1.00 99.89  ? 111 VAL A N    1 
ATOM   466 C CA   . VAL A 1 49 ? 2.452   -4.740  9.791   1.00 69.44  ? 111 VAL A CA   1 
ATOM   467 C C    . VAL A 1 49 ? 3.709   -3.949  9.452   1.00 103.44 ? 111 VAL A C    1 
ATOM   468 O O    . VAL A 1 49 ? 3.954   -3.621  8.285   1.00 99.19  ? 111 VAL A O    1 
ATOM   469 C CB   . VAL A 1 49 ? 2.309   -5.984  8.907   1.00 71.42  ? 111 VAL A CB   1 
ATOM   470 C CG1  . VAL A 1 49 ? 3.600   -6.743  8.891   1.00 70.50  ? 111 VAL A CG1  1 
ATOM   471 C CG2  . VAL A 1 49 ? 1.170   -6.842  9.421   1.00 79.89  ? 111 VAL A CG2  1 
ATOM   472 H H    . VAL A 1 49 ? 1.099   -3.675  8.844   1.00 119.92 ? 111 VAL A H    1 
ATOM   473 H HA   . VAL A 1 49 ? 2.530   -5.024  10.716  1.00 83.38  ? 111 VAL A HA   1 
ATOM   474 H HB   . VAL A 1 49 ? 2.106   -5.727  7.995   1.00 85.76  ? 111 VAL A HB   1 
ATOM   475 H HG11 . VAL A 1 49 ? 3.448   -7.615  8.495   1.00 84.66  ? 111 VAL A HG11 1 
ATOM   476 H HG12 . VAL A 1 49 ? 4.250   -6.250  8.365   1.00 84.66  ? 111 VAL A HG12 1 
ATOM   477 H HG13 . VAL A 1 49 ? 3.919   -6.843  9.801   1.00 84.66  ? 111 VAL A HG13 1 
ATOM   478 H HG21 . VAL A 1 49 ? 1.177   -7.692  8.952   1.00 95.92  ? 111 VAL A HG21 1 
ATOM   479 H HG22 . VAL A 1 49 ? 1.288   -6.988  10.373  1.00 95.92  ? 111 VAL A HG22 1 
ATOM   480 H HG23 . VAL A 1 49 ? 0.331   -6.383  9.260   1.00 95.92  ? 111 VAL A HG23 1 
ATOM   481 N N    . ASN A 1 50 ? 4.474   -3.616  10.499  1.00 123.96 ? 112 ASN A N    1 
ATOM   482 C CA   . ASN A 1 50 ? 5.860   -3.181  10.322  1.00 98.76  ? 112 ASN A CA   1 
ATOM   483 C C    . ASN A 1 50 ? 6.574   -4.141  9.369   1.00 85.63  ? 112 ASN A C    1 
ATOM   484 O O    . ASN A 1 50 ? 6.442   -5.352  9.504   1.00 97.25  ? 112 ASN A O    1 
ATOM   485 C CB   . ASN A 1 50 ? 6.553   -3.171  11.696  1.00 148.82 ? 112 ASN A CB   1 
ATOM   486 H H    . ASN A 1 50 ? 4.214   -3.634  11.319  1.00 148.80 ? 112 ASN A H    1 
ATOM   487 H HA   . ASN A 1 50 ? 5.901   -2.286  9.950   1.00 118.57 ? 112 ASN A HA   1 
ATOM   488 N N    . ASN A 1 51 ? 7.284   -3.577  8.400   1.00 82.99  ? 113 ASN A N    1 
ATOM   489 C CA   . ASN A 1 51 ? 8.121   -4.435  7.557   1.00 68.04  ? 113 ASN A CA   1 
ATOM   490 C C    . ASN A 1 51 ? 9.155   -3.580  6.844   1.00 72.11  ? 113 ASN A C    1 
ATOM   491 O O    . ASN A 1 51 ? 9.117   -2.347  6.894   1.00 89.25  ? 113 ASN A O    1 
ATOM   492 C CB   . ASN A 1 51 ? 7.292   -5.264  6.566   1.00 66.91  ? 113 ASN A CB   1 
ATOM   493 C CG   . ASN A 1 51 ? 6.934   -4.499  5.314   1.00 78.00  ? 113 ASN A CG   1 
ATOM   494 O OD1  . ASN A 1 51 ? 6.453   -3.367  5.377   1.00 103.31 ? 113 ASN A OD1  1 
ATOM   495 N ND2  . ASN A 1 51 ? 7.146   -5.124  4.167   1.00 78.46  ? 113 ASN A ND2  1 
ATOM   496 H H    . ASN A 1 51 ? 7.301   -2.738  8.214   1.00 99.64  ? 113 ASN A H    1 
ATOM   497 H HA   . ASN A 1 51 ? 8.596   -5.055  8.132   1.00 81.70  ? 113 ASN A HA   1 
ATOM   498 H HB2  . ASN A 1 51 ? 7.803   -6.044  6.303   1.00 80.35  ? 113 ASN A HB2  1 
ATOM   499 H HB3  . ASN A 1 51 ? 6.467   -5.537  6.995   1.00 80.35  ? 113 ASN A HB3  1 
ATOM   500 H HD21 . ASN A 1 51 ? 6.959   -4.733  3.424   1.00 94.21  ? 113 ASN A HD21 1 
ATOM   501 H HD22 . ASN A 1 51 ? 7.470   -5.920  4.165   1.00 94.21  ? 113 ASN A HD22 1 
ATOM   502 N N    . THR A 1 52 ? 10.090  -4.264  6.184   1.00 58.06  ? 114 THR A N    1 
ATOM   503 C CA   . THR A 1 52 ? 11.311  -3.621  5.717   1.00 69.30  ? 114 THR A CA   1 
ATOM   504 C C    . THR A 1 52 ? 11.074  -2.767  4.484   1.00 57.06  ? 114 THR A C    1 
ATOM   505 O O    . THR A 1 52 ? 11.861  -1.852  4.207   1.00 71.81  ? 114 THR A O    1 
ATOM   506 C CB   . THR A 1 52 ? 12.398  -4.663  5.409   1.00 77.91  ? 114 THR A CB   1 
ATOM   507 O OG1  . THR A 1 52 ? 11.862  -5.741  4.631   1.00 62.31  ? 114 THR A OG1  1 
ATOM   508 C CG2  . THR A 1 52 ? 12.991  -5.231  6.691   1.00 95.77  ? 114 THR A CG2  1 
ATOM   509 H H    . THR A 1 52 ? 10.038  -5.102  5.995   1.00 69.73  ? 114 THR A H    1 
ATOM   510 H HA   . THR A 1 52 ? 11.647  -3.054  6.429   1.00 83.22  ? 114 THR A HA   1 
ATOM   511 H HB   . THR A 1 52 ? 13.104  -4.225  4.908   1.00 93.55  ? 114 THR A HB   1 
ATOM   512 H HG1  . THR A 1 52 ? 12.467  -6.293  4.449   1.00 74.83  ? 114 THR A HG1  1 
ATOM   513 H HG21 . THR A 1 52 ? 13.643  -5.917  6.479   1.00 114.97 ? 114 THR A HG21 1 
ATOM   514 H HG22 . THR A 1 52 ? 13.426  -4.527  7.196   1.00 114.97 ? 114 THR A HG22 1 
ATOM   515 H HG23 . THR A 1 52 ? 12.290  -5.622  7.236   1.00 114.97 ? 114 THR A HG23 1 
ATOM   516 N N    . GLU A 1 53 ? 9.999   -3.037  3.742   1.00 51.38  ? 115 GLU A N    1 
ATOM   517 C CA   . GLU A 1 53 ? 9.753   -2.291  2.521   1.00 39.81  ? 115 GLU A CA   1 
ATOM   518 C C    . GLU A 1 53 ? 9.306   -0.865  2.805   1.00 49.56  ? 115 GLU A C    1 
ATOM   519 O O    . GLU A 1 53 ? 9.492   0.015   1.962   1.00 42.07  ? 115 GLU A O    1 
ATOM   520 C CB   . GLU A 1 53 ? 8.695   -3.006  1.672   1.00 45.22  ? 115 GLU A CB   1 
ATOM   521 C CG   . GLU A 1 53 ? 8.873   -4.507  1.557   1.00 75.89  ? 115 GLU A CG   1 
ATOM   522 C CD   . GLU A 1 53 ? 7.603   -5.194  1.095   1.00 79.91  ? 115 GLU A CD   1 
ATOM   523 O OE1  . GLU A 1 53 ? 6.486   -4.751  1.503   1.00 48.10  ? 115 GLU A OE1  1 
ATOM   524 O OE2  . GLU A 1 53 ? 7.728   -6.166  0.315   1.00 77.33  ? 115 GLU A OE2  1 
ATOM   525 H H    . GLU A 1 53 ? 9.412   -3.638  3.924   1.00 61.71  ? 115 GLU A H    1 
ATOM   526 H HA   . GLU A 1 53 ? 10.580  -2.252  2.015   1.00 47.82  ? 115 GLU A HA   1 
ATOM   527 H HB2  . GLU A 1 53 ? 7.824   -2.846  2.069   1.00 54.32  ? 115 GLU A HB2  1 
ATOM   528 H HB3  . GLU A 1 53 ? 8.723   -2.641  0.775   1.00 54.32  ? 115 GLU A HB3  1 
ATOM   529 H HG2  . GLU A 1 53 ? 9.573   -4.697  0.911   1.00 91.13  ? 115 GLU A HG2  1 
ATOM   530 H HG3  . GLU A 1 53 ? 9.115   -4.867  2.424   1.00 91.13  ? 115 GLU A HG3  1 
ATOM   531 N N    . GLY A 1 54 ? 8.706   -0.624  3.963   1.00 52.63  ? 116 GLY A N    1 
ATOM   532 C CA   . GLY A 1 54 ? 8.066   0.642   4.246   1.00 51.19  ? 116 GLY A CA   1 
ATOM   533 C C    . GLY A 1 54 ? 6.694   0.735   3.592   1.00 41.84  ? 116 GLY A C    1 
ATOM   534 O O    . GLY A 1 54 ? 6.214   -0.176  2.910   1.00 48.66  ? 116 GLY A O    1 
ATOM   535 H H    . GLY A 1 54 ? 8.657   -1.189  4.610   1.00 63.21  ? 116 GLY A H    1 
ATOM   536 H HA2  . GLY A 1 54 ? 7.959   0.744   5.205   1.00 61.48  ? 116 GLY A HA2  1 
ATOM   537 H HA3  . GLY A 1 54 ? 8.618   1.365   3.911   1.00 61.48  ? 116 GLY A HA3  1 
ATOM   538 N N    . ASP A 1 55 ? 6.045   1.867   3.843   1.00 44.25  ? 117 ASP A N    1 
ATOM   539 C CA   . ASP A 1 55 ? 4.809   2.182   3.144   1.00 39.32  ? 117 ASP A CA   1 
ATOM   540 C C    . ASP A 1 55 ? 5.070   2.161   1.647   1.00 44.67  ? 117 ASP A C    1 
ATOM   541 O O    . ASP A 1 55 ? 6.181   2.446   1.192   1.00 40.99  ? 117 ASP A O    1 
ATOM   542 C CB   . ASP A 1 55 ? 4.306   3.573   3.528   1.00 58.20  ? 117 ASP A CB   1 
ATOM   543 C CG   . ASP A 1 55 ? 3.968   3.702   4.996   1.00 62.66  ? 117 ASP A CG   1 
ATOM   544 O OD1  . ASP A 1 55 ? 3.936   2.664   5.702   1.00 54.35  ? 117 ASP A OD1  1 
ATOM   545 O OD2  . ASP A 1 55 ? 3.721   4.850   5.424   1.00 75.53  ? 117 ASP A OD2  1 
ATOM   546 H H    . ASP A 1 55 ? 6.298   2.463   4.409   1.00 53.15  ? 117 ASP A H    1 
ATOM   547 H HA   . ASP A 1 55 ? 4.127   1.535   3.382   1.00 47.24  ? 117 ASP A HA   1 
ATOM   548 H HB2  . ASP A 1 55 ? 4.995   4.225   3.324   1.00 69.90  ? 117 ASP A HB2  1 
ATOM   549 H HB3  . ASP A 1 55 ? 3.504   3.769   3.020   1.00 69.90  ? 117 ASP A HB3  1 
ATOM   550 N N    . TRP A 1 56 ? 4.027   1.909   0.878   1.00 32.05  ? 118 TRP A N    1 
ATOM   551 C CA   . TRP A 1 56 ? 4.134   1.917   -0.566  1.00 31.59  ? 118 TRP A CA   1 
ATOM   552 C C    . TRP A 1 56 ? 3.463   3.158   -1.106  1.00 37.28  ? 118 TRP A C    1 
ATOM   553 O O    . TRP A 1 56 ? 2.410   3.574   -0.620  1.00 36.70  ? 118 TRP A O    1 
ATOM   554 C CB   . TRP A 1 56 ? 3.486   0.679   -1.171  1.00 36.76  ? 118 TRP A CB   1 
ATOM   555 C CG   . TRP A 1 56 ? 4.290   -0.546  -0.902  1.00 36.14  ? 118 TRP A CG   1 
ATOM   556 C CD1  . TRP A 1 56 ? 4.515   -1.132  0.302   1.00 41.33  ? 118 TRP A CD1  1 
ATOM   557 C CD2  . TRP A 1 56 ? 4.964   -1.337  -1.870  1.00 26.81  ? 118 TRP A CD2  1 
ATOM   558 N NE1  . TRP A 1 56 ? 5.312   -2.234  0.142   1.00 36.74  ? 118 TRP A NE1  1 
ATOM   559 C CE2  . TRP A 1 56 ? 5.588   -2.382  -1.193  1.00 32.39  ? 118 TRP A CE2  1 
ATOM   560 C CE3  . TRP A 1 56 ? 5.099   -1.259  -3.241  1.00 33.18  ? 118 TRP A CE3  1 
ATOM   561 C CZ2  . TRP A 1 56 ? 6.332   -3.355  -1.861  1.00 28.76  ? 118 TRP A CZ2  1 
ATOM   562 C CZ3  . TRP A 1 56 ? 5.858   -2.210  -3.910  1.00 32.10  ? 118 TRP A CZ3  1 
ATOM   563 C CH2  . TRP A 1 56 ? 6.438   -3.253  -3.219  1.00 31.42  ? 118 TRP A CH2  1 
ATOM   564 H H    . TRP A 1 56 ? 3.239   1.728   1.173   1.00 38.52  ? 118 TRP A H    1 
ATOM   565 H HA   . TRP A 1 56 ? 5.068   1.925   -0.827  1.00 37.96  ? 118 TRP A HA   1 
ATOM   566 H HB2  . TRP A 1 56 ? 2.605   0.558   -0.786  1.00 44.17  ? 118 TRP A HB2  1 
ATOM   567 H HB3  . TRP A 1 56 ? 3.414   0.793   -2.133  1.00 44.17  ? 118 TRP A HB3  1 
ATOM   568 H HD1  . TRP A 1 56 ? 4.179   -0.829  1.115   1.00 49.66  ? 118 TRP A HD1  1 
ATOM   569 H HE1  . TRP A 1 56 ? 5.591   -2.747  0.773   1.00 44.14  ? 118 TRP A HE1  1 
ATOM   570 H HE3  . TRP A 1 56 ? 4.685   -0.574  -3.714  1.00 39.87  ? 118 TRP A HE3  1 
ATOM   571 H HZ2  . TRP A 1 56 ? 6.742   -4.050  -1.398  1.00 34.57  ? 118 TRP A HZ2  1 
ATOM   572 H HZ3  . TRP A 1 56 ? 5.975   -2.143  -4.830  1.00 38.57  ? 118 TRP A HZ3  1 
ATOM   573 H HH2  . TRP A 1 56 ? 6.912   -3.901  -3.688  1.00 37.75  ? 118 TRP A HH2  1 
ATOM   574 N N    . TRP A 1 57 ? 4.085   3.735   -2.123  1.00 29.71  ? 119 TRP A N    1 
ATOM   575 C CA   . TRP A 1 57 ? 3.634   4.961   -2.749  1.00 35.01  ? 119 TRP A CA   1 
ATOM   576 C C    . TRP A 1 57 ? 3.426   4.720   -4.237  1.00 37.73  ? 119 TRP A C    1 
ATOM   577 O O    . TRP A 1 57 ? 4.153   3.946   -4.860  1.00 29.52  ? 119 TRP A O    1 
ATOM   578 C CB   . TRP A 1 57 ? 4.678   6.041   -2.589  1.00 31.34  ? 119 TRP A CB   1 
ATOM   579 C CG   . TRP A 1 57 ? 5.095   6.400   -1.259  1.00 36.32  ? 119 TRP A CG   1 
ATOM   580 C CD1  . TRP A 1 57 ? 4.401   6.231   -0.108  1.00 40.40  ? 119 TRP A CD1  1 
ATOM   581 C CD2  . TRP A 1 57 ? 6.300   7.084   -0.903  1.00 38.86  ? 119 TRP A CD2  1 
ATOM   582 N NE1  . TRP A 1 57 ? 5.101   6.744   0.946   1.00 44.96  ? 119 TRP A NE1  1 
ATOM   583 C CE2  . TRP A 1 57 ? 6.281   7.265   0.484   1.00 47.64  ? 119 TRP A CE2  1 
ATOM   584 C CE3  . TRP A 1 57 ? 7.410   7.521   -1.619  1.00 44.33  ? 119 TRP A CE3  1 
ATOM   585 C CZ2  . TRP A 1 57 ? 7.315   7.892   1.163   1.00 50.36  ? 119 TRP A CZ2  1 
ATOM   586 C CZ3  . TRP A 1 57 ? 8.425   8.139   -0.952  1.00 47.79  ? 119 TRP A CZ3  1 
ATOM   587 C CH2  . TRP A 1 57 ? 8.375   8.321   0.419   1.00 47.08  ? 119 TRP A CH2  1 
ATOM   588 H H    . TRP A 1 57 ? 4.800   3.419   -2.481  1.00 35.71  ? 119 TRP A H    1 
ATOM   589 H HA   . TRP A 1 57 ? 2.798   5.248   -2.351  1.00 42.07  ? 119 TRP A HA   1 
ATOM   590 H HB2  . TRP A 1 57 ? 5.475   5.751   -3.059  1.00 37.66  ? 119 TRP A HB2  1 
ATOM   591 H HB3  . TRP A 1 57 ? 4.328   6.849   -2.996  1.00 37.66  ? 119 TRP A HB3  1 
ATOM   592 H HD1  . TRP A 1 57 ? 3.568   5.824   -0.045  1.00 48.53  ? 119 TRP A HD1  1 
ATOM   593 H HE1  . TRP A 1 57 ? 4.843   6.741   1.767   1.00 54.01  ? 119 TRP A HE1  1 
ATOM   594 H HE3  . TRP A 1 57 ? 7.458   7.394   -2.540  1.00 53.25  ? 119 TRP A HE3  1 
ATOM   595 H HZ2  . TRP A 1 57 ? 7.286   8.016   2.083   1.00 60.48  ? 119 TRP A HZ2  1 
ATOM   596 H HZ3  . TRP A 1 57 ? 9.164   8.443   -1.427  1.00 57.41  ? 119 TRP A HZ3  1 
ATOM   597 H HH2  . TRP A 1 57 ? 9.083   8.747   0.846   1.00 56.55  ? 119 TRP A HH2  1 
ATOM   598 N N    . LEU A 1 58 ? 2.462   5.414   -4.829  1.00 31.59  ? 120 LEU A N    1 
ATOM   599 C CA   . LEU A 1 58 ? 2.301   5.375   -6.269  1.00 29.00  ? 120 LEU A CA   1 
ATOM   600 C C    . LEU A 1 58 ? 3.315   6.332   -6.877  1.00 32.25  ? 120 LEU A C    1 
ATOM   601 O O    . LEU A 1 58 ? 3.448   7.472   -6.431  1.00 34.84  ? 120 LEU A O    1 
ATOM   602 C CB   . LEU A 1 58 ? 0.889   5.765   -6.668  1.00 34.91  ? 120 LEU A CB   1 
ATOM   603 C CG   . LEU A 1 58 ? 0.573   5.635   -8.137  1.00 34.52  ? 120 LEU A CG   1 
ATOM   604 C CD1  . LEU A 1 58 ? 0.717   4.231   -8.662  1.00 26.34  ? 120 LEU A CD1  1 
ATOM   605 C CD2  . LEU A 1 58 ? -0.858  6.112   -8.378  1.00 44.81  ? 120 LEU A CD2  1 
ATOM   606 H H    . LEU A 1 58 ? 1.893   5.911   -4.418  1.00 37.96  ? 120 LEU A H    1 
ATOM   607 H HA   . LEU A 1 58 ? 2.452   4.479   -6.607  1.00 34.86  ? 120 LEU A HA   1 
ATOM   608 H HB2  . LEU A 1 58 ? 0.268   5.197   -6.187  1.00 41.95  ? 120 LEU A HB2  1 
ATOM   609 H HB3  . LEU A 1 58 ? 0.748   6.693   -6.421  1.00 41.95  ? 120 LEU A HB3  1 
ATOM   610 H HG   . LEU A 1 58 ? 1.215   6.178   -8.621  1.00 41.48  ? 120 LEU A HG   1 
ATOM   611 H HD11 . LEU A 1 58 ? 0.304   4.178   -9.539  1.00 31.67  ? 120 LEU A HD11 1 
ATOM   612 H HD12 . LEU A 1 58 ? 1.659   4.012   -8.726  1.00 31.67  ? 120 LEU A HD12 1 
ATOM   613 H HD13 . LEU A 1 58 ? 0.276   3.619   -8.052  1.00 31.67  ? 120 LEU A HD13 1 
ATOM   614 H HD21 . LEU A 1 58 ? -1.071  6.009   -9.319  1.00 53.83  ? 120 LEU A HD21 1 
ATOM   615 H HD22 . LEU A 1 58 ? -1.465  5.576   -7.843  1.00 53.83  ? 120 LEU A HD22 1 
ATOM   616 H HD23 . LEU A 1 58 ? -0.929  7.045   -8.123  1.00 53.83  ? 120 LEU A HD23 1 
ATOM   617 N N    . ALA A 1 59 ? 4.078   5.862   -7.844  1.00 29.42  ? 121 ALA A N    1 
ATOM   618 C CA   . ALA A 1 59 ? 5.194   6.681   -8.291  1.00 26.06  ? 121 ALA A CA   1 
ATOM   619 C C    . ALA A 1 59 ? 5.315   6.614   -9.804  1.00 31.41  ? 121 ALA A C    1 
ATOM   620 O O    . ALA A 1 59 ? 4.919   5.649   -10.446 1.00 31.28  ? 121 ALA A O    1 
ATOM   621 C CB   . ALA A 1 59 ? 6.515   6.226   -7.691  1.00 36.91  ? 121 ALA A CB   1 
ATOM   622 H H    . ALA A 1 59 ? 3.977   5.106   -8.240  1.00 35.36  ? 121 ALA A H    1 
ATOM   623 H HA   . ALA A 1 59 ? 5.014   7.596   -8.024  1.00 31.33  ? 121 ALA A HA   1 
ATOM   624 H HB1  . ALA A 1 59 ? 7.225   6.804   -8.015  1.00 44.34  ? 121 ALA A HB1  1 
ATOM   625 H HB2  . ALA A 1 59 ? 6.460   6.282   -6.725  1.00 44.34  ? 121 ALA A HB2  1 
ATOM   626 H HB3  . ALA A 1 59 ? 6.686   5.310   -7.961  1.00 44.34  ? 121 ALA A HB3  1 
ATOM   627 N N    . HIS A 1 60 ? 5.971   7.629   -10.359 1.00 33.72  ? 122 HIS A N    1 
ATOM   628 C CA   . HIS A 1 60 ? 6.205   7.738   -11.801 1.00 31.99  ? 122 HIS A CA   1 
ATOM   629 C C    . HIS A 1 60 ? 7.698   7.888   -12.060 1.00 33.02  ? 122 HIS A C    1 
ATOM   630 O O    . HIS A 1 60 ? 8.365   8.722   -11.441 1.00 37.70  ? 122 HIS A O    1 
ATOM   631 C CB   . HIS A 1 60 ? 5.444   8.950   -12.341 1.00 30.75  ? 122 HIS A CB   1 
ATOM   632 C CG   . HIS A 1 60 ? 5.635   9.199   -13.793 1.00 35.89  ? 122 HIS A CG   1 
ATOM   633 N ND1  . HIS A 1 60 ? 5.280   8.310   -14.783 1.00 35.58  ? 122 HIS A ND1  1 
ATOM   634 C CD2  . HIS A 1 60 ? 6.092   10.300  -14.424 1.00 35.42  ? 122 HIS A CD2  1 
ATOM   635 C CE1  . HIS A 1 60 ? 5.559   8.843   -15.963 1.00 32.26  ? 122 HIS A CE1  1 
ATOM   636 N NE2  . HIS A 1 60 ? 6.036   10.054  -15.770 1.00 43.94  ? 122 HIS A NE2  1 
ATOM   637 H H    . HIS A 1 60 ? 6.300   8.285   -9.911  1.00 40.52  ? 122 HIS A H    1 
ATOM   638 H HA   . HIS A 1 60 ? 5.908   6.938   -12.262 1.00 38.44  ? 122 HIS A HA   1 
ATOM   639 H HB2  . HIS A 1 60 ? 4.496   8.813   -12.191 1.00 36.95  ? 122 HIS A HB2  1 
ATOM   640 H HB3  . HIS A 1 60 ? 5.745   9.740   -11.866 1.00 36.95  ? 122 HIS A HB3  1 
ATOM   641 H HD2  . HIS A 1 60 ? 6.390   11.083  -14.019 1.00 42.57  ? 122 HIS A HD2  1 
ATOM   642 H HE1  . HIS A 1 60 ? 5.437   8.431   -16.788 1.00 38.77  ? 122 HIS A HE1  1 
ATOM   643 H HE2  . HIS A 1 60 ? 6.274   10.601  -16.388 1.00 52.79  ? 122 HIS A HE2  1 
ATOM   644 N N    . SER A 1 61 ? 8.234   7.055   -12.953 1.00 30.51  ? 123 SER A N    1 
ATOM   645 C CA   . SER A 1 61 ? 9.664   7.088   -13.236 1.00 32.20  ? 123 SER A CA   1 
ATOM   646 C C    . SER A 1 61 ? 9.953   8.170   -14.257 1.00 37.67  ? 123 SER A C    1 
ATOM   647 O O    . SER A 1 61 ? 9.413   8.157   -15.371 1.00 36.74  ? 123 SER A O    1 
ATOM   648 C CB   . SER A 1 61 ? 10.159  5.751   -13.770 1.00 34.53  ? 123 SER A CB   1 
ATOM   649 O OG   . SER A 1 61 ? 11.537  5.915   -14.092 1.00 37.52  ? 123 SER A OG   1 
ATOM   650 H H    . SER A 1 61 ? 7.793   6.470   -13.403 1.00 36.67  ? 123 SER A H    1 
ATOM   651 H HA   . SER A 1 61 ? 10.131  7.279   -12.407 1.00 38.69  ? 123 SER A HA   1 
ATOM   652 H HB2  . SER A 1 61 ? 10.055  5.065   -13.093 1.00 41.49  ? 123 SER A HB2  1 
ATOM   653 H HB3  . SER A 1 61 ? 9.660   5.509   -14.567 1.00 41.49  ? 123 SER A HB3  1 
ATOM   654 H HG   . SER A 1 61 ? 11.824  5.229   -14.482 1.00 45.08  ? 123 SER A HG   1 
ATOM   655 N N    . LEU A 1 62 ? 10.814  9.115   -13.897 1.00 35.52  ? 124 LEU A N    1 
ATOM   656 C CA   . LEU A 1 62 ? 11.220  10.117  -14.864 1.00 38.02  ? 124 LEU A CA   1 
ATOM   657 C C    . LEU A 1 62 ? 12.257  9.565   -15.819 1.00 35.61  ? 124 LEU A C    1 
ATOM   658 O O    . LEU A 1 62 ? 12.545  10.179  -16.851 1.00 39.96  ? 124 LEU A O    1 
ATOM   659 C CB   . LEU A 1 62 ? 11.784  11.328  -14.141 1.00 41.08  ? 124 LEU A CB   1 
ATOM   660 C CG   . LEU A 1 62 ? 10.783  12.058  -13.253 1.00 45.07  ? 124 LEU A CG   1 
ATOM   661 C CD1  . LEU A 1 62 ? 11.467  13.247  -12.629 1.00 53.09  ? 124 LEU A CD1  1 
ATOM   662 C CD2  . LEU A 1 62 ? 9.540   12.463  -14.049 1.00 53.35  ? 124 LEU A CD2  1 
ATOM   663 H H    . LEU A 1 62 ? 11.167  9.193   -13.118 1.00 42.68  ? 124 LEU A H    1 
ATOM   664 H HA   . LEU A 1 62 ? 10.453  10.417  -15.376 1.00 45.68  ? 124 LEU A HA   1 
ATOM   665 H HB2  . LEU A 1 62 ? 12.517  11.036  -13.578 1.00 49.35  ? 124 LEU A HB2  1 
ATOM   666 H HB3  . LEU A 1 62 ? 12.105  11.960  -14.803 1.00 49.35  ? 124 LEU A HB3  1 
ATOM   667 H HG   . LEU A 1 62 ? 10.471  11.476  -12.543 1.00 54.13  ? 124 LEU A HG   1 
ATOM   668 H HD11 . LEU A 1 62 ? 10.828  13.726  -12.080 1.00 63.76  ? 124 LEU A HD11 1 
ATOM   669 H HD12 . LEU A 1 62 ? 12.205  12.935  -12.082 1.00 63.76  ? 124 LEU A HD12 1 
ATOM   670 H HD13 . LEU A 1 62 ? 11.799  13.825  -13.333 1.00 63.76  ? 124 LEU A HD13 1 
ATOM   671 H HD21 . LEU A 1 62 ? 9.038   13.120  -13.541 1.00 64.08  ? 124 LEU A HD21 1 
ATOM   672 H HD22 . LEU A 1 62 ? 9.817   12.843  -14.898 1.00 64.08  ? 124 LEU A HD22 1 
ATOM   673 H HD23 . LEU A 1 62 ? 8.993   11.676  -14.202 1.00 64.08  ? 124 LEU A HD23 1 
ATOM   674 N N    . THR A 1 63 ? 12.829  8.426   -15.484 1.00 44.53  ? 125 THR A N    1 
ATOM   675 C CA   . THR A 1 63 ? 13.806  7.795   -16.343 1.00 36.36  ? 125 THR A CA   1 
ATOM   676 C C    . THR A 1 63 ? 13.159  6.920   -17.399 1.00 38.68  ? 125 THR A C    1 
ATOM   677 O O    . THR A 1 63 ? 13.617  6.909   -18.546 1.00 45.97  ? 125 THR A O    1 
ATOM   678 C CB   . THR A 1 63 ? 14.782  6.975   -15.474 1.00 51.07  ? 125 THR A CB   1 
ATOM   679 O OG1  . THR A 1 63 ? 15.236  7.760   -14.358 1.00 53.76  ? 125 THR A OG1  1 
ATOM   680 C CG2  . THR A 1 63 ? 15.969  6.541   -16.272 1.00 55.96  ? 125 THR A CG2  1 
ATOM   681 H H    . THR A 1 63 ? 12.666  7.994   -14.759 1.00 53.50  ? 125 THR A H    1 
ATOM   682 H HA   . THR A 1 63 ? 14.319  8.473   -16.813 1.00 43.69  ? 125 THR A HA   1 
ATOM   683 H HB   . THR A 1 63 ? 14.319  6.186   -15.148 1.00 61.34  ? 125 THR A HB   1 
ATOM   684 H HG1  . THR A 1 63 ? 16.014  7.526   -14.140 1.00 64.57  ? 125 THR A HG1  1 
ATOM   685 H HG21 . THR A 1 63 ? 16.636  6.147   -15.687 1.00 67.21  ? 125 THR A HG21 1 
ATOM   686 H HG22 . THR A 1 63 ? 15.703  5.885   -16.933 1.00 67.21  ? 125 THR A HG22 1 
ATOM   687 H HG23 . THR A 1 63 ? 16.361  7.304   -16.725 1.00 67.21  ? 125 THR A HG23 1 
ATOM   688 N N    . THR A 1 64 ? 12.080  6.200   -17.058 1.00 37.70  ? 126 THR A N    1 
ATOM   689 C CA   . THR A 1 64 ? 11.510  5.265   -17.995 1.00 33.90  ? 126 THR A CA   1 
ATOM   690 C C    . THR A 1 64 ? 10.107  5.600   -18.444 1.00 30.43  ? 126 THR A C    1 
ATOM   691 O O    . THR A 1 64 ? 9.601   4.928   -19.344 1.00 33.05  ? 126 THR A O    1 
ATOM   692 C CB   . THR A 1 64 ? 11.398  3.863   -17.387 1.00 37.80  ? 126 THR A CB   1 
ATOM   693 O OG1  . THR A 1 64 ? 10.508  3.909   -16.269 1.00 34.95  ? 126 THR A OG1  1 
ATOM   694 C CG2  . THR A 1 64 ? 12.705  3.370   -16.904 1.00 39.34  ? 126 THR A CG2  1 
ATOM   695 H H    . THR A 1 64 ? 11.679  6.244   -16.299 1.00 45.29  ? 126 THR A H    1 
ATOM   696 H HA   . THR A 1 64 ? 12.109  5.252   -18.758 1.00 40.73  ? 126 THR A HA   1 
ATOM   697 H HB   . THR A 1 64 ? 11.074  3.255   -18.071 1.00 45.41  ? 126 THR A HB   1 
ATOM   698 H HG1  . THR A 1 64 ? 10.374  3.133   -15.976 1.00 41.99  ? 126 THR A HG1  1 
ATOM   699 H HG21 . THR A 1 64 ? 12.623  2.452   -16.604 1.00 47.26  ? 126 THR A HG21 1 
ATOM   700 H HG22 . THR A 1 64 ? 13.360  3.410   -17.618 1.00 47.26  ? 126 THR A HG22 1 
ATOM   701 H HG23 . THR A 1 64 ? 13.012  3.917   -16.164 1.00 47.26  ? 126 THR A HG23 1 
ATOM   702 N N    . GLY A 1 65 ? 9.413   6.477   -17.721 1.00 32.18  ? 127 GLY A N    1 
ATOM   703 C CA   . GLY A 1 65 ? 8.039   6.840   -18.019 1.00 26.92  ? 127 GLY A CA   1 
ATOM   704 C C    . GLY A 1 65 ? 7.039   5.840   -17.499 1.00 28.41  ? 127 GLY A C    1 
ATOM   705 O O    . GLY A 1 65 ? 5.827   6.026   -17.724 1.00 30.18  ? 127 GLY A O    1 
ATOM   706 H H    . GLY A 1 65 ? 9.729   6.884   -17.034 1.00 38.67  ? 127 GLY A H    1 
ATOM   707 H HA2  . GLY A 1 65 ? 7.845   7.700   -17.617 1.00 32.36  ? 127 GLY A HA2  1 
ATOM   708 H HA3  . GLY A 1 65 ? 7.930   6.907   -18.980 1.00 32.36  ? 127 GLY A HA3  1 
ATOM   709 N N    . GLN A 1 66 ? 7.507   4.790   -16.839 1.00 31.21  ? 128 GLN A N    1 
ATOM   710 C CA   . GLN A 1 66 ? 6.635   3.778   -16.258 1.00 28.96  ? 128 GLN A CA   1 
ATOM   711 C C    . GLN A 1 66 ? 6.063   4.282   -14.939 1.00 25.63  ? 128 GLN A C    1 
ATOM   712 O O    . GLN A 1 66 ? 6.606   5.180   -14.298 1.00 27.41  ? 128 GLN A O    1 
ATOM   713 C CB   . GLN A 1 66 ? 7.427   2.495   -16.061 1.00 30.67  ? 128 GLN A CB   1 
ATOM   714 C CG   . GLN A 1 66 ? 7.749   1.864   -17.390 1.00 32.33  ? 128 GLN A CG   1 
ATOM   715 C CD   . GLN A 1 66 ? 8.638   0.655   -17.282 1.00 51.62  ? 128 GLN A CD   1 
ATOM   716 O OE1  . GLN A 1 66 ? 8.635   -0.058  -16.276 1.00 52.31  ? 128 GLN A OE1  1 
ATOM   717 N NE2  . GLN A 1 66 ? 9.436   0.422   -18.331 1.00 39.38  ? 128 GLN A NE2  1 
ATOM   718 H H    . GLN A 1 66 ? 8.344   4.637   -16.710 1.00 37.51  ? 128 GLN A H    1 
ATOM   719 H HA   . GLN A 1 66 ? 5.886   3.582   -16.842 1.00 34.81  ? 128 GLN A HA   1 
ATOM   720 H HB2  . GLN A 1 66 ? 8.259   2.696   -15.603 1.00 36.86  ? 128 GLN A HB2  1 
ATOM   721 H HB3  . GLN A 1 66 ? 6.904   1.868   -15.538 1.00 36.86  ? 128 GLN A HB3  1 
ATOM   722 H HG2  . GLN A 1 66 ? 6.922   1.586   -17.812 1.00 38.85  ? 128 GLN A HG2  1 
ATOM   723 H HG3  . GLN A 1 66 ? 8.203   2.517   -17.945 1.00 38.85  ? 128 GLN A HG3  1 
ATOM   724 H HE21 . GLN A 1 66 ? 9.418   0.949   -19.010 1.00 47.32  ? 128 GLN A HE21 1 
ATOM   725 H HE22 . GLN A 1 66 ? 9.967   -0.255  -18.326 1.00 47.32  ? 128 GLN A HE22 1 
ATOM   726 N N    . THR A 1 67 ? 4.957   3.687   -14.519 1.00 23.32  ? 129 THR A N    1 
ATOM   727 C CA   . THR A 1 67 ? 4.262   4.175   -13.336 1.00 24.04  ? 129 THR A CA   1 
ATOM   728 C C    . THR A 1 67 ? 3.734   2.996   -12.543 1.00 24.98  ? 129 THR A C    1 
ATOM   729 O O    . THR A 1 67 ? 3.322   1.995   -13.136 1.00 28.10  ? 129 THR A O    1 
ATOM   730 C CB   . THR A 1 67 ? 3.088   5.059   -13.713 1.00 30.73  ? 129 THR A CB   1 
ATOM   731 O OG1  . THR A 1 67 ? 3.518   6.048   -14.678 1.00 33.46  ? 129 THR A OG1  1 
ATOM   732 C CG2  . THR A 1 67 ? 2.550   5.816   -12.532 1.00 36.03  ? 129 THR A CG2  1 
ATOM   733 H H    . THR A 1 67 ? 4.592   3.007   -14.899 1.00 28.04  ? 129 THR A H    1 
ATOM   734 H HA   . THR A 1 67 ? 4.884   4.678   -12.788 1.00 28.90  ? 129 THR A HA   1 
ATOM   735 H HB   . THR A 1 67 ? 2.391   4.486   -14.068 1.00 36.93  ? 129 THR A HB   1 
ATOM   736 H HG1  . THR A 1 67 ? 4.277   6.340   -14.471 1.00 40.20  ? 129 THR A HG1  1 
ATOM   737 H HG21 . THR A 1 67 ? 1.839   6.410   -12.816 1.00 43.29  ? 129 THR A HG21 1 
ATOM   738 H HG22 . THR A 1 67 ? 2.200   5.198   -11.873 1.00 43.29  ? 129 THR A HG22 1 
ATOM   739 H HG23 . THR A 1 67 ? 3.257   6.342   -12.126 1.00 43.29  ? 129 THR A HG23 1 
ATOM   740 N N    . GLY A 1 68 ? 3.735   3.116   -11.224 1.00 25.00  ? 130 GLY A N    1 
ATOM   741 C CA   . GLY A 1 68 ? 3.155   2.082   -10.373 1.00 25.15  ? 130 GLY A CA   1 
ATOM   742 C C    . GLY A 1 68 ? 3.683   2.170   -8.944  1.00 24.79  ? 130 GLY A C    1 
ATOM   743 O O    . GLY A 1 68 ? 4.406   3.076   -8.592  1.00 26.58  ? 130 GLY A O    1 
ATOM   744 H H    . GLY A 1 68 ? 4.065   3.783   -10.795 1.00 30.05  ? 130 GLY A H    1 
ATOM   745 H HA2  . GLY A 1 68 ? 2.189   2.183   -10.351 1.00 30.24  ? 130 GLY A HA2  1 
ATOM   746 H HA3  . GLY A 1 68 ? 3.373   1.207   -10.728 1.00 30.24  ? 130 GLY A HA3  1 
ATOM   747 N N    . TYR A 1 69 ? 3.313   1.201   -8.112  1.00 25.79  ? 131 TYR A N    1 
ATOM   748 C CA   . TYR A 1 69 ? 3.641   1.350   -6.699  1.00 26.91  ? 131 TYR A CA   1 
ATOM   749 C C    . TYR A 1 69 ? 5.066   0.948   -6.374  1.00 28.18  ? 131 TYR A C    1 
ATOM   750 O O    . TYR A 1 69 ? 5.575   -0.047  -6.902  1.00 31.08  ? 131 TYR A O    1 
ATOM   751 C CB   . TYR A 1 69 ? 2.690   0.521   -5.838  1.00 24.88  ? 131 TYR A CB   1 
ATOM   752 C CG   . TYR A 1 69 ? 1.271   1.011   -5.954  1.00 24.43  ? 131 TYR A CG   1 
ATOM   753 C CD1  . TYR A 1 69 ? 0.402   0.461   -6.872  1.00 28.25  ? 131 TYR A CD1  1 
ATOM   754 C CD2  . TYR A 1 69 ? 0.797   2.034   -5.126  1.00 26.34  ? 131 TYR A CD2  1 
ATOM   755 C CE1  . TYR A 1 69 ? -0.901  0.914   -6.971  1.00 27.69  ? 131 TYR A CE1  1 
ATOM   756 C CE2  . TYR A 1 69 ? -0.538  2.485   -5.243  1.00 29.12  ? 131 TYR A CE2  1 
ATOM   757 C CZ   . TYR A 1 69 ? -1.334  1.917   -6.174  1.00 25.27  ? 131 TYR A CZ   1 
ATOM   758 O OH   . TYR A 1 69 ? -2.654  2.324   -6.321  1.00 34.97  ? 131 TYR A OH   1 
ATOM   759 H H    . TYR A 1 69 ? 2.893   0.483   -8.330  1.00 31.00  ? 131 TYR A H    1 
ATOM   760 H HA   . TYR A 1 69 ? 3.548   2.291   -6.481  1.00 32.35  ? 131 TYR A HA   1 
ATOM   761 H HB2  . TYR A 1 69 ? 2.718   -0.404  -6.129  1.00 29.91  ? 131 TYR A HB2  1 
ATOM   762 H HB3  . TYR A 1 69 ? 2.960   0.584   -4.909  1.00 29.91  ? 131 TYR A HB3  1 
ATOM   763 H HD1  . TYR A 1 69 ? 0.694   -0.222  -7.431  1.00 33.96  ? 131 TYR A HD1  1 
ATOM   764 H HD2  . TYR A 1 69 ? 1.361   2.420   -4.497  1.00 31.66  ? 131 TYR A HD2  1 
ATOM   765 H HE1  . TYR A 1 69 ? -1.480  0.527   -7.587  1.00 33.29  ? 131 TYR A HE1  1 
ATOM   766 H HE2  . TYR A 1 69 ? -0.861  3.158   -4.689  1.00 34.99  ? 131 TYR A HE2  1 
ATOM   767 H HH   . TYR A 1 69 ? -2.820  2.956   -5.793  1.00 42.02  ? 131 TYR A HH   1 
ATOM   768 N N    . ILE A 1 70 ? 5.678   1.684   -5.450  1.00 29.53  ? 132 ILE A N    1 
ATOM   769 C CA   . ILE A 1 70 ? 7.047   1.405   -5.052  1.00 30.10  ? 132 ILE A CA   1 
ATOM   770 C C    . ILE A 1 70 ? 7.164   1.304   -3.548  1.00 33.97  ? 132 ILE A C    1 
ATOM   771 O O    . ILE A 1 70 ? 6.398   1.927   -2.801  1.00 34.68  ? 132 ILE A O    1 
ATOM   772 C CB   . ILE A 1 70 ? 8.005   2.494   -5.538  1.00 30.56  ? 132 ILE A CB   1 
ATOM   773 C CG1  . ILE A 1 70 ? 7.640   3.815   -4.873  1.00 31.64  ? 132 ILE A CG1  1 
ATOM   774 C CG2  . ILE A 1 70 ? 7.911   2.617   -7.048  1.00 31.62  ? 132 ILE A CG2  1 
ATOM   775 C CD1  . ILE A 1 70 ? 8.660   4.944   -5.107  1.00 38.08  ? 132 ILE A CD1  1 
ATOM   776 H H    . ILE A 1 70 ? 5.318   2.349   -5.041  1.00 35.49  ? 132 ILE A H    1 
ATOM   777 H HA   . ILE A 1 70 ? 7.276   0.547   -5.443  1.00 36.18  ? 132 ILE A HA   1 
ATOM   778 H HB   . ILE A 1 70 ? 8.916   2.260   -5.301  1.00 36.72  ? 132 ILE A HB   1 
ATOM   779 H HG12 . ILE A 1 70 ? 6.786   4.113   -5.223  1.00 38.02  ? 132 ILE A HG12 1 
ATOM   780 H HG13 . ILE A 1 70 ? 7.574   3.672   -3.916  1.00 38.02  ? 132 ILE A HG13 1 
ATOM   781 H HG21 . ILE A 1 70 ? 8.545   3.286   -7.351  1.00 37.99  ? 132 ILE A HG21 1 
ATOM   782 H HG22 . ILE A 1 70 ? 8.119   1.759   -7.449  1.00 37.99  ? 132 ILE A HG22 1 
ATOM   783 H HG23 . ILE A 1 70 ? 7.010   2.884   -7.287  1.00 37.99  ? 132 ILE A HG23 1 
ATOM   784 H HD11 . ILE A 1 70 ? 8.377   5.731   -4.616  1.00 45.75  ? 132 ILE A HD11 1 
ATOM   785 H HD12 . ILE A 1 70 ? 9.530   4.653   -4.794  1.00 45.75  ? 132 ILE A HD12 1 
ATOM   786 H HD13 . ILE A 1 70 ? 8.699   5.142   -6.056  1.00 45.75  ? 132 ILE A HD13 1 
ATOM   787 N N    . PRO A 1 71 ? 8.126   0.528   -3.066  1.00 34.16  ? 133 PRO A N    1 
ATOM   788 C CA   . PRO A 1 71 ? 8.358   0.462   -1.622  1.00 30.19  ? 133 PRO A CA   1 
ATOM   789 C C    . PRO A 1 71 ? 9.192   1.656   -1.193  1.00 38.47  ? 133 PRO A C    1 
ATOM   790 O O    . PRO A 1 71 ? 10.328  1.827   -1.642  1.00 40.63  ? 133 PRO A O    1 
ATOM   791 C CB   . PRO A 1 71 ? 9.109   -0.865  -1.456  1.00 32.29  ? 133 PRO A CB   1 
ATOM   792 C CG   . PRO A 1 71 ? 9.863   -0.986  -2.766  1.00 34.81  ? 133 PRO A CG   1 
ATOM   793 C CD   . PRO A 1 71 ? 8.955   -0.436  -3.818  1.00 30.14  ? 133 PRO A CD   1 
ATOM   794 H HA   . PRO A 1 71 ? 7.533   0.434   -1.114  1.00 35.95  ? 133 PRO A HA   1 
ATOM   795 H HB2  . PRO A 1 71 ? 9.715   -0.821  -0.701  1.00 38.80  ? 133 PRO A HB2  1 
ATOM   796 H HB3  . PRO A 1 71 ? 8.483   -1.597  -1.338  1.00 38.80  ? 133 PRO A HB3  1 
ATOM   797 H HG2  . PRO A 1 71 ? 10.684  -0.472  -2.718  1.00 41.83  ? 133 PRO A HG2  1 
ATOM   798 H HG3  . PRO A 1 71 ? 10.065  -1.918  -2.941  1.00 41.83  ? 133 PRO A HG3  1 
ATOM   799 H HD2  . PRO A 1 71 ? 9.462   0.011   -4.514  1.00 36.22  ? 133 PRO A HD2  1 
ATOM   800 H HD3  . PRO A 1 71 ? 8.407   -1.137  -4.204  1.00 36.22  ? 133 PRO A HD3  1 
ATOM   801 N N    . SER A 1 72 ? 8.656   2.448   -0.255  1.00 35.51  ? 134 SER A N    1 
ATOM   802 C CA   . SER A 1 72 ? 9.234   3.753   0.060   1.00 40.47  ? 134 SER A CA   1 
ATOM   803 C C    . SER A 1 72 ? 10.629  3.643   0.637   1.00 44.76  ? 134 SER A C    1 
ATOM   804 O O    . SER A 1 72 ? 11.439  4.571   0.487   1.00 47.08  ? 134 SER A O    1 
ATOM   805 C CB   . SER A 1 72 ? 8.333   4.482   1.044   1.00 52.94  ? 134 SER A CB   1 
ATOM   806 O OG   . SER A 1 72 ? 8.123   3.661   2.167   1.00 55.61  ? 134 SER A OG   1 
ATOM   807 H H    . SER A 1 72 ? 7.959   2.252   0.211   1.00 42.67  ? 134 SER A H    1 
ATOM   808 H HA   . SER A 1 72 ? 9.293   4.265   -0.761  1.00 48.62  ? 134 SER A HA   1 
ATOM   809 H HB2  . SER A 1 72 ? 8.759   5.308   1.323   1.00 63.58  ? 134 SER A HB2  1 
ATOM   810 H HB3  . SER A 1 72 ? 7.482   4.675   0.622   1.00 63.58  ? 134 SER A HB3  1 
ATOM   811 H HG   . SER A 1 72 ? 7.532   3.996   2.662   1.00 66.78  ? 134 SER A HG   1 
ATOM   812 N N    . ASN A 1 73 ? 10.925  2.566   1.354   1.00 42.18  ? 135 ASN A N    1 
ATOM   813 C CA   . ASN A 1 73 ? 12.267  2.436   1.908   1.00 39.52  ? 135 ASN A CA   1 
ATOM   814 C C    . ASN A 1 73 ? 13.333  2.128   0.857   1.00 46.57  ? 135 ASN A C    1 
ATOM   815 O O    . ASN A 1 73 ? 14.496  1.983   1.236   1.00 47.18  ? 135 ASN A O    1 
ATOM   816 C CB   . ASN A 1 73 ? 12.289  1.347   2.994   1.00 53.09  ? 135 ASN A CB   1 
ATOM   817 C CG   . ASN A 1 73 ? 11.617  1.794   4.273   1.00 58.56  ? 135 ASN A CG   1 
ATOM   818 O OD1  . ASN A 1 73 ? 11.226  2.956   4.413   1.00 55.92  ? 135 ASN A OD1  1 
ATOM   819 N ND2  . ASN A 1 73 ? 11.466  0.868   5.209   1.00 73.24  ? 135 ASN A ND2  1 
ATOM   820 H H    . ASN A 1 73 ? 10.386  1.919   1.527   1.00 50.68  ? 135 ASN A H    1 
ATOM   821 H HA   . ASN A 1 73 ? 12.501  3.281   2.323   1.00 47.49  ? 135 ASN A HA   1 
ATOM   822 H HB2  . ASN A 1 73 ? 11.822  0.563   2.666   1.00 63.76  ? 135 ASN A HB2  1 
ATOM   823 H HB3  . ASN A 1 73 ? 13.210  1.123   3.200   1.00 63.76  ? 135 ASN A HB3  1 
ATOM   824 H HD21 . ASN A 1 73 ? 11.090  1.070   5.955   1.00 87.95  ? 135 ASN A HD21 1 
ATOM   825 H HD22 . ASN A 1 73 ? 11.744  0.067   5.070   1.00 87.95  ? 135 ASN A HD22 1 
ATOM   826 N N    . TYR A 1 74 ? 13.000  2.047   -0.434  1.00 42.74  ? 136 TYR A N    1 
ATOM   827 C CA   . TYR A 1 74 ? 14.025  1.868   -1.457  1.00 39.10  ? 136 TYR A CA   1 
ATOM   828 C C    . TYR A 1 74 ? 14.484  3.177   -2.083  1.00 48.99  ? 136 TYR A C    1 
ATOM   829 O O    . TYR A 1 74 ? 15.354  3.148   -2.960  1.00 46.30  ? 136 TYR A O    1 
ATOM   830 C CB   . TYR A 1 74 ? 13.543  0.974   -2.592  1.00 37.77  ? 136 TYR A CB   1 
ATOM   831 C CG   . TYR A 1 74 ? 13.552  -0.536  -2.356  1.00 40.83  ? 136 TYR A CG   1 
ATOM   832 C CD1  . TYR A 1 74 ? 13.098  -1.100  -1.166  1.00 46.17  ? 136 TYR A CD1  1 
ATOM   833 C CD2  . TYR A 1 74 ? 13.969  -1.396  -3.365  1.00 46.54  ? 136 TYR A CD2  1 
ATOM   834 C CE1  . TYR A 1 74 ? 13.054  -2.479  -1.015  1.00 42.07  ? 136 TYR A CE1  1 
ATOM   835 C CE2  . TYR A 1 74 ? 13.955  -2.761  -3.211  1.00 51.64  ? 136 TYR A CE2  1 
ATOM   836 C CZ   . TYR A 1 74 ? 13.489  -3.309  -2.039  1.00 49.24  ? 136 TYR A CZ   1 
ATOM   837 O OH   . TYR A 1 74 ? 13.477  -4.688  -1.911  1.00 48.79  ? 136 TYR A OH   1 
ATOM   838 H H    . TYR A 1 74 ? 12.196  2.092   -0.735  1.00 51.35  ? 136 TYR A H    1 
ATOM   839 H HA   . TYR A 1 74 ? 14.774  1.432   -1.018  1.00 46.97  ? 136 TYR A HA   1 
ATOM   840 H HB2  . TYR A 1 74 ? 12.626  1.220   -2.794  1.00 45.38  ? 136 TYR A HB2  1 
ATOM   841 H HB3  . TYR A 1 74 ? 14.109  1.141   -3.362  1.00 45.38  ? 136 TYR A HB3  1 
ATOM   842 H HD1  . TYR A 1 74 ? 12.823  -0.550  -0.469  1.00 55.46  ? 136 TYR A HD1  1 
ATOM   843 H HD2  . TYR A 1 74 ? 14.264  -1.036  -4.170  1.00 55.90  ? 136 TYR A HD2  1 
ATOM   844 H HE1  . TYR A 1 74 ? 12.732  -2.849  -0.225  1.00 50.54  ? 136 TYR A HE1  1 
ATOM   845 H HE2  . TYR A 1 74 ? 14.259  -3.312  -3.896  1.00 62.02  ? 136 TYR A HE2  1 
ATOM   846 H HH   . TYR A 1 74 ? 13.808  -5.043  -2.596  1.00 58.61  ? 136 TYR A HH   1 
ATOM   847 N N    . VAL A 1 75 ? 13.902  4.310   -1.693  1.00 42.83  ? 137 VAL A N    1 
ATOM   848 C CA   . VAL A 1 75 ? 14.222  5.587   -2.321  1.00 43.53  ? 137 VAL A CA   1 
ATOM   849 C C    . VAL A 1 75 ? 14.521  6.621   -1.252  1.00 49.28  ? 137 VAL A C    1 
ATOM   850 O O    . VAL A 1 75 ? 14.202  6.448   -0.068  1.00 53.28  ? 137 VAL A O    1 
ATOM   851 C CB   . VAL A 1 75 ? 13.072  6.091   -3.221  1.00 46.11  ? 137 VAL A CB   1 
ATOM   852 C CG1  . VAL A 1 75 ? 12.671  5.023   -4.209  1.00 41.45  ? 137 VAL A CG1  1 
ATOM   853 C CG2  . VAL A 1 75 ? 11.903  6.545   -2.363  1.00 44.30  ? 137 VAL A CG2  1 
ATOM   854 H H    . VAL A 1 75 ? 13.317  4.363   -1.064  1.00 51.45  ? 137 VAL A H    1 
ATOM   855 H HA   . VAL A 1 75 ? 15.020  5.473   -2.860  1.00 52.30  ? 137 VAL A HA   1 
ATOM   856 H HB   . VAL A 1 75 ? 13.368  6.857   -3.738  1.00 55.39  ? 137 VAL A HB   1 
ATOM   857 H HG11 . VAL A 1 75 ? 12.084  5.413   -4.875  1.00 49.80  ? 137 VAL A HG11 1 
ATOM   858 H HG12 . VAL A 1 75 ? 13.469  4.673   -4.636  1.00 49.80  ? 137 VAL A HG12 1 
ATOM   859 H HG13 . VAL A 1 75 ? 12.211  4.312   -3.736  1.00 49.80  ? 137 VAL A HG13 1 
ATOM   860 H HG21 . VAL A 1 75 ? 11.101  6.568   -2.909  1.00 53.21  ? 137 VAL A HG21 1 
ATOM   861 H HG22 . VAL A 1 75 ? 11.787  5.919   -1.631  1.00 53.21  ? 137 VAL A HG22 1 
ATOM   862 H HG23 . VAL A 1 75 ? 12.091  7.430   -2.015  1.00 53.21  ? 137 VAL A HG23 1 
ATOM   863 N N    . ALA A 1 76 ? 15.139  7.712   -1.694  1.00 48.62  ? 138 ALA A N    1 
ATOM   864 C CA   . ALA A 1 76 ? 15.458  8.860   -0.868  1.00 51.59  ? 138 ALA A CA   1 
ATOM   865 C C    . ALA A 1 76 ? 15.187  10.131  -1.662  1.00 54.06  ? 138 ALA A C    1 
ATOM   866 O O    . ALA A 1 76 ? 15.181  10.105  -2.896  1.00 54.07  ? 138 ALA A O    1 
ATOM   867 C CB   . ALA A 1 76 ? 16.932  8.849   -0.438  1.00 47.49  ? 138 ALA A CB   1 
ATOM   868 H H    . ALA A 1 76 ? 15.395  7.809   -2.508  1.00 58.40  ? 138 ALA A H    1 
ATOM   869 H HA   . ALA A 1 76 ? 14.894  8.854   -0.078  1.00 61.97  ? 138 ALA A HA   1 
ATOM   870 H HB1  . ALA A 1 76 ? 17.108  9.635   0.102   1.00 57.04  ? 138 ALA A HB1  1 
ATOM   871 H HB2  . ALA A 1 76 ? 17.104  8.047   0.077   1.00 57.04  ? 138 ALA A HB2  1 
ATOM   872 H HB3  . ALA A 1 76 ? 17.492  8.860   -1.231  1.00 57.04  ? 138 ALA A HB3  1 
ATOM   873 N N    . PRO A 1 77 ? 14.982  11.256  -0.983  1.00 61.66  ? 139 PRO A N    1 
ATOM   874 C CA   . PRO A 1 77 ? 14.773  12.516  -1.711  1.00 73.20  ? 139 PRO A CA   1 
ATOM   875 C C    . PRO A 1 77 ? 15.990  12.944  -2.520  1.00 73.03  ? 139 PRO A C    1 
ATOM   876 O O    . PRO A 1 77 ? 17.137  12.700  -2.137  1.00 66.20  ? 139 PRO A O    1 
ATOM   877 C CB   . PRO A 1 77 ? 14.473  13.527  -0.595  1.00 66.28  ? 139 PRO A CB   1 
ATOM   878 C CG   . PRO A 1 77 ? 13.931  12.678  0.533   1.00 71.74  ? 139 PRO A CG   1 
ATOM   879 C CD   . PRO A 1 77 ? 14.717  11.398  0.462   1.00 74.76  ? 139 PRO A CD   1 
ATOM   880 H HA   . PRO A 1 77 ? 14.013  12.427  -2.307  1.00 87.90  ? 139 PRO A HA   1 
ATOM   881 H HB2  . PRO A 1 77 ? 15.288  13.983  -0.330  1.00 79.59  ? 139 PRO A HB2  1 
ATOM   882 H HB3  . PRO A 1 77 ? 13.815  14.171  -0.896  1.00 79.59  ? 139 PRO A HB3  1 
ATOM   883 H HG2  . PRO A 1 77 ? 14.072  13.125  1.382   1.00 86.15  ? 139 PRO A HG2  1 
ATOM   884 H HG3  . PRO A 1 77 ? 12.985  12.512  0.397   1.00 86.15  ? 139 PRO A HG3  1 
ATOM   885 H HD2  . PRO A 1 77 ? 15.545  11.471  0.961   1.00 89.77  ? 139 PRO A HD2  1 
ATOM   886 H HD3  . PRO A 1 77 ? 14.194  10.652  0.794   1.00 89.77  ? 139 PRO A HD3  1 
ATOM   887 N N    . SER A 1 78 ? 15.715  13.607  -3.646  1.00 87.94  ? 140 SER A N    1 
ATOM   888 C CA   . SER A 1 78 ? 16.734  14.139  -4.542  1.00 82.69  ? 140 SER A CA   1 
ATOM   889 C C    . SER A 1 78 ? 17.895  14.761  -3.789  1.00 93.15  ? 140 SER A C    1 
ATOM   890 O O    . SER A 1 78 ? 17.921  15.968  -3.569  1.00 94.95  ? 140 SER A O    1 
ATOM   891 C CB   . SER A 1 78 ? 16.115  15.191  -5.469  1.00 105.48 ? 140 SER A CB   1 
ATOM   892 O OG   . SER A 1 78 ? 15.206  16.009  -4.750  1.00 94.19  ? 140 SER A OG   1 
ATOM   893 H H    . SER A 1 78 ? 14.915  13.766  -3.919  1.00 105.59 ? 140 SER A H    1 
ATOM   894 H HA   . SER A 1 78 ? 17.085  13.406  -5.071  1.00 99.28  ? 140 SER A HA   1 
ATOM   895 H HB2  . SER A 1 78 ? 16.821  15.746  -5.834  1.00 126.63 ? 140 SER A HB2  1 
ATOM   896 H HB3  . SER A 1 78 ? 15.639  14.742  -6.185  1.00 126.63 ? 140 SER A HB3  1 
ATOM   897 H HG   . SER A 1 78 ? 14.910  16.615  -5.248  1.00 113.09 ? 140 SER A HG   1 
HETATM 898 C C1   . PGE B 2 .  ? -2.239  -2.384  -5.554  0.64 52.52  ? 201 PGE A C1   1 
HETATM 899 O O1   . PGE B 2 .  ? -3.481  -1.862  -6.016  0.64 51.68  ? 201 PGE A O1   1 
HETATM 900 C C2   . PGE B 2 .  ? -1.683  -1.558  -4.406  0.64 34.70  ? 201 PGE A C2   1 
HETATM 901 O O2   . PGE B 2 .  ? -0.298  -1.846  -4.254  0.64 48.28  ? 201 PGE A O2   1 
HETATM 902 C C3   . PGE B 2 .  ? 0.173   -1.880  -2.924  0.64 41.93  ? 201 PGE A C3   1 
HETATM 903 C C4   . PGE B 2 .  ? 1.611   -2.360  -2.820  0.64 40.94  ? 201 PGE A C4   1 
HETATM 904 O O4   . PGE B 2 .  ? 4.016   -6.174  -4.500  0.64 50.58  ? 201 PGE A O4   1 
HETATM 905 C C6   . PGE B 2 .  ? 2.766   -5.509  -4.291  0.64 55.68  ? 201 PGE A C6   1 
HETATM 906 C C5   . PGE B 2 .  ? 2.946   -4.288  -3.397  0.64 43.08  ? 201 PGE A C5   1 
HETATM 907 O O3   . PGE B 2 .  ? 1.676   -3.747  -3.070  0.64 47.83  ? 201 PGE A O3   1 
HETATM 908 H H1   . PGE B 2 .  ? -2.351  -3.417  -5.194  0.64 63.08  ? 201 PGE A H1   1 
HETATM 909 H H12  . PGE B 2 .  ? -1.485  -2.385  -6.356  0.64 63.08  ? 201 PGE A H12  1 
HETATM 910 H HO1  . PGE B 2 .  ? -4.142  -2.565  -5.954  0.64 62.07  ? 201 PGE A HO1  1 
HETATM 911 H H2   . PGE B 2 .  ? -1.840  -0.486  -4.620  0.64 41.70  ? 201 PGE A H2   1 
HETATM 912 H H22  . PGE B 2 .  ? -2.239  -1.798  -3.483  0.64 41.70  ? 201 PGE A H22  1 
HETATM 913 H H3   . PGE B 2 .  ? 0.117   -0.875  -2.476  0.64 50.37  ? 201 PGE A H3   1 
HETATM 914 H H32  . PGE B 2 .  ? -0.455  -2.554  -2.318  0.64 50.37  ? 201 PGE A H32  1 
HETATM 915 H H4   . PGE B 2 .  ? 2.227   -1.805  -3.548  0.64 49.18  ? 201 PGE A H4   1 
HETATM 916 H H42  . PGE B 2 .  ? 1.993   -2.129  -1.811  0.64 49.18  ? 201 PGE A H42  1 
HETATM 917 H HO4  . PGE B 2 .  ? 4.173   -6.219  -5.451  0.64 60.75  ? 201 PGE A HO4  1 
HETATM 918 H H6   . PGE B 2 .  ? 2.034   -6.178  -3.806  0.64 66.87  ? 201 PGE A H6   1 
HETATM 919 H H62  . PGE B 2 .  ? 2.331   -5.167  -5.245  0.64 66.87  ? 201 PGE A H62  1 
HETATM 920 H H5   . PGE B 2 .  ? 3.567   -3.546  -3.927  0.64 51.76  ? 201 PGE A H5   1 
HETATM 921 H H52  . PGE B 2 .  ? 3.492   -4.590  -2.487  0.64 51.76  ? 201 PGE A H52  1 
HETATM 922 C C1   . PEG C 3 .  ? -14.176 5.846   -2.204  1.00 96.99  ? 202 PEG A C1   1 
HETATM 923 O O1   . PEG C 3 .  ? -14.817 4.611   -2.356  1.00 86.07  ? 202 PEG A O1   1 
HETATM 924 C C2   . PEG C 3 .  ? -13.477 5.881   -0.844  1.00 68.98  ? 202 PEG A C2   1 
HETATM 925 O O2   . PEG C 3 .  ? -12.587 6.964   -0.809  1.00 64.74  ? 202 PEG A O2   1 
HETATM 926 C C3   . PEG C 3 .  ? -11.990 7.264   0.428   1.00 52.56  ? 202 PEG A C3   1 
HETATM 927 C C4   . PEG C 3 .  ? -11.844 8.783   0.587   1.00 78.02  ? 202 PEG A C4   1 
HETATM 928 O O4   . PEG C 3 .  ? -10.756 9.103   1.417   1.00 83.80  ? 202 PEG A O4   1 
HETATM 929 H H11  . PEG C 3 .  ? -14.829 6.561   -2.252  1.00 116.45 ? 202 PEG A H11  1 
HETATM 930 H H12  . PEG C 3 .  ? -13.520 5.961   -2.909  1.00 116.45 ? 202 PEG A H12  1 
HETATM 931 H HO1  . PEG C 3 .  ? -14.228 3.996   -2.382  1.00 103.34 ? 202 PEG A HO1  1 
HETATM 932 H H21  . PEG C 3 .  ? -12.988 5.055   -0.709  1.00 82.84  ? 202 PEG A H21  1 
HETATM 933 H H22  . PEG C 3 .  ? -14.139 5.984   -0.141  1.00 82.84  ? 202 PEG A H22  1 
HETATM 934 H H31  . PEG C 3 .  ? -11.114 6.850   0.470   1.00 63.13  ? 202 PEG A H31  1 
HETATM 935 H H32  . PEG C 3 .  ? -12.545 6.918   1.144   1.00 63.13  ? 202 PEG A H32  1 
HETATM 936 H H41  . PEG C 3 .  ? -12.657 9.141   0.977   1.00 93.68  ? 202 PEG A H41  1 
HETATM 937 H H42  . PEG C 3 .  ? -11.703 9.181   -0.287  1.00 93.68  ? 202 PEG A H42  1 
HETATM 938 H HO4  . PEG C 3 .  ? -11.017 9.166   2.224   1.00 100.62 ? 202 PEG A HO4  1 
HETATM 939 C C1   . PEG D 3 .  ? -14.325 11.233  -3.238  0.91 117.20 ? 203 PEG A C1   1 
HETATM 940 O O1   . PEG D 3 .  ? -15.625 10.733  -3.390  0.91 92.27  ? 203 PEG A O1   1 
HETATM 941 C C2   . PEG D 3 .  ? -14.369 12.509  -2.403  0.91 75.01  ? 203 PEG A C2   1 
HETATM 942 O O2   . PEG D 3 .  ? -13.698 12.315  -1.187  0.91 59.24  ? 203 PEG A O2   1 
HETATM 943 C C3   . PEG D 3 .  ? -13.039 13.472  -0.741  0.91 85.18  ? 203 PEG A C3   1 
HETATM 944 C C4   . PEG D 3 .  ? -12.698 13.405  0.750   0.91 84.51  ? 203 PEG A C4   1 
HETATM 945 O O4   . PEG D 3 .  ? -13.013 12.150  1.285   0.91 92.31  ? 203 PEG A O4   1 
HETATM 946 H H11  . PEG D 3 .  ? -13.950 11.430  -4.111  0.91 140.70 ? 203 PEG A H11  1 
HETATM 947 H H12  . PEG D 3 .  ? -13.774 10.572  -2.792  0.91 140.70 ? 203 PEG A H12  1 
HETATM 948 H HO1  . PEG D 3 .  ? -15.651 10.198  -4.049  0.91 110.78 ? 203 PEG A HO1  1 
HETATM 949 H H21  . PEG D 3 .  ? -15.293 12.744  -2.224  0.91 90.07  ? 203 PEG A H21  1 
HETATM 950 H H22  . PEG D 3 .  ? -13.941 13.228  -2.893  0.91 90.07  ? 203 PEG A H22  1 
HETATM 951 H H31  . PEG D 3 .  ? -13.612 14.239  -0.897  0.91 102.27 ? 203 PEG A H31  1 
HETATM 952 H H32  . PEG D 3 .  ? -12.216 13.578  -1.245  0.91 102.27 ? 203 PEG A H32  1 
HETATM 953 H H41  . PEG D 3 .  ? -13.205 14.086  1.221   0.91 101.46 ? 203 PEG A H41  1 
HETATM 954 H H42  . PEG D 3 .  ? -11.750 13.571  0.866   0.91 101.46 ? 203 PEG A H42  1 
HETATM 955 H HO4  . PEG D 3 .  ? -12.466 11.969  1.911   0.91 110.83 ? 203 PEG A HO4  1 
HETATM 956 O O    . HOH E 4 .  ? 4.954   -2.379  3.788   1.00 55.47  ? 301 HOH A O    1 
HETATM 957 O O    . HOH E 4 .  ? -5.957  -10.302 -2.346  1.00 42.37  ? 302 HOH A O    1 
HETATM 958 O O    . HOH E 4 .  ? -1.033  -4.933  -3.181  1.00 31.15  ? 303 HOH A O    1 
HETATM 959 O O    . HOH E 4 .  ? -15.938 0.877   -1.103  1.00 48.48  ? 304 HOH A O    1 
HETATM 960 O O    . HOH E 4 .  ? -11.133 -7.558  16.673  1.00 60.91  ? 305 HOH A O    1 
HETATM 961 O O    . HOH E 4 .  ? -0.408  -5.939  -6.535  0.50 60.64  ? 306 HOH A O    1 
HETATM 962 O O    . HOH E 4 .  ? -10.505 -9.051  5.576   1.00 41.29  ? 307 HOH A O    1 
HETATM 963 O O    . HOH E 4 .  ? -19.996 -3.464  4.587   1.00 53.15  ? 308 HOH A O    1 
HETATM 964 O O    . HOH E 4 .  ? 0.163   -9.224  0.505   1.00 28.36  ? 309 HOH A O    1 
HETATM 965 O O    . HOH E 4 .  ? 7.470   -1.374  -14.191 1.00 33.71  ? 310 HOH A O    1 
HETATM 966 O O    . HOH E 4 .  ? 9.963   2.394   -20.351 1.00 45.41  ? 311 HOH A O    1 
HETATM 967 O O    . HOH E 4 .  ? -11.392 -2.108  -5.591  1.00 43.16  ? 312 HOH A O    1 
HETATM 968 O O    . HOH E 4 .  ? -9.479  -10.887 -1.400  1.00 61.51  ? 313 HOH A O    1 
HETATM 969 O O    . HOH E 4 .  ? -8.181  -6.719  -11.101 1.00 54.27  ? 314 HOH A O    1 
HETATM 970 O O    . HOH E 4 .  ? -14.729 -6.304  0.595   1.00 54.14  ? 315 HOH A O    1 
HETATM 971 O O    . HOH E 4 .  ? 3.258   2.278   -16.335 1.00 48.44  ? 316 HOH A O    1 
HETATM 972 O O    . HOH E 4 .  ? -13.486 -9.258  4.326   1.00 60.69  ? 317 HOH A O    1 
HETATM 973 O O    . HOH E 4 .  ? 0.814   7.256   -3.293  1.00 51.51  ? 318 HOH A O    1 
HETATM 974 O O    . HOH E 4 .  ? -15.879 -8.813  7.616   1.00 55.65  ? 319 HOH A O    1 
HETATM 975 O O    . HOH E 4 .  ? -18.183 1.497   1.955   1.00 58.93  ? 320 HOH A O    1 
HETATM 976 O O    . HOH E 4 .  ? -8.120  -10.753 -5.526  1.00 59.64  ? 321 HOH A O    1 
HETATM 977 O O    . HOH E 4 .  ? -13.373 -1.443  -3.606  1.00 40.32  ? 322 HOH A O    1 
HETATM 978 O O    . HOH E 4 .  ? 11.415  -1.867  -18.508 1.00 91.33  ? 323 HOH A O    1 
HETATM 979 O O    . HOH E 4 .  ? 4.754   -0.421  -14.311 1.00 50.54  ? 324 HOH A O    1 
HETATM 980 O O    . HOH E 4 .  ? 11.858  7.500   1.917   1.00 68.87  ? 325 HOH A O    1 
HETATM 981 O O    . HOH E 4 .  ? -14.665 -8.526  2.075   1.00 55.64  ? 326 HOH A O    1 
HETATM 982 O O    . HOH E 4 .  ? 10.296  7.077   3.788   1.00 64.84  ? 327 HOH A O    1 
# 
loop_
_atom_site_anisotrop.id 
_atom_site_anisotrop.type_symbol 
_atom_site_anisotrop.pdbx_label_atom_id 
_atom_site_anisotrop.pdbx_label_alt_id 
_atom_site_anisotrop.pdbx_label_comp_id 
_atom_site_anisotrop.pdbx_label_asym_id 
_atom_site_anisotrop.pdbx_label_seq_id 
_atom_site_anisotrop.pdbx_PDB_ins_code 
_atom_site_anisotrop.U[1][1] 
_atom_site_anisotrop.U[2][2] 
_atom_site_anisotrop.U[3][3] 
_atom_site_anisotrop.U[1][2] 
_atom_site_anisotrop.U[1][3] 
_atom_site_anisotrop.U[2][3] 
_atom_site_anisotrop.pdbx_auth_seq_id 
_atom_site_anisotrop.pdbx_auth_comp_id 
_atom_site_anisotrop.pdbx_auth_asym_id 
_atom_site_anisotrop.pdbx_auth_atom_id 
1   N N   . THR A 22 ? 2.0098 1.5043 1.4364 0.1139  0.0652  -0.1858 84  THR A N   
2   C CA  . THR A 22 ? 1.6206 1.1237 1.0343 0.1124  0.0337  -0.1673 84  THR A CA  
3   C C   . THR A 22 ? 1.5734 1.0729 0.9763 0.1214  0.0523  -0.1254 84  THR A C   
4   O O   . THR A 22 ? 1.3193 0.8279 0.7445 0.1181  0.0365  -0.1095 84  THR A O   
5   C CB  . THR A 22 ? 1.7843 1.2899 1.1357 0.1149  0.0021  -0.1786 84  THR A CB  
6   O OG1 . THR A 22 ? 2.0985 1.6167 1.4638 0.1106  -0.0356 -0.1701 84  THR A OG1 
7   C CG2 . THR A 22 ? 2.1310 1.6242 1.4106 0.1280  0.0215  -0.1543 84  THR A CG2 
14  N N   . THR A 23 ? 1.5540 1.0441 0.9312 0.1316  0.0876  -0.1107 85  THR A N   
15  C CA  . THR A 23 ? 1.1872 0.6810 0.5714 0.1398  0.1126  -0.0744 85  THR A CA  
16  C C   . THR A 23 ? 1.4411 0.9361 0.8792 0.1438  0.1472  -0.0694 85  THR A C   
17  O O   . THR A 23 ? 1.0987 0.5846 0.5357 0.1464  0.1696  -0.0831 85  THR A O   
18  C CB  . THR A 23 ? 1.2836 0.7726 0.6125 0.1477  0.1280  -0.0569 85  THR A CB  
19  O OG1 . THR A 23 ? 1.5472 1.0395 0.8391 0.1462  0.0954  -0.0480 85  THR A OG1 
20  C CG2 . THR A 23 ? 1.1418 0.6404 0.4999 0.1550  0.1644  -0.0249 85  THR A CG2 
28  N N   . PHE A 24 ? 0.9843 0.4930 0.4720 0.1451  0.1500  -0.0499 86  PHE A N   
29  C CA  . PHE A 24 ? 0.9120 0.4279 0.4588 0.1506  0.1757  -0.0388 86  PHE A CA  
30  C C   . PHE A 24 ? 0.9430 0.4766 0.5097 0.1629  0.2004  -0.0088 86  PHE A C   
31  O O   . PHE A 24 ? 0.9203 0.4739 0.4774 0.1600  0.1915  0.0085  86  PHE A O   
32  C CB  . PHE A 24 ? 0.8503 0.3774 0.4495 0.1433  0.1591  -0.0362 86  PHE A CB  
33  C CG  . PHE A 24 ? 0.9850 0.5030 0.5908 0.1295  0.1406  -0.0654 86  PHE A CG  
34  C CD1 . PHE A 24 ? 0.9719 0.4891 0.5501 0.1194  0.1084  -0.0841 86  PHE A CD1 
35  C CD2 . PHE A 24 ? 1.0373 0.5508 0.6859 0.1274  0.1550  -0.0746 86  PHE A CD2 
36  C CE1 . PHE A 24 ? 1.0152 0.5325 0.6151 0.1067  0.0912  -0.1141 86  PHE A CE1 
37  C CE2 . PHE A 24 ? 0.8983 0.4074 0.5656 0.1147  0.1404  -0.1043 86  PHE A CE2 
38  C CZ  . PHE A 24 ? 0.9065 0.4202 0.5523 0.1041  0.1084  -0.1257 86  PHE A CZ  
48  N N   . VAL A 25 ? 0.8410 0.3824 0.4569 0.1706  0.2242  0.0010  87  VAL A N   
49  C CA  . VAL A 25 ? 0.8393 0.4054 0.4941 0.1823  0.2459  0.0267  87  VAL A CA  
50  C C   . VAL A 25 ? 0.8219 0.4155 0.5444 0.1866  0.2383  0.0454  87  VAL A C   
51  O O   . VAL A 25 ? 0.8008 0.3872 0.5447 0.1844  0.2376  0.0405  87  VAL A O   
52  C CB  . VAL A 25 ? 0.9753 0.5326 0.6297 0.1874  0.2794  0.0233  87  VAL A CB  
53  C CG1 . VAL A 25 ? 0.9692 0.5557 0.6660 0.1961  0.2989  0.0474  87  VAL A CG1 
54  C CG2 . VAL A 25 ? 1.0331 0.5628 0.6129 0.1806  0.2807  0.0030  87  VAL A CG2 
64  N N   . ALA A 26 ? 0.8091 0.4412 0.5676 0.1896  0.2297  0.0676  88  ALA A N   
65  C CA  . ALA A 26 ? 0.7840 0.4483 0.5977 0.1944  0.2173  0.0863  88  ALA A CA  
66  C C   . ALA A 26 ? 0.7488 0.4248 0.6078 0.2059  0.2384  0.0952  88  ALA A C   
67  O O   . ALA A 26 ? 0.7888 0.4726 0.6643 0.2125  0.2599  0.0975  88  ALA A O   
68  C CB  . ALA A 26 ? 0.7748 0.4865 0.6162 0.1906  0.1970  0.1016  88  ALA A CB  
74  N N   . LEU A 27 ? 0.7141 0.3918 0.5981 0.2079  0.2333  0.1015  89  LEU A N   
75  C CA  . LEU A 27 ? 0.7686 0.4573 0.7007 0.2204  0.2500  0.1120  89  LEU A CA  
76  C C   . LEU A 27 ? 0.7691 0.5089 0.7525 0.2307  0.2335  0.1358  89  LEU A C   
77  O O   . LEU A 27 ? 0.6993 0.4549 0.7292 0.2424  0.2442  0.1444  89  LEU A O   
78  C CB  . LEU A 27 ? 0.6999 0.3629 0.6388 0.2199  0.2556  0.1087  89  LEU A CB  
79  C CG  . LEU A 27 ? 1.2204 0.8380 1.1159 0.2076  0.2647  0.0803  89  LEU A CG  
80  C CD1 . LEU A 27 ? 1.1072 0.7082 1.0231 0.2054  0.2656  0.0803  89  LEU A CD1 
81  C CD2 . LEU A 27 ? 1.0755 0.6737 0.9592 0.2094  0.2916  0.0626  89  LEU A CD2 
93  N N   . TYR A 28 ? 0.6617 0.4279 0.6385 0.2262  0.2058  0.1437  90  TYR A N   
94  C CA  . TYR A 28 ? 0.6996 0.5159 0.7168 0.2351  0.1831  0.1628  90  TYR A CA  
95  C C   . TYR A 28 ? 0.6038 0.4498 0.6148 0.2276  0.1628  0.1609  90  TYR A C   
96  O O   . TYR A 28 ? 0.6961 0.5199 0.6663 0.2144  0.1609  0.1491  90  TYR A O   
97  C CB  . TYR A 28 ? 0.6478 0.4655 0.6614 0.2378  0.1669  0.1773  90  TYR A CB  
98  C CG  . TYR A 28 ? 0.7264 0.5084 0.7449 0.2424  0.1870  0.1785  90  TYR A CG  
99  C CD1 . TYR A 28 ? 0.8142 0.5523 0.7988 0.2303  0.1987  0.1640  90  TYR A CD1 
100 C CD2 . TYR A 28 ? 0.6516 0.4445 0.7151 0.2587  0.1938  0.1922  90  TYR A CD2 
101 C CE1 . TYR A 28 ? 0.7512 0.4579 0.7481 0.2336  0.2182  0.1626  90  TYR A CE1 
102 C CE2 . TYR A 28 ? 0.6903 0.4505 0.7643 0.2628  0.2134  0.1932  90  TYR A CE2 
103 C CZ  . TYR A 28 ? 0.7147 0.4319 0.7565 0.2500  0.2268  0.1781  90  TYR A CZ  
104 O OH  . TYR A 28 ? 0.7462 0.4326 0.8067 0.2535  0.2474  0.1770  90  TYR A OH  
114 N N   . ASP A 29 ? 0.6687 0.5668 0.7251 0.2361  0.1460  0.1705  91  ASP A N   
115 C CA  . ASP A 29 ? 0.5859 0.5197 0.6442 0.2293  0.1224  0.1685  91  ASP A CA  
116 C C   . ASP A 29 ? 0.5788 0.5077 0.5974 0.2220  0.1011  0.1732  91  ASP A C   
117 O O   . ASP A 29 ? 0.5935 0.5148 0.6044 0.2279  0.0978  0.1851  91  ASP A O   
118 C CB  . ASP A 29 ? 0.6830 0.6811 0.8040 0.2395  0.1046  0.1727  91  ASP A CB  
119 C CG  . ASP A 29 ? 0.7839 0.7930 0.9556 0.2420  0.1267  0.1647  91  ASP A CG  
120 O OD1 . ASP A 29 ? 0.5778 0.5452 0.7276 0.2361  0.1577  0.1577  91  ASP A OD1 
121 O OD2 . ASP A 29 ? 1.1021 1.1628 1.3346 0.2488  0.1128  0.1635  91  ASP A OD2 
126 N N   . TYR A 30 ? 0.5634 0.4973 0.5597 0.2056  0.0886  0.1622  92  TYR A N   
127 C CA  . TYR A 30 ? 0.5316 0.4729 0.4993 0.1958  0.0683  0.1635  92  TYR A CA  
128 C C   . TYR A 30 ? 0.4822 0.4747 0.4678 0.1808  0.0457  0.1489  92  TYR A C   
129 O O   . TYR A 30 ? 0.4826 0.4766 0.4793 0.1667  0.0492  0.1328  92  TYR A O   
130 C CB  . TYR A 30 ? 0.5210 0.4079 0.4424 0.1805  0.0782  0.1535  92  TYR A CB  
131 C CG  . TYR A 30 ? 0.5631 0.4587 0.4623 0.1682  0.0624  0.1523  92  TYR A CG  
132 C CD1 . TYR A 30 ? 0.5338 0.4275 0.4215 0.1782  0.0619  0.1714  92  TYR A CD1 
133 C CD2 . TYR A 30 ? 0.5613 0.4680 0.4538 0.1456  0.0501  0.1317  92  TYR A CD2 
134 C CE1 . TYR A 30 ? 0.5562 0.4562 0.4180 0.1686  0.0527  0.1734  92  TYR A CE1 
135 C CE2 . TYR A 30 ? 0.4916 0.4076 0.3676 0.1335  0.0397  0.1280  92  TYR A CE2 
136 C CZ  . TYR A 30 ? 0.5282 0.4398 0.3861 0.1441  0.0429  0.1478  92  TYR A CZ  
137 O OH  . TYR A 30 ? 0.5643 0.4829 0.4002 0.1319  0.0381  0.1453  92  TYR A OH  
147 N N   . GLU A 31 ? 0.5640 0.5962 0.5499 0.1843  0.0235  0.1546  93  GLU A N   
148 C CA  . GLU A 31 ? 0.5069 0.5914 0.5112 0.1700  0.0013  0.1362  93  GLU A CA  
149 C C   . GLU A 31 ? 0.4828 0.5549 0.4443 0.1520  -0.0051 0.1279  93  GLU A C   
150 O O   . GLU A 31 ? 0.5762 0.6309 0.5004 0.1588  -0.0038 0.1440  93  GLU A O   
151 C CB  . GLU A 31 ? 0.7895 0.9357 0.8260 0.1876  -0.0214 0.1428  93  GLU A CB  
152 C CG  . GLU A 31 ? 1.3604 1.5661 1.4139 0.1743  -0.0472 0.1199  93  GLU A CG  
153 C CD  . GLU A 31 ? 1.7484 2.0125 1.8146 0.1947  -0.0753 0.1276  93  GLU A CD  
154 O OE1 . GLU A 31 ? 1.8788 2.1291 1.9250 0.2189  -0.0757 0.1572  93  GLU A OE1 
155 O OE2 . GLU A 31 ? 1.8407 2.1649 1.9387 0.1874  -0.0983 0.1032  93  GLU A OE2 
162 N N   . SER A 32 ? 0.5364 0.6169 0.5089 0.1293  -0.0094 0.1037  94  SER A N   
163 C CA  . SER A 32 ? 0.5105 0.5773 0.4536 0.1101  -0.0120 0.0914  94  SER A CA  
164 C C   . SER A 32 ? 0.6257 0.7320 0.5520 0.1118  -0.0272 0.0921  94  SER A C   
165 O O   . SER A 32 ? 0.5594 0.7217 0.5112 0.1167  -0.0454 0.0849  94  SER A O   
166 C CB  . SER A 32 ? 0.4942 0.5676 0.4643 0.0880  -0.0156 0.0657  94  SER A CB  
167 O OG  . SER A 32 ? 0.8447 0.9727 0.8632 0.0858  -0.0279 0.0523  94  SER A OG  
173 N N   . ARG A 33 ? 0.5587 0.6360 0.4419 0.1071  -0.0188 0.0990  95  ARG A N   
174 C CA  . ARG A 33 ? 0.5828 0.6884 0.4339 0.1077  -0.0275 0.1021  95  ARG A CA  
175 C C   . ARG A 33 ? 0.6229 0.7375 0.4715 0.0807  -0.0273 0.0729  95  ARG A C   
176 O O   . ARG A 33 ? 0.6512 0.7998 0.4758 0.0778  -0.0352 0.0669  95  ARG A O   
177 C CB  . ARG A 33 ? 0.7172 0.7816 0.5225 0.1234  -0.0117 0.1355  95  ARG A CB  
178 C CG  . ARG A 33 ? 0.9987 1.0511 0.8172 0.1504  -0.0096 0.1628  95  ARG A CG  
179 C CD  . ARG A 33 ? 0.8455 0.8569 0.6300 0.1669  0.0071  0.1966  95  ARG A CD  
180 N NE  . ARG A 33 ? 0.6961 0.6469 0.4646 0.1524  0.0336  0.1937  95  ARG A NE  
181 C CZ  . ARG A 33 ? 1.0102 0.9123 0.7841 0.1567  0.0548  0.2052  95  ARG A CZ  
182 N NH1 . ARG A 33 ? 0.7173 0.6214 0.5087 0.1757  0.0542  0.2228  95  ARG A NH1 
183 N NH2 . ARG A 33 ? 0.9943 0.8474 0.7609 0.1421  0.0766  0.1967  95  ARG A NH2 
197 N N   . THR A 34 ? 0.5919 0.6777 0.4635 0.0621  -0.0190 0.0541  96  THR A N   
198 C CA  . THR A 34 ? 0.5533 0.6478 0.4358 0.0369  -0.0187 0.0245  96  THR A CA  
199 C C   . THR A 34 ? 0.5950 0.6928 0.5294 0.0240  -0.0253 0.0027  96  THR A C   
200 O O   . THR A 34 ? 0.5923 0.6888 0.5481 0.0343  -0.0286 0.0111  96  THR A O   
201 C CB  . THR A 34 ? 0.6611 0.7075 0.5164 0.0265  0.0015  0.0263  96  THR A CB  
202 O OG1 . THR A 34 ? 0.4895 0.4905 0.3635 0.0219  0.0075  0.0228  96  THR A OG1 
203 C CG2 . THR A 34 ? 0.7102 0.7364 0.5154 0.0438  0.0148  0.0585  96  THR A CG2 
211 N N   . GLU A 35 ? 0.5470 0.6479 0.5035 0.0019  -0.0251 -0.0242 97  GLU A N   
212 C CA  . GLU A 35 ? 0.7367 0.8355 0.7430 -0.0097 -0.0310 -0.0413 97  GLU A CA  
213 C C   . GLU A 35 ? 0.4420 0.4848 0.4413 -0.0093 -0.0252 -0.0333 97  GLU A C   
214 O O   . GLU A 35 ? 0.4704 0.5046 0.5006 -0.0139 -0.0312 -0.0395 97  GLU A O   
215 C CB  . GLU A 35 ? 1.3508 1.4768 1.3937 -0.0324 -0.0341 -0.0748 97  GLU A CB  
218 N N   A THR A 36 ? 0.3960 0.4003 0.3568 -0.0038 -0.0140 -0.0204 98  THR A N   
219 N N   B THR A 36 ? 0.3915 0.3963 0.3510 -0.0026 -0.0140 -0.0189 98  THR A N   
220 C CA  A THR A 36 ? 0.3443 0.3003 0.3018 -0.0051 -0.0119 -0.0208 98  THR A CA  
221 C CA  B THR A 36 ? 0.3953 0.3502 0.3480 -0.0030 -0.0105 -0.0179 98  THR A CA  
222 C C   A THR A 36 ? 0.3483 0.2743 0.2776 0.0142  -0.0059 0.0013  98  THR A C   
223 C C   B THR A 36 ? 0.4081 0.3337 0.3311 0.0170  -0.0034 0.0053  98  THR A C   
224 O O   A THR A 36 ? 0.3706 0.2602 0.2941 0.0147  -0.0072 -0.0020 98  THR A O   
225 O O   B THR A 36 ? 0.4018 0.2875 0.3155 0.0181  -0.0018 0.0033  98  THR A O   
226 C CB  A THR A 36 ? 0.4268 0.3554 0.3772 -0.0170 -0.0012 -0.0317 98  THR A CB  
227 C CB  B THR A 36 ? 0.4207 0.3510 0.3664 -0.0153 0.0003  -0.0289 98  THR A CB  
228 O OG1 A THR A 36 ? 0.4877 0.4071 0.4011 -0.0078 0.0155  -0.0132 98  THR A OG1 
229 O OG1 B THR A 36 ? 0.3792 0.3124 0.2909 -0.0084 0.0155  -0.0127 98  THR A OG1 
230 C CG2 A THR A 36 ? 0.3718 0.3263 0.3577 -0.0381 -0.0042 -0.0587 98  THR A CG2 
231 C CG2 B THR A 36 ? 0.4274 0.3802 0.4126 -0.0368 -0.0050 -0.0573 98  THR A CG2 
246 N N   A ASP A 37 ? 0.4396 0.3800 0.3520 0.0306  -0.0002 0.0218  99  ASP A N   
247 N N   B ASP A 37 ? 0.3213 0.2669 0.2315 0.0330  0.0003  0.0248  99  ASP A N   
248 C CA  A ASP A 37 ? 0.4212 0.3327 0.3137 0.0488  0.0091  0.0404  99  ASP A CA  
249 C CA  B ASP A 37 ? 0.3412 0.2616 0.2340 0.0520  0.0091  0.0445  99  ASP A CA  
250 C C   A ASP A 37 ? 0.4428 0.3702 0.3540 0.0562  0.0049  0.0442  99  ASP A C   
251 C C   B ASP A 37 ? 0.4386 0.3631 0.3497 0.0547  0.0045  0.0424  99  ASP A C   
252 O O   A ASP A 37 ? 0.3390 0.3056 0.2819 0.0501  -0.0046 0.0365  99  ASP A O   
253 O O   B ASP A 37 ? 0.4173 0.3672 0.3581 0.0438  -0.0058 0.0300  99  ASP A O   
254 C CB  A ASP A 37 ? 0.3696 0.2816 0.2408 0.0660  0.0195  0.0637  99  ASP A CB  
255 C CB  B ASP A 37 ? 0.3753 0.3170 0.2574 0.0705  0.0130  0.0669  99  ASP A CB  
256 C CG  A ASP A 37 ? 0.4668 0.4326 0.3448 0.0705  0.0092  0.0695  99  ASP A CG  
257 C CG  B ASP A 37 ? 0.5604 0.4894 0.4149 0.0718  0.0224  0.0775  99  ASP A CG  
258 O OD1 A ASP A 37 ? 0.4500 0.4529 0.3513 0.0570  -0.0035 0.0506  99  ASP A OD1 
259 O OD1 B ASP A 37 ? 0.5176 0.4161 0.3651 0.0577  0.0307  0.0661  99  ASP A OD1 
260 O OD2 A ASP A 37 ? 0.4939 0.4646 0.3553 0.0887  0.0129  0.0924  99  ASP A OD2 
261 O OD2 B ASP A 37 ? 0.5662 0.5159 0.4079 0.0878  0.0217  0.0982  99  ASP A OD2 
270 N N   . LEU A 38 ? 0.3967 0.2913 0.2904 0.0685  0.0155  0.0541  100 LEU A N   
271 C CA  . LEU A 38 ? 0.3774 0.2754 0.2819 0.0760  0.0196  0.0595  100 LEU A CA  
272 C C   . LEU A 38 ? 0.4690 0.3834 0.3821 0.0949  0.0304  0.0771  100 LEU A C   
273 O O   . LEU A 38 ? 0.4850 0.3746 0.3775 0.1073  0.0416  0.0879  100 LEU A O   
274 C CB  . LEU A 38 ? 0.4384 0.2881 0.3115 0.0772  0.0259  0.0560  100 LEU A CB  
275 C CG  . LEU A 38 ? 0.4392 0.2810 0.3081 0.0861  0.0374  0.0644  100 LEU A CG  
276 C CD1 . LEU A 38 ? 0.4189 0.2867 0.3195 0.0774  0.0300  0.0630  100 LEU A CD1 
277 C CD2 . LEU A 38 ? 0.5267 0.3192 0.3493 0.0884  0.0414  0.0581  100 LEU A CD2 
289 N N   . SER A 39 ? 0.4419 0.3973 0.3935 0.0974  0.0278  0.0787  101 SER A N   
290 C CA  . SER A 39 ? 0.4451 0.4189 0.4183 0.1160  0.0374  0.0927  101 SER A CA  
291 C C   . SER A 39 ? 0.4107 0.3495 0.3745 0.1235  0.0599  0.0981  101 SER A C   
292 O O   . SER A 39 ? 0.4899 0.4116 0.4461 0.1136  0.0639  0.0920  101 SER A O   
293 C CB  . SER A 39 ? 0.5729 0.6068 0.6016 0.1144  0.0263  0.0864  101 SER A CB  
294 O OG  . SER A 39 ? 0.5980 0.6694 0.6298 0.1093  0.0055  0.0791  101 SER A OG  
300 N N   . PHE A 40 ? 0.4431 0.3715 0.4078 0.1416  0.0758  0.1104  102 PHE A N   
301 C CA  . PHE A 40 ? 0.5617 0.4597 0.5181 0.1488  0.1020  0.1131  102 PHE A CA  
302 C C   . PHE A 40 ? 0.5344 0.4468 0.5265 0.1691  0.1177  0.1248  102 PHE A C   
303 O O   . PHE A 40 ? 0.5047 0.4416 0.5169 0.1799  0.1055  0.1334  102 PHE A O   
304 C CB  . PHE A 40 ? 0.5216 0.3613 0.4188 0.1467  0.1112  0.1071  102 PHE A CB  
305 C CG  . PHE A 40 ? 0.5108 0.3308 0.3913 0.1524  0.1086  0.1090  102 PHE A CG  
306 C CD1 . PHE A 40 ? 0.5683 0.3812 0.4305 0.1397  0.0913  0.1012  102 PHE A CD1 
307 C CD2 . PHE A 40 ? 0.5716 0.3778 0.4609 0.1706  0.1273  0.1190  102 PHE A CD2 
308 C CE1 . PHE A 40 ? 0.5354 0.3258 0.3860 0.1439  0.0944  0.1046  102 PHE A CE1 
309 C CE2 . PHE A 40 ? 0.6324 0.4153 0.5109 0.1760  0.1286  0.1233  102 PHE A CE2 
310 C CZ  . PHE A 40 ? 0.6531 0.4276 0.5115 0.1622  0.1131  0.1170  102 PHE A CZ  
320 N N   . LYS A 41 ? 0.5466 0.4457 0.5487 0.1749  0.1451  0.1258  103 LYS A N   
321 C CA  . LYS A 41 ? 0.5970 0.5105 0.6452 0.1939  0.1639  0.1341  103 LYS A CA  
322 C C   . LYS A 41 ? 0.6711 0.5308 0.6815 0.2034  0.1925  0.1339  103 LYS A C   
323 O O   . LYS A 41 ? 0.6062 0.4231 0.5581 0.1942  0.2013  0.1249  103 LYS A O   
324 C CB  . LYS A 41 ? 0.4945 0.4392 0.5996 0.1927  0.1795  0.1324  103 LYS A CB  
325 C CG  . LYS A 41 ? 0.6725 0.6804 0.8345 0.1861  0.1498  0.1277  103 LYS A CG  
326 C CD  . LYS A 41 ? 1.2186 1.2677 1.4632 0.1888  0.1642  0.1237  103 LYS A CD  
327 C CE  . LYS A 41 ? 1.5581 1.6278 1.8275 0.1688  0.1589  0.1132  103 LYS A CE  
328 N NZ  . LYS A 41 ? 1.7475 1.8220 2.0739 0.1671  0.1941  0.1126  103 LYS A NZ  
342 N N   . LYS A 42 ? 0.5532 0.4178 0.5980 0.2210  0.2035  0.1416  104 LYS A N   
343 C CA  . LYS A 42 ? 0.6259 0.4472 0.6463 0.2243  0.2315  0.1360  104 LYS A CA  
344 C C   . LYS A 42 ? 0.7665 0.5575 0.7558 0.2195  0.2634  0.1260  104 LYS A C   
345 O O   . LYS A 42 ? 0.7657 0.5806 0.7893 0.2178  0.2757  0.1287  104 LYS A O   
346 C CB  . LYS A 42 ? 0.7292 0.5738 0.8087 0.2362  0.2380  0.1437  104 LYS A CB  
347 C CG  . LYS A 42 ? 0.7949 0.5985 0.8584 0.2398  0.2628  0.1379  104 LYS A CG  
348 C CD  . LYS A 42 ? 1.0680 0.8959 1.1980 0.2523  0.2681  0.1460  104 LYS A CD  
349 C CE  . LYS A 42 ? 1.1302 0.9230 1.2593 0.2533  0.3049  0.1351  104 LYS A CE  
350 N NZ  . LYS A 42 ? 1.0135 0.8380 1.2149 0.2611  0.3156  0.1385  104 LYS A NZ  
364 N N   . GLY A 43 ? 0.7305 0.4698 0.6543 0.2161  0.2770  0.1134  105 GLY A N   
365 C CA  . GLY A 43 ? 0.7467 0.4536 0.6222 0.2118  0.3054  0.1041  105 GLY A CA  
366 C C   . GLY A 43 ? 0.7410 0.4358 0.5587 0.1983  0.2889  0.1009  105 GLY A C   
367 O O   . GLY A 43 ? 0.8604 0.5242 0.6214 0.1954  0.3089  0.0953  105 GLY A O   
371 N N   . GLU A 44 ? 0.7698 0.4902 0.5990 0.1882  0.2512  0.1052  106 GLU A N   
372 C CA  . GLU A 44 ? 0.7369 0.4482 0.5210 0.1734  0.2320  0.1026  106 GLU A CA  
373 C C   . GLU A 44 ? 0.7566 0.4222 0.4661 0.1697  0.2241  0.0851  106 GLU A C   
374 O O   . GLU A 44 ? 0.7331 0.3816 0.4377 0.1736  0.2225  0.0736  106 GLU A O   
375 C CB  . GLU A 44 ? 0.7834 0.5330 0.6032 0.1626  0.1957  0.1065  106 GLU A CB  
376 C CG  . GLU A 44 ? 0.6803 0.4731 0.5597 0.1595  0.1974  0.1170  106 GLU A CG  
377 C CD  . GLU A 44 ? 0.6784 0.5053 0.5842 0.1464  0.1630  0.1148  106 GLU A CD  
378 O OE1 . GLU A 44 ? 0.5977 0.4063 0.4645 0.1351  0.1429  0.1081  106 GLU A OE1 
379 O OE2 . GLU A 44 ? 0.6193 0.4940 0.5885 0.1473  0.1553  0.1172  106 GLU A OE2 
386 N N   . ARG A 45 ? 0.7489 0.3952 0.4041 0.1627  0.2178  0.0831  107 ARG A N   
387 C CA  . ARG A 45 ? 0.7959 0.4034 0.3786 0.1597  0.2043  0.0635  107 ARG A CA  
388 C C   . ARG A 45 ? 0.7950 0.4135 0.3805 0.1465  0.1614  0.0591  107 ARG A C   
389 O O   . ARG A 45 ? 0.7591 0.3984 0.3621 0.1397  0.1477  0.0727  107 ARG A O   
390 C CB  . ARG A 45 ? 1.0180 0.5952 0.5300 0.1642  0.2252  0.0649  107 ARG A CB  
391 C CG  . ARG A 45 ? 1.2874 0.8552 0.8086 0.1739  0.2676  0.0642  107 ARG A CG  
392 C CD  . ARG A 45 ? 1.4522 0.9988 0.9214 0.1733  0.2812  0.0657  107 ARG A CD  
393 N NE  . ARG A 45 ? 1.5533 1.0712 0.9519 0.1712  0.2645  0.0418  107 ARG A NE  
394 C CZ  . ARG A 45 ? 1.6771 1.1840 1.0164 0.1679  0.2394  0.0404  107 ARG A CZ  
395 N NH1 . ARG A 45 ? 1.5344 1.0531 0.8773 0.1658  0.2297  0.0636  107 ARG A NH1 
396 N NH2 . ARG A 45 ? 1.9124 1.4005 1.1960 0.1668  0.2230  0.0146  107 ARG A NH2 
410 N N   . LEU A 46 ? 0.7839 0.3879 0.3600 0.1425  0.1436  0.0383  108 LEU A N   
411 C CA  . LEU A 46 ? 0.6747 0.2915 0.2704 0.1296  0.1076  0.0310  108 LEU A CA  
412 C C   . LEU A 46 ? 0.8570 0.4419 0.4020 0.1258  0.0878  0.0039  108 LEU A C   
413 O O   . LEU A 46 ? 1.0471 0.6034 0.5601 0.1320  0.1020  -0.0148 108 LEU A O   
414 C CB  . LEU A 46 ? 0.6481 0.2830 0.2982 0.1280  0.1079  0.0327  108 LEU A CB  
415 C CG  . LEU A 46 ? 0.7904 0.4651 0.4935 0.1320  0.1168  0.0557  108 LEU A CG  
416 C CD1 . LEU A 46 ? 0.7804 0.4629 0.5184 0.1375  0.1224  0.0602  108 LEU A CD1 
417 C CD2 . LEU A 46 ? 0.8951 0.6019 0.6237 0.1195  0.0926  0.0609  108 LEU A CD2 
429 N N   . GLN A 47 ? 0.8854 0.4769 0.4284 0.1161  0.0547  -0.0007 109 GLN A N   
430 C CA  . GLN A 47 ? 0.8323 0.4027 0.3450 0.1114  0.0272  -0.0299 109 GLN A CA  
431 C C   . GLN A 47 ? 0.8153 0.4005 0.3842 0.0975  0.0061  -0.0423 109 GLN A C   
432 O O   . GLN A 47 ? 0.7948 0.4081 0.4047 0.0896  -0.0047 -0.0280 109 GLN A O   
433 C CB  . GLN A 47 ? 1.0678 0.6313 0.5318 0.1138  0.0032  -0.0259 109 GLN A CB  
434 C CG  . GLN A 47 ? 1.8011 1.3484 1.2050 0.1269  0.0283  -0.0084 109 GLN A CG  
435 C CD  . GLN A 47 ? 1.7672 1.2945 1.0982 0.1331  0.0036  -0.0115 109 GLN A CD  
436 O OE1 . GLN A 47 ? 1.7649 1.3026 1.1078 0.1292  -0.0291 -0.0043 109 GLN A OE1 
437 N NE2 . GLN A 47 ? 1.9407 1.4538 1.2258 0.1397  0.0174  -0.0211 109 GLN A NE2 
446 N N   . ILE A 48 ? 0.8286 0.9119 0.3585 -0.1296 -0.0614 0.0872  110 ILE A N   
447 C CA  . ILE A 48 ? 0.8021 0.8728 0.3597 -0.1261 -0.0773 0.0912  110 ILE A CA  
448 C C   . ILE A 48 ? 0.6904 0.7626 0.2608 -0.1264 -0.0905 0.1237  110 ILE A C   
449 O O   . ILE A 48 ? 0.7982 0.8787 0.3482 -0.1280 -0.0955 0.1347  110 ILE A O   
450 C CB  . ILE A 48 ? 0.9858 1.0509 0.5394 -0.1224 -0.0919 0.0639  110 ILE A CB  
451 C CG1 . ILE A 48 ? 1.0334 1.0922 0.5807 -0.1170 -0.0802 0.0290  110 ILE A CG1 
452 C CG2 . ILE A 48 ? 0.9332 0.9887 0.5167 -0.1214 -0.1080 0.0718  110 ILE A CG2 
453 C CD1 . ILE A 48 ? 1.1844 1.2406 0.7437 -0.1159 -0.0597 0.0260  110 ILE A CD1 
465 N N   . VAL A 49 ? 1.3750 1.4401 0.9801 -0.1226 -0.0972 0.1370  111 VAL A N   
466 C CA  . VAL A 49 ? 0.9822 1.0492 0.6069 -0.1191 -0.1102 0.1638  111 VAL A CA  
467 C C   . VAL A 49 ? 1.4062 1.4766 1.0475 -0.1170 -0.1300 0.1565  111 VAL A C   
468 O O   . VAL A 49 ? 1.3444 1.4110 1.0133 -0.1143 -0.1329 0.1502  111 VAL A O   
469 C CB  . VAL A 49 ? 0.9987 1.0583 0.6567 -0.1141 -0.1033 0.1843  111 VAL A CB  
470 C CG1 . VAL A 49 ? 0.9780 1.0393 0.6615 -0.1069 -0.1195 0.2046  111 VAL A CG1 
471 C CG2 . VAL A 49 ? 1.1125 1.1685 0.7544 -0.1192 -0.0839 0.1946  111 VAL A CG2 
481 N N   . ASN A 50 ? 1.6692 1.7482 1.2923 -0.1185 -0.1427 0.1568  112 ASN A N   
482 C CA  . ASN A 50 ? 1.3414 1.4274 0.9837 -0.1174 -0.1618 0.1564  112 ASN A CA  
483 C C   . ASN A 50 ? 1.1606 1.2484 0.8446 -0.1104 -0.1657 0.1744  112 ASN A C   
484 O O   . ASN A 50 ? 1.3067 1.3918 0.9965 -0.1051 -0.1613 0.1939  112 ASN A O   
485 C CB  . ASN A 50 ? 1.9802 2.0768 1.5974 -0.1174 -0.1736 0.1612  112 ASN A CB  
488 N N   . ASN A 51 ? 1.1160 1.2079 0.8293 -0.1104 -0.1734 0.1666  113 ASN A N   
489 C CA  . ASN A 51 ? 0.9101 1.0102 0.6651 -0.1020 -0.1787 0.1807  113 ASN A CA  
490 C C   . ASN A 51 ? 0.9494 1.0612 0.7291 -0.1053 -0.1894 0.1704  113 ASN A C   
491 O O   . ASN A 51 ? 1.1723 1.2805 0.9381 -0.1147 -0.1921 0.1537  113 ASN A O   
492 C CB  . ASN A 51 ? 0.8910 0.9824 0.6689 -0.0946 -0.1653 0.1879  113 ASN A CB  
493 C CG  . ASN A 51 ? 1.0267 1.1147 0.8222 -0.0951 -0.1599 0.1734  113 ASN A CG  
494 O OD1 . ASN A 51 ? 1.3575 1.4378 1.1301 -0.1032 -0.1578 0.1556  113 ASN A OD1 
495 N ND2 . ASN A 51 ? 1.0172 1.1105 0.8535 -0.0849 -0.1581 0.1794  113 ASN A ND2 
502 N N   . THR A 52 ? 0.7545 0.8800 0.5715 -0.0974 -0.1953 0.1800  114 THR A N   
503 C CA  . THR A 52 ? 0.8833 1.0265 0.7233 -0.1014 -0.2063 0.1736  114 THR A CA  
504 C C   . THR A 52 ? 0.7232 0.8635 0.5811 -0.1065 -0.2002 0.1621  114 THR A C   
505 O O   . THR A 52 ? 0.9041 1.0537 0.7706 -0.1159 -0.2075 0.1540  114 THR A O   
506 C CB  . THR A 52 ? 0.9749 1.1370 0.8482 -0.0898 -0.2137 0.1848  114 THR A CB  
507 O OG1 . THR A 52 ? 0.7714 0.9280 0.6681 -0.0769 -0.2040 0.1930  114 THR A OG1 
508 C CG2 . THR A 52 ? 1.2062 1.3728 1.0596 -0.0861 -0.2255 0.1937  114 THR A CG2 
516 N N   . GLU A 53 ? 0.6542 0.7812 0.5168 -0.1007 -0.1871 0.1615  115 GLU A N   
517 C CA  . GLU A 53 ? 0.5037 0.6267 0.3820 -0.1030 -0.1818 0.1514  115 GLU A CA  
518 C C   . GLU A 53 ? 0.6440 0.7487 0.4901 -0.1166 -0.1833 0.1342  115 GLU A C   
519 O O   . GLU A 53 ? 0.5473 0.6482 0.4029 -0.1228 -0.1843 0.1256  115 GLU A O   
520 C CB  . GLU A 53 ? 0.5706 0.6850 0.4625 -0.0903 -0.1683 0.1540  115 GLU A CB  
521 C CG  . GLU A 53 ? 0.9468 1.0710 0.8659 -0.0754 -0.1661 0.1690  115 GLU A CG  
522 C CD  . GLU A 53 ? 1.0005 1.1112 0.9243 -0.0653 -0.1529 0.1716  115 GLU A CD  
523 O OE1 . GLU A 53 ? 0.6149 0.7064 0.5064 -0.0709 -0.1438 0.1636  115 GLU A OE1 
524 O OE2 . GLU A 53 ? 0.9527 1.0713 0.9141 -0.0505 -0.1494 0.1771  115 GLU A OE2 
531 N N   . GLY A 54 ? 0.6998 0.7921 0.5077 -0.1208 -0.1832 0.1283  116 GLY A N   
532 C CA  . GLY A 54 ? 0.6989 0.7704 0.4756 -0.1295 -0.1829 0.1077  116 GLY A CA  
533 C C   . GLY A 54 ? 0.5909 0.6419 0.3570 -0.1240 -0.1694 0.0969  116 GLY A C   
534 O O   . GLY A 54 ? 0.6703 0.7238 0.4545 -0.1137 -0.1595 0.1061  116 GLY A O   
538 N N   . ASP A 55 ? 0.6378 0.6674 0.3760 -0.1286 -0.1685 0.0745  117 ASP A N   
539 C CA  . ASP A 55 ? 0.5859 0.5933 0.3148 -0.1219 -0.1562 0.0576  117 ASP A CA  
540 C C   . ASP A 55 ? 0.6418 0.6464 0.4089 -0.1152 -0.1506 0.0606  117 ASP A C   
541 O O   . ASP A 55 ? 0.5855 0.6003 0.3716 -0.1230 -0.1621 0.0699  117 ASP A O   
542 C CB  . ASP A 55 ? 0.8421 0.8259 0.5434 -0.1253 -0.1586 0.0302  117 ASP A CB  
543 C CG  . ASP A 55 ? 0.9061 0.8961 0.5787 -0.1258 -0.1587 0.0220  117 ASP A CG  
544 O OD1 . ASP A 55 ? 0.7965 0.8052 0.4635 -0.1249 -0.1551 0.0378  117 ASP A OD1 
545 O OD2 . ASP A 55 ? 1.0789 1.0552 0.7359 -0.1258 -0.1626 0.0001  117 ASP A OD2 
550 N N   . TRP A 56 ? 0.4829 0.4753 0.2598 -0.1009 -0.1331 0.0505  118 TRP A N   
551 C CA  . TRP A 56 ? 0.4671 0.4567 0.2765 -0.0917 -0.1266 0.0510  118 TRP A CA  
552 C C   . TRP A 56 ? 0.5557 0.5136 0.3473 -0.0901 -0.1247 0.0273  118 TRP A C   
553 O O   . TRP A 56 ? 0.5639 0.5034 0.3273 -0.0863 -0.1196 0.0071  118 TRP A O   
554 C CB  . TRP A 56 ? 0.5199 0.5192 0.3578 -0.0740 -0.1097 0.0561  118 TRP A CB  
555 C CG  . TRP A 56 ? 0.4949 0.5217 0.3565 -0.0735 -0.1144 0.0809  118 TRP A CG  
556 C CD1 . TRP A 56 ? 0.5626 0.5996 0.4082 -0.0804 -0.1207 0.0938  118 TRP A CD1 
557 C CD2 . TRP A 56 ? 0.3556 0.4030 0.2602 -0.0639 -0.1145 0.0948  118 TRP A CD2 
558 N NE1 . TRP A 56 ? 0.4869 0.5462 0.3627 -0.0754 -0.1261 0.1154  118 TRP A NE1 
559 C CE2 . TRP A 56 ? 0.4164 0.4839 0.3302 -0.0648 -0.1224 0.1151  118 TRP A CE2 
560 C CE3 . TRP A 56 ? 0.4244 0.4768 0.3595 -0.0535 -0.1093 0.0915  118 TRP A CE3 
561 C CZ2 . TRP A 56 ? 0.3488 0.4404 0.3035 -0.0544 -0.1262 0.1300  118 TRP A CZ2 
562 C CZ3 . TRP A 56 ? 0.3878 0.4682 0.3636 -0.0440 -0.1118 0.1064  118 TRP A CZ3 
563 C CH2 . TRP A 56 ? 0.3694 0.4687 0.3556 -0.0438 -0.1206 0.1242  118 TRP A CH2 
574 N N   . TRP A 57 ? 0.4564 0.4088 0.2638 -0.0928 -0.1291 0.0303  119 TRP A N   
575 C CA  . TRP A 57 ? 0.5404 0.4587 0.3312 -0.0922 -0.1304 0.0119  119 TRP A CA  
576 C C   . TRP A 57 ? 0.5658 0.4835 0.3843 -0.0770 -0.1184 0.0135  119 TRP A C   
577 O O   . TRP A 57 ? 0.4409 0.3870 0.2936 -0.0743 -0.1157 0.0318  119 TRP A O   
578 C CB  . TRP A 57 ? 0.5004 0.4096 0.2806 -0.1135 -0.1488 0.0159  119 TRP A CB  
579 C CG  . TRP A 57 ? 0.5707 0.4826 0.3269 -0.1291 -0.1639 0.0142  119 TRP A CG  
580 C CD1 . TRP A 57 ? 0.6312 0.5426 0.3611 -0.1261 -0.1633 0.0030  119 TRP A CD1 
581 C CD2 . TRP A 57 ? 0.6012 0.5179 0.3573 -0.1501 -0.1813 0.0220  119 TRP A CD2 
582 N NE1 . TRP A 57 ? 0.6893 0.6077 0.4114 -0.1375 -0.1739 0.0034  119 TRP A NE1 
583 C CE2 . TRP A 57 ? 0.7171 0.6377 0.4554 -0.1523 -0.1852 0.0144  119 TRP A CE2 
584 C CE3 . TRP A 57 ? 0.6619 0.5847 0.4377 -0.1652 -0.1898 0.0349  119 TRP A CE3 
585 C CZ2 . TRP A 57 ? 0.7490 0.6764 0.4880 -0.1673 -0.1984 0.0173  119 TRP A CZ2 
586 C CZ3 . TRP A 57 ? 0.7030 0.6326 0.4803 -0.1820 -0.2015 0.0382  119 TRP A CZ3 
587 C CH2 . TRP A 57 ? 0.6997 0.6304 0.4588 -0.1822 -0.2063 0.0288  119 TRP A CH2 
598 N N   . LEU A 58 ? 0.5037 0.3898 0.3067 -0.0656 -0.1128 -0.0069 120 LEU A N   
599 C CA  . LEU A 58 ? 0.4652 0.3476 0.2891 -0.0511 -0.1036 -0.0066 120 LEU A CA  
600 C C   . LEU A 58 ? 0.5103 0.3823 0.3328 -0.0669 -0.1149 0.0044  120 LEU A C   
601 O O   . LEU A 58 ? 0.5628 0.4051 0.3559 -0.0816 -0.1280 -0.0030 120 LEU A O   
602 C CB  . LEU A 58 ? 0.5558 0.4085 0.3624 -0.0317 -0.0947 -0.0332 120 LEU A CB  
603 C CG  . LEU A 58 ? 0.5450 0.3952 0.3715 -0.0124 -0.0844 -0.0354 120 LEU A CG  
604 C CD1 . LEU A 58 ? 0.4141 0.3037 0.2832 0.0005  -0.0721 -0.0228 120 LEU A CD1 
605 C CD2 . LEU A 58 ? 0.6927 0.5120 0.4978 0.0074  -0.0783 -0.0655 120 LEU A CD2 
617 N N   . ALA A 59 ? 0.4548 0.3533 0.3097 -0.0653 -0.1107 0.0222  121 ALA A N   
618 C CA  . ALA A 59 ? 0.4122 0.3096 0.2683 -0.0854 -0.1209 0.0362  121 ALA A CA  
619 C C   . ALA A 59 ? 0.4703 0.3759 0.3472 -0.0741 -0.1111 0.0434  121 ALA A C   
620 O O   . ALA A 59 ? 0.4528 0.3809 0.3550 -0.0521 -0.0983 0.0428  121 ALA A O   
621 C CB  . ALA A 59 ? 0.5296 0.4666 0.4061 -0.1042 -0.1301 0.0560  121 ALA A CB  
627 N N   . HIS A 60 ? 0.5078 0.3979 0.3755 -0.0910 -0.1180 0.0519  122 HIS A N   
628 C CA  . HIS A 60 ? 0.4787 0.3762 0.3605 -0.0842 -0.1097 0.0614  122 HIS A CA  
629 C C   . HIS A 60 ? 0.4733 0.4053 0.3759 -0.1091 -0.1153 0.0847  122 HIS A C   
630 O O   . HIS A 60 ? 0.5423 0.4602 0.4301 -0.1366 -0.1286 0.0898  122 HIS A O   
631 C CB  . HIS A 60 ? 0.4945 0.3342 0.3395 -0.0808 -0.1119 0.0493  122 HIS A CB  
632 C CG  . HIS A 60 ? 0.5570 0.3983 0.4082 -0.0746 -0.1041 0.0599  122 HIS A CG  
633 N ND1 . HIS A 60 ? 0.5348 0.4057 0.4112 -0.0477 -0.0893 0.0593  122 HIS A ND1 
634 C CD2 . HIS A 60 ? 0.5667 0.3803 0.3991 -0.0917 -0.1097 0.0709  122 HIS A CD2 
635 C CE1 . HIS A 60 ? 0.4960 0.3616 0.3682 -0.0481 -0.0857 0.0700  122 HIS A CE1 
636 N NE2 . HIS A 60 ? 0.6652 0.4947 0.5097 -0.0753 -0.0974 0.0783  122 HIS A NE2 
644 N N   . SER A 61 ? 0.4132 0.3938 0.3522 -0.0995 -0.1057 0.0972  123 SER A N   
645 C CA  . SER A 61 ? 0.4120 0.4358 0.3754 -0.1216 -0.1096 0.1177  123 SER A CA  
646 C C   . SER A 61 ? 0.4928 0.4969 0.4418 -0.1353 -0.1077 0.1272  123 SER A C   
647 O O   . SER A 61 ? 0.4836 0.4813 0.4309 -0.1162 -0.0965 0.1258  123 SER A O   
648 C CB  . SER A 61 ? 0.4049 0.4930 0.4141 -0.1045 -0.1013 0.1254  123 SER A CB  
649 O OG  . SER A 61 ? 0.4208 0.5525 0.4522 -0.1267 -0.1053 0.1431  123 SER A OG  
655 N N   . LEU A 62 ? 0.4724 0.4665 0.4107 -0.1691 -0.1191 0.1375  124 LEU A N   
656 C CA  . LEU A 62 ? 0.5136 0.4911 0.4397 -0.1868 -0.1174 0.1508  124 LEU A CA  
657 C C   . LEU A 62 ? 0.4479 0.4931 0.4122 -0.1909 -0.1076 0.1693  124 LEU A C   
658 O O   . LEU A 62 ? 0.5057 0.5486 0.4639 -0.2006 -0.1013 0.1826  124 LEU A O   
659 C CB  . LEU A 62 ? 0.5716 0.5139 0.4752 -0.2236 -0.1336 0.1548  124 LEU A CB  
660 C CG  . LEU A 62 ? 0.6590 0.5318 0.5214 -0.2205 -0.1454 0.1347  124 LEU A CG  
661 C CD1 . LEU A 62 ? 0.7768 0.6187 0.6216 -0.2577 -0.1628 0.1389  124 LEU A CD1 
662 C CD2 . LEU A 62 ? 0.7913 0.6121 0.6237 -0.1959 -0.1387 0.1239  124 LEU A CD2 
674 N N   . THR A 63 ? 0.5277 0.6339 0.5303 -0.1833 -0.1067 0.1705  125 THR A N   
675 C CA  . THR A 63 ? 0.3872 0.5649 0.4296 -0.1833 -0.0986 0.1842  125 THR A CA  
676 C C   . THR A 63 ? 0.4040 0.6035 0.4622 -0.1462 -0.0839 0.1791  125 THR A C   
677 O O   . THR A 63 ? 0.4793 0.7151 0.5524 -0.1448 -0.0741 0.1898  125 THR A O   
678 C CB  . THR A 63 ? 0.5432 0.7770 0.6203 -0.1908 -0.1079 0.1861  125 THR A CB  
679 O OG1 . THR A 63 ? 0.5912 0.8004 0.6511 -0.2218 -0.1231 0.1867  125 THR A OG1 
680 C CG2 . THR A 63 ? 0.5663 0.8764 0.6836 -0.1972 -0.1027 0.1993  125 THR A CG2 
688 N N   . THR A 64 ? 0.3990 0.5786 0.4546 -0.1161 -0.0819 0.1622  126 THR A N   
689 C CA  . THR A 64 ? 0.3355 0.5404 0.4121 -0.0804 -0.0695 0.1550  126 THR A CA  
690 C C   . THR A 64 ? 0.3199 0.4698 0.3664 -0.0575 -0.0625 0.1405  126 THR A C   
691 O O   . THR A 64 ? 0.3412 0.5106 0.4039 -0.0275 -0.0520 0.1334  126 THR A O   
692 C CB  . THR A 64 ? 0.3632 0.6008 0.4721 -0.0590 -0.0717 0.1460  126 THR A CB  
693 O OG1 . THR A 64 ? 0.3518 0.5401 0.4360 -0.0569 -0.0773 0.1334  126 THR A OG1 
694 C CG2 . THR A 64 ? 0.3536 0.6471 0.4940 -0.0749 -0.0806 0.1569  126 THR A CG2 
702 N N   . GLY A 65 ? 0.3771 0.4622 0.3834 -0.0674 -0.0694 0.1321  127 GLY A N   
703 C CA  . GLY A 65 ? 0.3385 0.3697 0.3145 -0.0452 -0.0650 0.1148  127 GLY A CA  
704 C C   . GLY A 65 ? 0.3539 0.3846 0.3410 -0.0177 -0.0616 0.0949  127 GLY A C   
705 O O   . GLY A 65 ? 0.3961 0.3882 0.3626 0.0035  -0.0572 0.0768  127 GLY A O   
709 N N   . GLN A 66 ? 0.3648 0.4371 0.3841 -0.0173 -0.0636 0.0974  128 GLN A N   
710 C CA  . GLN A 66 ? 0.3322 0.4046 0.3635 0.0047  -0.0606 0.0818  128 GLN A CA  
711 C C   . GLN A 66 ? 0.3161 0.3434 0.3142 -0.0079 -0.0685 0.0718  128 GLN A C   
712 O O   . GLN A 66 ? 0.3527 0.3606 0.3281 -0.0349 -0.0791 0.0787  128 GLN A O   
713 C CB  . GLN A 66 ? 0.3196 0.4502 0.3952 0.0090  -0.0620 0.0908  128 GLN A CB  
714 C CG  . GLN A 66 ? 0.3139 0.4905 0.4240 0.0293  -0.0535 0.0940  128 GLN A CG  
715 C CD  . GLN A 66 ? 0.5280 0.7556 0.6778 0.0332  -0.0553 0.0985  128 GLN A CD  
716 O OE1 . GLN A 66 ? 0.5386 0.7585 0.6904 0.0311  -0.0591 0.0934  128 GLN A OE1 
717 N NE2 . GLN A 66 ? 0.3605 0.6141 0.5220 0.0353  -0.0475 0.0981  128 GLN A NE2 
726 N N   . THR A 67 ? 0.2920 0.3054 0.2887 0.0114  -0.0634 0.0544  129 THR A N   
727 C CA  . THR A 67 ? 0.3255 0.2989 0.2888 0.0027  -0.0690 0.0416  129 THR A CA  
728 C C   . THR A 67 ? 0.3265 0.3159 0.3066 0.0140  -0.0649 0.0350  129 THR A C   
729 O O   . THR A 67 ? 0.3489 0.3603 0.3585 0.0367  -0.0551 0.0306  129 THR A O   
730 C CB  . THR A 67 ? 0.4379 0.3620 0.3677 0.0151  -0.0659 0.0212  129 THR A CB  
731 O OG1 . THR A 67 ? 0.4825 0.3904 0.3984 0.0084  -0.0685 0.0295  129 THR A OG1 
732 C CG2 . THR A 67 ? 0.5310 0.4149 0.4231 0.0028  -0.0747 0.0079  129 THR A CG2 
740 N N   . GLY A 68 ? 0.3371 0.3147 0.2979 -0.0018 -0.0726 0.0344  130 GLY A N   
741 C CA  . GLY A 68 ? 0.3331 0.3202 0.3024 0.0061  -0.0682 0.0295  130 GLY A CA  
742 C C   . GLY A 68 ? 0.3341 0.3219 0.2858 -0.0162 -0.0798 0.0380  130 GLY A C   
743 O O   . GLY A 68 ? 0.3660 0.3447 0.2993 -0.0366 -0.0914 0.0439  130 GLY A O   
747 N N   . TYR A 69 ? 0.3412 0.3397 0.2989 -0.0121 -0.0767 0.0387  131 TYR A N   
748 C CA  . TYR A 69 ? 0.3643 0.3599 0.2982 -0.0310 -0.0871 0.0442  131 TYR A CA  
749 C C   . TYR A 69 ? 0.3637 0.3914 0.3157 -0.0444 -0.0997 0.0669  131 TYR A C   
750 O O   . TYR A 69 ? 0.3780 0.4365 0.3665 -0.0344 -0.0981 0.0790  131 TYR A O   
751 C CB  . TYR A 69 ? 0.3412 0.3352 0.2689 -0.0241 -0.0790 0.0380  131 TYR A CB  
752 C CG  . TYR A 69 ? 0.3519 0.3177 0.2585 -0.0132 -0.0679 0.0122  131 TYR A CG  
753 C CD1 . TYR A 69 ? 0.3926 0.3595 0.3215 0.0083  -0.0537 0.0007  131 TYR A CD1 
754 C CD2 . TYR A 69 ? 0.3985 0.3387 0.2635 -0.0232 -0.0731 -0.0032 131 TYR A CD2 
755 C CE1 . TYR A 69 ? 0.3991 0.3432 0.3098 0.0193  -0.0443 -0.0254 131 TYR A CE1 
756 C CE2 . TYR A 69 ? 0.4475 0.3647 0.2940 -0.0109 -0.0638 -0.0303 131 TYR A CE2 
757 C CZ  . TYR A 69 ? 0.3899 0.3103 0.2601 0.0099  -0.0496 -0.0403 131 TYR A CZ  
758 O OH  . TYR A 69 ? 0.5242 0.4256 0.3789 0.0237  -0.0409 -0.0690 131 TYR A OH  
768 N N   . ILE A 70 ? 0.3911 0.4128 0.3181 -0.0654 -0.1134 0.0703  132 ILE A N   
769 C CA  . ILE A 70 ? 0.3829 0.4360 0.3249 -0.0790 -0.1271 0.0891  132 ILE A CA  
770 C C   . ILE A 70 ? 0.4408 0.4927 0.3574 -0.0904 -0.1374 0.0920  132 ILE A C   
771 O O   . ILE A 70 ? 0.4707 0.4952 0.3517 -0.0951 -0.1371 0.0780  132 ILE A O   
772 C CB  . ILE A 70 ? 0.3883 0.4427 0.3300 -0.0967 -0.1366 0.0926  132 ILE A CB  
773 C CG1 . ILE A 70 ? 0.4290 0.4445 0.3286 -0.1121 -0.1440 0.0787  132 ILE A CG1 
774 C CG2 . ILE A 70 ? 0.3936 0.4507 0.3568 -0.0855 -0.1259 0.0917  132 ILE A CG2 
775 C CD1 . ILE A 70 ? 0.5125 0.5254 0.4091 -0.1352 -0.1565 0.0834  132 ILE A CD1 
787 N N   . PRO A 71 ? 0.4272 0.5102 0.3606 -0.0939 -0.1474 0.1090  133 PRO A N   
788 C CA  . PRO A 71 ? 0.3851 0.4695 0.2925 -0.1048 -0.1592 0.1133  133 PRO A CA  
789 C C   . PRO A 71 ? 0.4965 0.5788 0.3865 -0.1265 -0.1751 0.1101  133 PRO A C   
790 O O   . PRO A 71 ? 0.5082 0.6127 0.4229 -0.1339 -0.1812 0.1175  133 PRO A O   
791 C CB  . PRO A 71 ? 0.3912 0.5085 0.3270 -0.0966 -0.1645 0.1323  133 PRO A CB  
792 C CG  . PRO A 71 ? 0.4016 0.5420 0.3791 -0.0906 -0.1616 0.1357  133 PRO A CG  
793 C CD  . PRO A 71 ? 0.3493 0.4693 0.3265 -0.0842 -0.1487 0.1237  133 PRO A CD  
801 N N   . SER A 72 ? 0.4808 0.5378 0.3308 -0.1354 -0.1793 0.0966  134 SER A N   
802 C CA  . SER A 72 ? 0.5526 0.5970 0.3881 -0.1530 -0.1900 0.0871  134 SER A CA  
803 C C   . SER A 72 ? 0.5919 0.6649 0.4437 -0.1624 -0.2006 0.0975  134 SER A C   
804 O O   . SER A 72 ? 0.6199 0.6926 0.4762 -0.1779 -0.2090 0.0949  134 SER A O   
805 C CB  . SER A 72 ? 0.7343 0.7487 0.5284 -0.1545 -0.1902 0.0678  134 SER A CB  
806 O OG  . SER A 72 ? 0.7676 0.7955 0.5497 -0.1484 -0.1888 0.0725  134 SER A OG  
812 N N   . ASN A 73 ? 0.5498 0.6447 0.4081 -0.1539 -0.2011 0.1081  135 ASN A N   
813 C CA  . ASN A 73 ? 0.5025 0.6242 0.3750 -0.1602 -0.2122 0.1155  135 ASN A CA  
814 C C   . ASN A 73 ? 0.5681 0.7190 0.4823 -0.1604 -0.2119 0.1255  135 ASN A C   
815 O O   . ASN A 73 ? 0.5626 0.7387 0.4911 -0.1644 -0.2207 0.1299  135 ASN A O   
816 C CB  . ASN A 73 ? 0.6731 0.8066 0.5375 -0.1494 -0.2139 0.1238  135 ASN A CB  
817 C CG  . ASN A 73 ? 0.7625 0.8773 0.5850 -0.1524 -0.2167 0.1136  135 ASN A CG  
818 O OD1 . ASN A 73 ? 0.7432 0.8371 0.5444 -0.1617 -0.2186 0.0978  135 ASN A OD1 
819 N ND2 . ASN A 73 ? 0.9504 1.0721 0.7603 -0.1435 -0.2166 0.1220  135 ASN A ND2 
826 N N   . TYR A 74 ? 0.5130 0.6639 0.4472 -0.1554 -0.2024 0.1277  136 TYR A N   
827 C CA  . TYR A 74 ? 0.4438 0.6254 0.4163 -0.1558 -0.2007 0.1351  136 TYR A CA  
828 C C   . TYR A 74 ? 0.5708 0.7472 0.5435 -0.1765 -0.2041 0.1315  136 TYR A C   
829 O O   . TYR A 74 ? 0.5175 0.7218 0.5199 -0.1795 -0.2014 0.1377  136 TYR A O   
830 C CB  . TYR A 74 ? 0.4154 0.6059 0.4138 -0.1366 -0.1875 0.1398  136 TYR A CB  
831 C CG  . TYR A 74 ? 0.4436 0.6489 0.4590 -0.1152 -0.1836 0.1462  136 TYR A CG  
832 C CD1 . TYR A 74 ? 0.5229 0.7154 0.5160 -0.1106 -0.1875 0.1482  136 TYR A CD1 
833 C CD2 . TYR A 74 ? 0.4960 0.7245 0.5476 -0.0992 -0.1755 0.1490  136 TYR A CD2 
834 C CE1 . TYR A 74 ? 0.4635 0.6638 0.4711 -0.0925 -0.1845 0.1552  136 TYR A CE1 
835 C CE2 . TYR A 74 ? 0.5537 0.7887 0.6197 -0.0796 -0.1728 0.1522  136 TYR A CE2 
836 C CZ  . TYR A 74 ? 0.5355 0.7553 0.5801 -0.0770 -0.1780 0.1565  136 TYR A CZ  
837 O OH  . TYR A 74 ? 0.5244 0.7469 0.5826 -0.0589 -0.1765 0.1610  136 TYR A OH  
847 N N   . VAL A 75 ? 0.5156 0.6560 0.4556 -0.1901 -0.2091 0.1208  137 VAL A N   
848 C CA  . VAL A 75 ? 0.5304 0.6562 0.4675 -0.2104 -0.2127 0.1176  137 VAL A CA  
849 C C   . VAL A 75 ? 0.6183 0.7239 0.5304 -0.2272 -0.2251 0.1072  137 VAL A C   
850 O O   . VAL A 75 ? 0.6784 0.7765 0.5693 -0.2214 -0.2298 0.0999  137 VAL A O   
851 C CB  . VAL A 75 ? 0.5799 0.6704 0.5020 -0.2078 -0.2060 0.1115  137 VAL A CB  
852 C CG1 . VAL A 75 ? 0.5054 0.6169 0.4526 -0.1874 -0.1941 0.1195  137 VAL A CG1 
853 C CG2 . VAL A 75 ? 0.5853 0.6320 0.4658 -0.2036 -0.2079 0.0948  137 VAL A CG2 
863 N N   . ALA A 76 ? 0.6115 0.7091 0.5267 -0.2477 -0.2300 0.1066  138 ALA A N   
864 C CA  . ALA A 76 ? 0.6632 0.7385 0.5586 -0.2644 -0.2421 0.0956  138 ALA A CA  
865 C C   . ALA A 76 ? 0.7117 0.7473 0.5951 -0.2798 -0.2425 0.0917  138 ALA A C   
866 O O   . ALA A 76 ? 0.7061 0.7446 0.6036 -0.2825 -0.2346 0.1015  138 ALA A O   
867 C CB  . ALA A 76 ? 0.5905 0.7047 0.5091 -0.2764 -0.2506 0.1006  138 ALA A CB  
873 N N   . PRO A 77 ? 0.8290 0.8271 0.6867 -0.2887 -0.2520 0.0772  139 PRO A N   
874 C CA  . PRO A 77 ? 0.9939 0.9487 0.8389 -0.3024 -0.2538 0.0740  139 PRO A CA  
875 C C   . PRO A 77 ? 0.9761 0.9516 0.8472 -0.3251 -0.2545 0.0888  139 PRO A C   
876 O O   . PRO A 77 ? 0.8681 0.8848 0.7625 -0.3344 -0.2588 0.0943  139 PRO A O   
877 C CB  . PRO A 77 ? 0.9271 0.8466 0.7447 -0.3043 -0.2655 0.0542  139 PRO A CB  
878 C CG  . PRO A 77 ? 0.9946 0.9299 0.8014 -0.2847 -0.2647 0.0449  139 PRO A CG  
879 C CD  . PRO A 77 ? 1.0050 0.9948 0.8409 -0.2822 -0.2606 0.0617  139 PRO A CD  
887 N N   . SER A 78 ? 1.1767 1.1226 1.0423 -0.3331 -0.2498 0.0945  140 SER A N   
888 C CA  . SER A 78 ? 1.0985 1.0589 0.9844 -0.3553 -0.2479 0.1092  140 SER A CA  
889 C C   . SER A 78 ? 1.2223 1.1979 1.1191 -0.3750 -0.2591 0.1066  140 SER A C   
890 O O   . SER A 78 ? 1.2640 1.1994 1.1443 -0.3889 -0.2683 0.0993  140 SER A O   
891 C CB  . SER A 78 ? 1.4131 1.3180 1.2765 -0.3620 -0.2463 0.1103  140 SER A CB  
892 O OG  . SER A 78 ? 1.3009 1.1489 1.1292 -0.3548 -0.2558 0.0912  140 SER A OG  
# 
